data_6J8E
#
_entry.id   6J8E
#
_cell.length_a   1
_cell.length_b   1
_cell.length_c   1
_cell.angle_alpha   90
_cell.angle_beta   90
_cell.angle_gamma   90
#
_symmetry.space_group_name_H-M   'P 1'
#
loop_
_entity.id
_entity.type
_entity.pdbx_description
1 polymer 'Sodium channel subunit beta-2'
2 polymer 'Sodium channel protein type 2 subunit alpha'
3 polymer 'Mu-conotoxin KIIIA'
4 branched beta-D-mannopyranose-(1-4)-2-acetamido-2-deoxy-beta-D-glucopyranose-(1-4)-2-acetamido-2-deoxy-beta-D-glucopyranose
5 branched 2-acetamido-2-deoxy-beta-D-glucopyranose-(1-4)-2-acetamido-2-deoxy-beta-D-glucopyranose
6 non-polymer 2-acetamido-2-deoxy-beta-D-glucopyranose
7 non-polymer (3beta,14beta,17beta,25R)-3-[4-methoxy-3-(methoxymethyl)butoxy]spirost-5-en
8 non-polymer 'SODIUM ION'
#
loop_
_entity_poly.entity_id
_entity_poly.type
_entity_poly.pdbx_seq_one_letter_code
_entity_poly.pdbx_strand_id
1 'polypeptide(L)'
;GRSMEVTVPATLNVLNGSDARLPCTFNSCYTVNHKQFSLNWTYQECNNCSEEMFLQFRMKIINLKLERFQDRVEFSGNPS
KYDVSVMLRNVQPEDEGIYNCYIMNPPDRHRGHGKIHLQVLM
;
C
2 'polypeptide(L)'
;MASWSHPQFEKGGGARGGSGGGSWSHPQFEKGFDYKDDDDKGTMAQSVLVPPGPDSFRFFTRESLAAIEQRIAEEKAKRP
KQERKDEDDENGPKPNSDLEAGKSLPFIYGDIPPEMVSVPLEDLDPYYINKKTFIVLNKGKAISRFSATPALYILTPFNP
IRKLAIKILVHSLFNMLIMCTILTNCVFMTMSNPPDWTKNVEYTFTGIYTFESLIKILARGFCLEDFTFLRDPWNWLDFT
VITFAYVTEFVDLGNVSALRTFRVLRALKTISVIPGLKTIVGALIQSVKKLSDVMILTVFCLSVFALIGLQLFMGNLRNK
CLQWPPDNSSFEINITSFFNNSLDGNGTTFNRTVSIFNWDEYIEDKSHFYFLEGQNDALLCGNSSDAGQCPEGYICVKAG
RNPNYGYTSFDTFSWAFLSLFRLMTQDFWENLYQLTLRAAGKTYMIFFVLVIFLGSFYLINLILAVVAMAYEEQNQATLE
EAEQKEAEFQQMLEQLKKQQEEAQAAAAAASAESRDFSGAGGIGVFSESSSVASKLSSKSEKELKNRRKKKKQKEQSGEE
EKNDRVRKSESEDSIRRKGFRFSLEGSRLTYEKRFSSPHQSLLSIRGSLFSPRRNSRASLFSFRGRAKDIGSENDFADDE
HSTFEDNDSRRDSLFVPHRHGERRHSNVSQASRASRVLPILPMNGKMHSAVDCNGVVSLVGGPSTLTSAGQLLPEGTTTE
TEIRKRRSSSYHVSMDLLEDPTSRQRAMSIASILTNTMEELEESRQKCPPCWYKFANMCLIWDCCKPWLKVKHLVNLVVM
DPFVDLAITICIVLNTLFMAMEHYPMTEQFSSVLSVGNLVFTGIFTAEMFLKIIAMDPYYYFQEGWNIFDGFIVSLSLME
LGLANVEGLSVLRSFRLLRVFKLAKSWPTLNMLIKIIGNSVGALGNLTLVLAIIVFIFAVVGMQLFGKSYKECVCKISND
CELPRWHMHDFFHSFLIVFRVLCGEWIETMWDCMEVAGQTMCLTVFMMVMVIGNLVVLNLFLALLLSSFSSDNLAATDDD
NEMNNLQIAVGRMQKGIDFVKRKIREFIQKAFVRKQKALDEIKPLEDLNNKKDSCISNHTTIEIGKDLNYLKDGNGTTSG
IGSSVEKYVVDESDYMSFINNPSLTVTVPIAVGESDFENLNTEEFSSESDMEESKEKLNATSSSEGSTVDIGAPAEGEQP
EVEPEESLEPEACFTEDCVRKFKCCQISIEEGKGKLWWNLRKTCYKIVEHNWFETFIVFMILLSSGALAFEDIYIEQRKT
IKTMLEYADKVFTYIFILEMLLKWVAYGFQVYFTNAWCWLDFLIVDVSLVSLTANALGYSELGAIKSLRTLRALRPLRAL
SRFEGMRVVVNALLGAIPSIMNVLLVCLIFWLIFSIMGVNLFAGKFYHCINYTTGEMFDVSVVNNYSECKALIESNQTAR
WKNVKVNFDNVGLGYLSLLQVATFKGWMDIMYAAVDSRNVELQPKYEDNLYMYLYFVIFIIFGSFFTLNLFIGVIIDNFN
QQKKKFGGQDIFMTEEQKKYYNAMKKLGSKKPQKPIPRPANKFQGMVFDFVTKQVFDISIMILICLNMVTMMVETDDQSQ
EMTNILYWINLVFIVLFTGECVLKLISLRYYYFTIGWNIFDFVVVILSIVGMFLAELIEKYFVSPTLFRVIRLARIGRIL
RLIKGAKGIRTLLFALMMSLPALFNIGLLLFLVMFIYAIFGMSNFAYVKREVGIDDMFNFETFGNSMICLFQITTSAGWD
GLLAPILNSGPPDCDPDKDHPGSSVKGDCGNPSVGIFFFVSYIIISFLVVVNMYIAVILENFSVATEESAEPLSEDDFEM
FYEVWEKFDPDATQFIEFAKLSDFADALDPPLLIAKPNKVQLIAMDLPMVSGDRIHCLDILFAFTKRVLGESGEMDALRI
QMEERFMASNPSKVSYEPITTTLKRKQEEVSAIIIQRAYRRYLLKQKVKKVSSIYKKDKGKECDGTPIKEDTLIDKLNEN
STPEKTDMTPSTTSPPSYDSVTKPEKEKFEKDKSEKEDKGKDIRESKK
;
A
3 'polypeptide(L)' CCNCSSKWCRDHSRCC D
#
loop_
_chem_comp.id
_chem_comp.type
_chem_comp.name
_chem_comp.formula
9Z9 non-polymer (3beta,14beta,17beta,25R)-3-[4-methoxy-3-(methoxymethyl)butoxy]spirost-5-en 'C34 H56 O5'
BMA D-saccharide, beta linking beta-D-mannopyranose 'C6 H12 O6'
NA non-polymer 'SODIUM ION' 'Na 1'
NAG D-saccharide, beta linking 2-acetamido-2-deoxy-beta-D-glucopyranose 'C8 H15 N O6'
#
# COMPACT_ATOMS: atom_id res chain seq x y z
N GLY A 1 -29.85 -0.83 -2.18
CA GLY A 1 -30.45 0.12 -1.25
C GLY A 1 -31.10 1.28 -1.95
N ARG A 2 -31.73 1.01 -3.09
CA ARG A 2 -32.42 2.02 -3.88
C ARG A 2 -33.59 2.63 -3.09
N SER A 3 -34.28 1.78 -2.33
CA SER A 3 -35.31 2.21 -1.40
C SER A 3 -35.15 1.49 -0.07
N MET A 4 -35.70 2.05 0.99
CA MET A 4 -35.65 1.46 2.32
C MET A 4 -36.90 0.63 2.59
N GLU A 5 -36.73 -0.69 2.79
CA GLU A 5 -37.55 -1.87 2.95
C GLU A 5 -38.50 -1.65 4.12
N VAL A 6 -39.80 -1.76 3.85
CA VAL A 6 -40.85 -1.64 4.86
C VAL A 6 -41.66 -2.93 4.82
N THR A 7 -41.79 -3.57 5.97
CA THR A 7 -42.46 -4.86 6.07
C THR A 7 -43.82 -4.67 6.71
N VAL A 8 -44.86 -4.97 5.95
CA VAL A 8 -46.25 -4.96 6.42
C VAL A 8 -46.97 -6.12 5.78
N PRO A 9 -48.10 -6.54 6.38
CA PRO A 9 -48.97 -7.50 5.69
C PRO A 9 -49.77 -6.78 4.61
N ALA A 10 -49.73 -7.31 3.40
CA ALA A 10 -50.49 -6.68 2.32
C ALA A 10 -51.99 -6.70 2.61
N THR A 11 -52.48 -7.78 3.22
CA THR A 11 -53.88 -7.92 3.62
C THR A 11 -53.90 -8.29 5.09
N LEU A 12 -54.76 -7.65 5.85
CA LEU A 12 -54.92 -7.95 7.27
C LEU A 12 -56.41 -8.13 7.52
N ASN A 13 -56.80 -9.34 7.93
CA ASN A 13 -58.19 -9.70 8.15
C ASN A 13 -58.44 -9.79 9.64
N VAL A 14 -59.38 -9.00 10.14
CA VAL A 14 -59.63 -8.88 11.57
C VAL A 14 -61.13 -8.98 11.83
N LEU A 15 -61.50 -9.68 12.90
CA LEU A 15 -62.90 -9.81 13.27
C LEU A 15 -63.44 -8.49 13.82
N ASN A 16 -64.67 -8.18 13.44
CA ASN A 16 -65.35 -7.02 14.01
C ASN A 16 -65.37 -7.11 15.52
N GLY A 17 -64.94 -6.04 16.17
CA GLY A 17 -64.90 -5.97 17.62
C GLY A 17 -63.58 -6.33 18.25
N SER A 18 -62.69 -7.00 17.51
CA SER A 18 -61.38 -7.34 18.03
CA SER A 18 -61.39 -7.34 18.05
C SER A 18 -60.44 -6.16 17.86
N ASP A 19 -59.25 -6.29 18.44
CA ASP A 19 -58.20 -5.30 18.28
C ASP A 19 -57.35 -5.68 17.08
N ALA A 20 -57.02 -4.71 16.26
CA ALA A 20 -56.22 -4.94 15.06
C ALA A 20 -54.89 -4.21 15.22
N ARG A 21 -53.82 -4.97 15.37
CA ARG A 21 -52.48 -4.39 15.30
C ARG A 21 -52.07 -4.35 13.84
N LEU A 22 -51.75 -3.18 13.36
CA LEU A 22 -51.24 -2.99 12.01
C LEU A 22 -49.73 -3.02 12.09
N PRO A 23 -49.08 -4.15 11.79
CA PRO A 23 -47.63 -4.22 11.97
C PRO A 23 -46.88 -3.50 10.88
N CYS A 24 -45.78 -2.85 11.24
CA CYS A 24 -45.01 -2.06 10.29
C CYS A 24 -43.56 -1.78 10.75
N THR A 25 -42.61 -2.61 10.30
CA THR A 25 -41.21 -2.41 10.64
C THR A 25 -40.45 -1.97 9.40
N PHE A 26 -39.29 -1.38 9.60
CA PHE A 26 -38.45 -0.96 8.50
C PHE A 26 -37.02 -1.24 8.89
N ASN A 27 -36.17 -1.53 7.91
CA ASN A 27 -34.77 -1.50 8.18
C ASN A 27 -34.19 -0.35 7.40
N SER A 28 -33.67 0.61 8.14
CA SER A 28 -32.90 1.70 7.61
C SER A 28 -31.62 1.60 8.40
N CYS A 29 -30.49 1.68 7.70
CA CYS A 29 -29.16 1.42 8.27
C CYS A 29 -28.65 2.40 9.32
N TYR A 30 -29.15 3.64 9.28
CA TYR A 30 -28.86 4.66 10.29
C TYR A 30 -29.78 4.61 11.52
N THR A 31 -29.24 5.04 12.66
CA THR A 31 -29.97 5.01 13.94
C THR A 31 -31.13 5.98 13.93
N VAL A 32 -32.20 5.67 14.68
CA VAL A 32 -33.38 6.50 14.60
C VAL A 32 -33.21 7.66 15.56
N ASN A 33 -33.05 8.86 14.99
CA ASN A 33 -32.91 10.09 15.76
C ASN A 33 -34.30 10.68 15.95
N HIS A 34 -34.80 10.66 17.18
CA HIS A 34 -36.15 11.14 17.43
C HIS A 34 -36.33 12.61 17.06
N LYS A 35 -35.24 13.38 16.98
CA LYS A 35 -35.36 14.79 16.61
C LYS A 35 -35.52 15.01 15.11
N GLN A 36 -35.29 13.97 14.31
CA GLN A 36 -35.39 14.07 12.85
C GLN A 36 -36.29 13.02 12.23
N PHE A 37 -36.53 11.90 12.90
CA PHE A 37 -37.35 10.83 12.35
C PHE A 37 -38.75 11.33 12.05
N SER A 38 -39.32 10.84 10.95
CA SER A 38 -40.66 11.24 10.52
C SER A 38 -41.48 10.01 10.20
N LEU A 39 -42.71 9.98 10.71
CA LEU A 39 -43.67 8.92 10.43
C LEU A 39 -45.03 9.55 10.20
N ASN A 40 -45.70 9.14 9.14
CA ASN A 40 -47.09 9.53 8.89
C ASN A 40 -47.89 8.27 8.62
N TRP A 41 -49.00 8.10 9.31
CA TRP A 41 -49.99 7.07 9.01
C TRP A 41 -51.23 7.72 8.43
N THR A 42 -51.73 7.17 7.32
CA THR A 42 -52.93 7.67 6.68
C THR A 42 -53.89 6.53 6.38
N TYR A 43 -55.12 6.93 6.12
CA TYR A 43 -56.16 6.04 5.63
C TYR A 43 -56.69 6.57 4.32
N GLN A 44 -56.92 5.66 3.36
CA GLN A 44 -57.73 5.98 2.19
C GLN A 44 -58.71 4.84 1.94
N GLU A 45 -59.94 5.21 1.55
CA GLU A 45 -60.98 4.22 1.32
C GLU A 45 -60.66 3.32 0.13
N CYS A 46 -59.91 3.84 -0.84
CA CYS A 46 -59.60 3.13 -2.07
C CYS A 46 -58.31 3.69 -2.65
N ASN A 47 -57.73 2.95 -3.59
CA ASN A 47 -56.43 3.36 -4.14
C ASN A 47 -56.50 4.72 -4.81
N ASN A 48 -57.66 5.12 -5.29
CA ASN A 48 -57.83 6.39 -5.99
C ASN A 48 -58.69 7.36 -5.18
N CYS A 49 -58.72 7.20 -3.86
CA CYS A 49 -59.51 8.00 -2.93
C CYS A 49 -58.60 8.87 -2.08
N SER A 50 -59.21 9.76 -1.29
CA SER A 50 -58.42 10.69 -0.49
C SER A 50 -57.80 10.08 0.76
N GLU A 51 -56.56 10.45 1.04
CA GLU A 51 -55.87 9.97 2.23
C GLU A 51 -56.13 10.92 3.40
N GLU A 52 -56.41 10.34 4.58
CA GLU A 52 -56.62 11.08 5.81
C GLU A 52 -55.52 10.70 6.79
N MET A 53 -54.65 11.65 7.13
CA MET A 53 -53.61 11.39 8.11
C MET A 53 -54.25 11.24 9.48
N PHE A 54 -53.89 10.19 10.21
CA PHE A 54 -54.47 9.98 11.53
C PHE A 54 -53.46 9.90 12.66
N LEU A 55 -52.17 9.70 12.36
CA LEU A 55 -51.15 9.69 13.38
C LEU A 55 -49.84 10.10 12.73
N GLN A 56 -49.01 10.80 13.50
CA GLN A 56 -47.75 11.31 13.01
C GLN A 56 -46.73 11.24 14.12
N PHE A 57 -45.47 10.96 13.76
CA PHE A 57 -44.36 11.13 14.69
C PHE A 57 -43.55 12.33 14.21
N ARG A 58 -43.51 13.38 15.04
CA ARG A 58 -42.68 14.56 14.84
C ARG A 58 -42.19 14.94 16.23
N MET A 59 -40.97 14.50 16.58
CA MET A 59 -40.40 14.66 17.93
C MET A 59 -41.05 13.69 18.92
N LYS A 60 -42.35 13.45 18.77
CA LYS A 60 -43.12 12.56 19.62
C LYS A 60 -44.33 12.15 18.80
N ILE A 61 -45.12 11.23 19.36
CA ILE A 61 -46.35 10.80 18.68
C ILE A 61 -47.39 11.90 18.76
N ILE A 62 -48.02 12.19 17.63
CA ILE A 62 -49.16 13.09 17.54
C ILE A 62 -50.33 12.26 17.01
N ASN A 63 -51.34 12.06 17.83
CA ASN A 63 -52.55 11.37 17.42
C ASN A 63 -53.57 12.44 17.03
N LEU A 64 -53.97 12.43 15.76
CA LEU A 64 -54.85 13.48 15.25
C LEU A 64 -56.30 13.32 15.71
N LYS A 65 -56.64 12.20 16.30
CA LYS A 65 -57.98 11.98 16.86
C LYS A 65 -59.06 12.23 15.82
N LEU A 66 -58.95 11.57 14.67
CA LEU A 66 -59.92 11.74 13.60
C LEU A 66 -61.30 11.31 14.12
N GLU A 67 -62.33 12.06 13.72
CA GLU A 67 -63.67 11.87 14.27
C GLU A 67 -64.25 10.49 13.97
N ARG A 68 -64.19 10.10 12.71
CA ARG A 68 -64.73 8.80 12.28
C ARG A 68 -63.95 7.64 12.87
N PHE A 69 -62.62 7.75 12.91
CA PHE A 69 -61.83 6.70 13.54
C PHE A 69 -62.09 6.63 15.05
N GLN A 70 -61.72 7.68 15.78
CA GLN A 70 -61.94 7.74 17.22
C GLN A 70 -60.64 7.71 18.03
N ASP A 71 -61.19 7.68 19.15
CA ASP A 71 -60.05 7.72 20.07
C ASP A 71 -59.43 6.34 20.26
N ARG A 72 -59.99 5.35 19.58
CA ARG A 72 -59.55 3.96 19.70
C ARG A 72 -58.11 3.78 19.25
N VAL A 73 -57.71 4.49 18.21
CA VAL A 73 -56.38 4.32 17.63
C VAL A 73 -55.27 4.67 18.61
N GLU A 74 -54.20 3.87 18.57
CA GLU A 74 -53.07 3.99 19.47
C GLU A 74 -51.79 3.69 18.69
N PHE A 75 -50.72 4.36 19.04
CA PHE A 75 -49.41 3.91 18.58
C PHE A 75 -49.07 2.62 19.30
N SER A 76 -48.41 1.72 18.58
CA SER A 76 -48.10 0.39 19.09
CA SER A 76 -48.06 0.42 19.14
C SER A 76 -46.69 -0.02 18.70
N GLY A 77 -45.81 0.96 18.45
CA GLY A 77 -44.46 0.66 18.02
C GLY A 77 -43.39 1.16 18.94
N ASN A 78 -42.20 1.31 18.40
CA ASN A 78 -41.01 1.71 19.11
C ASN A 78 -40.03 2.16 18.05
N PRO A 79 -39.98 3.46 17.72
CA PRO A 79 -39.17 3.88 16.57
C PRO A 79 -37.71 3.50 16.66
N SER A 80 -37.11 3.58 17.85
CA SER A 80 -35.71 3.24 17.99
CA SER A 80 -35.70 3.23 18.01
C SER A 80 -35.43 1.77 17.66
N LYS A 81 -36.45 0.91 17.79
CA LYS A 81 -36.36 -0.48 17.41
C LYS A 81 -36.95 -0.73 16.02
N TYR A 82 -37.12 0.34 15.23
CA TYR A 82 -37.52 0.23 13.83
C TYR A 82 -38.93 -0.32 13.67
N ASP A 83 -39.78 -0.08 14.66
CA ASP A 83 -41.16 -0.56 14.66
C ASP A 83 -42.07 0.66 14.75
N VAL A 84 -42.95 0.81 13.76
CA VAL A 84 -43.86 1.96 13.72
C VAL A 84 -45.31 1.49 13.67
N SER A 85 -45.59 0.33 14.25
CA SER A 85 -46.92 -0.26 14.20
CA SER A 85 -46.92 -0.25 14.19
C SER A 85 -47.94 0.61 14.93
N VAL A 86 -49.20 0.46 14.52
CA VAL A 86 -50.31 1.11 15.19
C VAL A 86 -51.33 0.05 15.59
N MET A 87 -52.21 0.42 16.51
CA MET A 87 -53.25 -0.44 17.04
C MET A 87 -54.58 0.25 16.81
N LEU A 88 -55.55 -0.48 16.30
CA LEU A 88 -56.91 0.00 16.16
C LEU A 88 -57.77 -0.86 17.08
N ARG A 89 -58.19 -0.30 18.20
CA ARG A 89 -58.97 -1.06 19.16
C ARG A 89 -60.40 -1.26 18.66
N ASN A 90 -60.99 -2.39 19.05
CA ASN A 90 -62.41 -2.64 18.88
C ASN A 90 -62.86 -2.27 17.46
N VAL A 91 -62.26 -2.96 16.49
CA VAL A 91 -62.43 -2.59 15.10
C VAL A 91 -63.88 -2.67 14.68
N GLN A 92 -64.29 -1.71 13.87
CA GLN A 92 -65.64 -1.56 13.36
C GLN A 92 -65.66 -1.79 11.85
N PRO A 93 -66.82 -2.12 11.27
CA PRO A 93 -66.85 -2.38 9.82
C PRO A 93 -66.37 -1.21 8.99
N GLU A 94 -66.62 0.03 9.43
CA GLU A 94 -66.20 1.20 8.66
C GLU A 94 -64.69 1.37 8.63
N ASP A 95 -63.95 0.64 9.48
CA ASP A 95 -62.49 0.72 9.46
C ASP A 95 -61.89 0.02 8.25
N GLU A 96 -62.65 -0.81 7.55
CA GLU A 96 -62.15 -1.43 6.34
C GLU A 96 -61.60 -0.37 5.39
N GLY A 97 -60.43 -0.66 4.81
CA GLY A 97 -59.84 0.25 3.85
C GLY A 97 -58.33 0.06 3.79
N ILE A 98 -57.65 1.11 3.33
CA ILE A 98 -56.21 1.07 3.08
C ILE A 98 -55.52 1.94 4.11
N TYR A 99 -54.51 1.39 4.76
CA TYR A 99 -53.70 2.08 5.75
C TYR A 99 -52.28 2.20 5.22
N ASN A 100 -51.76 3.43 5.16
CA ASN A 100 -50.44 3.72 4.63
C ASN A 100 -49.54 4.22 5.74
N CYS A 101 -48.32 3.66 5.80
CA CYS A 101 -47.23 4.11 6.70
C CYS A 101 -46.15 4.74 5.82
N TYR A 102 -45.79 6.00 6.08
CA TYR A 102 -44.71 6.68 5.38
C TYR A 102 -43.61 7.02 6.38
N ILE A 103 -42.38 6.67 6.05
CA ILE A 103 -41.27 6.69 7.00
C ILE A 103 -40.08 7.43 6.38
N MET A 104 -39.53 8.38 7.12
CA MET A 104 -38.27 9.00 6.77
C MET A 104 -37.36 8.94 7.97
N ASN A 105 -36.12 8.49 7.73
CA ASN A 105 -35.12 8.31 8.78
C ASN A 105 -33.86 9.03 8.34
N PRO A 106 -33.84 10.38 8.42
CA PRO A 106 -32.65 11.14 8.00
C PRO A 106 -31.41 10.67 8.76
N PRO A 107 -30.24 10.64 8.10
CA PRO A 107 -29.96 11.12 6.75
C PRO A 107 -30.17 10.06 5.67
N ASP A 108 -30.82 8.95 5.99
CA ASP A 108 -31.18 7.98 4.97
C ASP A 108 -32.00 8.69 3.90
N ARG A 109 -31.59 8.49 2.64
CA ARG A 109 -32.17 9.29 1.56
C ARG A 109 -33.59 8.85 1.22
N HIS A 110 -33.81 7.55 1.16
CA HIS A 110 -35.06 6.99 0.69
C HIS A 110 -36.20 7.03 1.72
N ARG A 111 -37.39 7.42 1.25
CA ARG A 111 -38.59 7.38 2.06
C ARG A 111 -39.23 6.00 1.91
N GLY A 112 -39.72 5.46 3.02
CA GLY A 112 -40.38 4.16 3.02
C GLY A 112 -41.89 4.32 2.97
N HIS A 113 -42.55 3.30 2.41
CA HIS A 113 -44.00 3.29 2.31
C HIS A 113 -44.50 1.87 2.46
N GLY A 114 -45.32 1.63 3.48
CA GLY A 114 -46.02 0.35 3.65
C GLY A 114 -47.51 0.59 3.44
N LYS A 115 -48.17 -0.39 2.83
CA LYS A 115 -49.60 -0.28 2.55
C LYS A 115 -50.29 -1.56 3.01
N ILE A 116 -51.29 -1.42 3.88
CA ILE A 116 -52.05 -2.56 4.41
C ILE A 116 -53.50 -2.41 3.99
N HIS A 117 -54.07 -3.49 3.46
CA HIS A 117 -55.50 -3.55 3.19
C HIS A 117 -56.16 -4.25 4.36
N LEU A 118 -56.89 -3.49 5.17
CA LEU A 118 -57.56 -4.03 6.34
C LEU A 118 -58.97 -4.44 5.94
N GLN A 119 -59.32 -5.70 6.20
CA GLN A 119 -60.66 -6.21 5.93
C GLN A 119 -61.29 -6.64 7.25
N VAL A 120 -62.57 -6.31 7.42
CA VAL A 120 -63.27 -6.55 8.68
C VAL A 120 -64.24 -7.70 8.46
N LEU A 121 -64.04 -8.77 9.21
CA LEU A 121 -64.85 -9.97 9.12
C LEU A 121 -66.01 -9.92 10.10
N MET A 122 -67.05 -10.69 9.80
CA MET A 122 -68.25 -10.75 10.64
C MET A 122 -67.91 -11.25 12.04
N PRO B 160 -26.96 -51.00 -23.91
CA PRO B 160 -27.53 -49.80 -23.27
C PRO B 160 -27.04 -49.66 -21.83
N ILE B 161 -27.97 -49.31 -20.94
CA ILE B 161 -27.70 -49.13 -19.51
C ILE B 161 -26.39 -48.39 -19.21
N ARG B 162 -25.48 -49.05 -18.50
CA ARG B 162 -24.20 -48.46 -18.14
C ARG B 162 -23.39 -48.11 -19.39
N LYS B 163 -23.41 -49.01 -20.38
CA LYS B 163 -22.69 -48.79 -21.62
C LYS B 163 -23.22 -47.56 -22.33
N LEU B 164 -24.55 -47.44 -22.35
CA LEU B 164 -25.23 -46.33 -23.01
C LEU B 164 -24.91 -44.98 -22.40
N ALA B 165 -25.14 -44.84 -21.10
CA ALA B 165 -24.90 -43.58 -20.40
C ALA B 165 -23.48 -43.48 -19.84
N ILE B 166 -22.49 -43.61 -20.72
CA ILE B 166 -21.09 -43.53 -20.32
C ILE B 166 -20.27 -42.82 -21.37
N LYS B 167 -20.56 -43.11 -22.64
CA LYS B 167 -19.85 -42.50 -23.75
C LYS B 167 -19.85 -40.98 -23.67
N ILE B 168 -21.03 -40.40 -23.47
CA ILE B 168 -21.14 -38.95 -23.38
C ILE B 168 -20.08 -38.36 -22.45
N LEU B 169 -19.73 -39.08 -21.38
CA LEU B 169 -18.86 -38.57 -20.32
C LEU B 169 -17.42 -38.32 -20.79
N VAL B 170 -17.01 -38.99 -21.86
CA VAL B 170 -15.60 -39.08 -22.19
C VAL B 170 -15.24 -38.06 -23.28
N HIS B 171 -16.21 -37.70 -24.13
CA HIS B 171 -15.93 -36.79 -25.25
C HIS B 171 -15.54 -35.40 -24.77
N SER B 172 -14.59 -34.79 -25.47
CA SER B 172 -14.21 -33.42 -25.19
C SER B 172 -15.31 -32.44 -25.57
N LEU B 173 -16.22 -32.85 -26.45
CA LEU B 173 -17.38 -32.02 -26.80
C LEU B 173 -18.31 -31.85 -25.61
N PHE B 174 -18.34 -32.82 -24.70
CA PHE B 174 -19.13 -32.68 -23.49
C PHE B 174 -18.42 -31.79 -22.48
N ASN B 175 -17.10 -31.72 -22.54
CA ASN B 175 -16.39 -30.86 -21.60
C ASN B 175 -16.33 -29.43 -22.11
N MET B 176 -16.78 -29.17 -23.34
CA MET B 176 -16.70 -27.82 -23.86
C MET B 176 -17.97 -27.03 -23.61
N LEU B 177 -19.14 -27.67 -23.69
CA LEU B 177 -20.37 -26.90 -23.50
C LEU B 177 -20.58 -26.57 -22.03
N ILE B 178 -20.01 -27.37 -21.12
CA ILE B 178 -20.00 -26.99 -19.71
C ILE B 178 -19.01 -25.85 -19.47
N MET B 179 -17.89 -25.87 -20.19
CA MET B 179 -16.84 -24.87 -19.97
C MET B 179 -17.26 -23.50 -20.50
N CYS B 180 -18.14 -23.47 -21.50
CA CYS B 180 -18.63 -22.19 -21.98
C CYS B 180 -19.95 -21.81 -21.29
N THR B 181 -20.60 -22.77 -20.64
CA THR B 181 -21.77 -22.44 -19.82
C THR B 181 -21.36 -21.68 -18.58
N ILE B 182 -20.24 -22.07 -17.96
CA ILE B 182 -19.75 -21.37 -16.79
C ILE B 182 -19.29 -19.97 -17.17
N LEU B 183 -18.57 -19.85 -18.29
CA LEU B 183 -18.11 -18.55 -18.74
C LEU B 183 -19.26 -17.66 -19.17
N THR B 184 -20.34 -18.25 -19.67
CA THR B 184 -21.54 -17.47 -19.96
C THR B 184 -22.18 -16.98 -18.67
N ASN B 185 -22.13 -17.79 -17.62
CA ASN B 185 -22.80 -17.39 -16.38
C ASN B 185 -21.91 -16.43 -15.58
N CYS B 186 -20.58 -16.54 -15.73
CA CYS B 186 -19.68 -15.58 -15.10
C CYS B 186 -19.87 -14.17 -15.65
N VAL B 187 -20.33 -14.06 -16.90
CA VAL B 187 -20.72 -12.76 -17.44
C VAL B 187 -22.00 -12.26 -16.77
N PHE B 188 -22.88 -13.18 -16.37
CA PHE B 188 -24.16 -12.74 -15.80
C PHE B 188 -24.04 -12.44 -14.31
N MET B 189 -22.97 -12.90 -13.66
CA MET B 189 -22.70 -12.48 -12.29
C MET B 189 -22.28 -11.01 -12.21
N THR B 190 -21.78 -10.48 -13.33
CA THR B 190 -21.34 -9.09 -13.40
C THR B 190 -22.48 -8.11 -13.23
N MET B 191 -23.67 -8.44 -13.73
CA MET B 191 -24.79 -7.50 -13.72
C MET B 191 -25.32 -7.31 -12.30
N SER B 192 -25.50 -6.04 -11.91
CA SER B 192 -25.81 -5.72 -10.53
C SER B 192 -27.25 -6.09 -10.20
N ASN B 193 -28.20 -5.43 -10.85
CA ASN B 193 -29.58 -5.87 -10.79
C ASN B 193 -29.90 -6.79 -11.95
N PRO B 194 -30.29 -8.03 -11.70
CA PRO B 194 -30.73 -8.91 -12.77
C PRO B 194 -32.06 -8.44 -13.33
N PRO B 195 -32.17 -8.30 -14.65
CA PRO B 195 -33.47 -7.97 -15.26
C PRO B 195 -34.51 -9.07 -15.14
N ASP B 196 -35.73 -8.79 -15.57
CA ASP B 196 -36.79 -9.80 -15.52
C ASP B 196 -36.57 -10.90 -16.55
N TRP B 197 -36.02 -10.53 -17.72
CA TRP B 197 -35.89 -11.48 -18.81
C TRP B 197 -34.72 -12.43 -18.62
N THR B 198 -33.80 -12.14 -17.70
CA THR B 198 -32.64 -13.02 -17.51
C THR B 198 -32.99 -14.23 -16.66
N LYS B 199 -34.22 -14.31 -16.14
CA LYS B 199 -34.54 -15.34 -15.16
C LYS B 199 -34.68 -16.71 -15.83
N ASN B 200 -35.18 -16.74 -17.07
CA ASN B 200 -35.31 -18.01 -17.77
C ASN B 200 -33.96 -18.51 -18.29
N VAL B 201 -32.97 -17.61 -18.36
CA VAL B 201 -31.62 -18.03 -18.72
C VAL B 201 -30.91 -18.58 -17.49
N GLU B 202 -31.27 -18.08 -16.31
CA GLU B 202 -30.76 -18.65 -15.06
C GLU B 202 -31.36 -20.03 -14.80
N TYR B 203 -32.50 -20.34 -15.42
CA TYR B 203 -33.05 -21.69 -15.32
C TYR B 203 -32.36 -22.66 -16.26
N THR B 204 -31.87 -22.16 -17.40
CA THR B 204 -31.13 -23.00 -18.33
C THR B 204 -29.81 -23.47 -17.71
N PHE B 205 -29.14 -22.59 -16.97
CA PHE B 205 -27.88 -22.93 -16.33
C PHE B 205 -28.08 -23.96 -15.23
N THR B 206 -29.22 -23.91 -14.56
CA THR B 206 -29.54 -24.93 -13.56
C THR B 206 -29.91 -26.25 -14.24
N GLY B 207 -30.40 -26.17 -15.49
CA GLY B 207 -30.74 -27.38 -16.21
C GLY B 207 -29.53 -28.10 -16.77
N ILE B 208 -28.54 -27.34 -17.24
CA ILE B 208 -27.33 -27.93 -17.81
C ILE B 208 -26.47 -28.56 -16.71
N TYR B 209 -26.41 -27.92 -15.56
CA TYR B 209 -25.61 -28.45 -14.46
C TYR B 209 -26.27 -29.66 -13.82
N THR B 210 -27.59 -29.76 -13.95
CA THR B 210 -28.28 -30.97 -13.52
C THR B 210 -28.01 -32.12 -14.49
N PHE B 211 -28.02 -31.81 -15.78
CA PHE B 211 -27.78 -32.82 -16.81
C PHE B 211 -26.35 -33.34 -16.77
N GLU B 212 -25.40 -32.45 -16.48
CA GLU B 212 -24.00 -32.84 -16.36
C GLU B 212 -23.78 -33.73 -15.14
N SER B 213 -24.55 -33.53 -14.08
CA SER B 213 -24.48 -34.44 -12.94
C SER B 213 -25.45 -35.59 -13.10
N LEU B 214 -26.29 -35.57 -14.14
CA LEU B 214 -27.13 -36.72 -14.43
C LEU B 214 -26.35 -37.76 -15.22
N ILE B 215 -25.44 -37.31 -16.09
CA ILE B 215 -24.61 -38.25 -16.83
C ILE B 215 -23.54 -38.84 -15.93
N LYS B 216 -23.23 -38.17 -14.83
CA LYS B 216 -22.14 -38.61 -13.97
C LYS B 216 -22.64 -39.48 -12.83
N ILE B 217 -23.93 -39.40 -12.48
CA ILE B 217 -24.49 -40.39 -11.56
C ILE B 217 -24.84 -41.67 -12.30
N LEU B 218 -25.00 -41.57 -13.62
CA LEU B 218 -25.48 -42.69 -14.40
C LEU B 218 -24.32 -43.37 -15.12
N ALA B 219 -23.10 -42.92 -14.85
CA ALA B 219 -21.94 -43.53 -15.47
C ALA B 219 -21.18 -44.43 -14.50
N ARG B 220 -21.23 -44.11 -13.20
CA ARG B 220 -20.27 -44.69 -12.27
C ARG B 220 -20.69 -46.08 -11.81
N GLY B 221 -21.79 -46.18 -11.08
CA GLY B 221 -22.22 -47.47 -10.56
C GLY B 221 -23.72 -47.54 -10.40
N PHE B 222 -24.31 -48.64 -10.81
CA PHE B 222 -25.77 -48.78 -10.74
C PHE B 222 -26.27 -49.99 -9.97
N CYS B 223 -27.59 -50.14 -9.93
CA CYS B 223 -28.27 -51.24 -9.24
C CYS B 223 -27.84 -51.36 -7.78
N LEU B 224 -28.28 -50.41 -6.97
CA LEU B 224 -27.98 -50.38 -5.54
C LEU B 224 -26.50 -50.56 -5.26
N GLU B 225 -25.67 -49.69 -5.83
CA GLU B 225 -24.22 -49.76 -5.64
C GLU B 225 -23.69 -48.43 -5.12
N ASP B 226 -23.75 -48.26 -3.81
CA ASP B 226 -23.24 -47.07 -3.14
C ASP B 226 -23.52 -45.76 -3.86
N PHE B 227 -22.46 -45.09 -4.31
CA PHE B 227 -22.62 -43.81 -4.98
C PHE B 227 -21.91 -43.85 -6.32
N THR B 228 -21.14 -42.81 -6.66
CA THR B 228 -20.40 -42.76 -7.91
C THR B 228 -19.16 -41.90 -7.75
N PHE B 229 -19.34 -40.58 -7.83
CA PHE B 229 -18.24 -39.63 -7.69
C PHE B 229 -18.28 -38.95 -6.34
N LEU B 230 -18.35 -39.76 -5.27
CA LEU B 230 -18.40 -39.23 -3.91
C LEU B 230 -17.03 -39.30 -3.25
N ARG B 231 -15.98 -39.34 -4.07
CA ARG B 231 -14.61 -39.41 -3.57
C ARG B 231 -13.80 -38.20 -4.03
N ASP B 232 -14.22 -37.60 -5.14
CA ASP B 232 -13.51 -36.45 -5.67
C ASP B 232 -13.92 -35.20 -4.89
N PRO B 233 -12.97 -34.32 -4.54
CA PRO B 233 -13.36 -33.10 -3.82
C PRO B 233 -14.12 -32.11 -4.67
N TRP B 234 -14.14 -32.28 -6.00
CA TRP B 234 -14.75 -31.28 -6.86
C TRP B 234 -16.20 -31.61 -7.16
N ASN B 235 -16.59 -32.88 -6.97
CA ASN B 235 -18.00 -33.22 -7.11
C ASN B 235 -18.79 -32.86 -5.88
N TRP B 236 -18.09 -32.60 -4.76
CA TRP B 236 -18.77 -32.01 -3.61
C TRP B 236 -19.21 -30.59 -3.94
N LEU B 237 -18.38 -29.85 -4.67
CA LEU B 237 -18.76 -28.52 -5.13
C LEU B 237 -19.89 -28.58 -6.14
N ASP B 238 -19.94 -29.66 -6.94
CA ASP B 238 -21.06 -29.83 -7.85
C ASP B 238 -22.32 -30.21 -7.11
N PHE B 239 -22.19 -31.00 -6.04
CA PHE B 239 -23.36 -31.36 -5.25
C PHE B 239 -23.84 -30.17 -4.43
N THR B 240 -22.91 -29.33 -3.98
CA THR B 240 -23.28 -28.12 -3.25
C THR B 240 -24.02 -27.14 -4.14
N VAL B 241 -23.60 -27.03 -5.41
CA VAL B 241 -24.20 -26.00 -6.26
C VAL B 241 -25.51 -26.48 -6.87
N ILE B 242 -25.75 -27.80 -6.95
CA ILE B 242 -27.04 -28.29 -7.42
C ILE B 242 -28.06 -28.18 -6.30
N THR B 243 -27.68 -28.63 -5.10
CA THR B 243 -28.58 -28.60 -3.95
C THR B 243 -28.85 -27.18 -3.45
N PHE B 244 -28.01 -26.21 -3.83
CA PHE B 244 -28.35 -24.82 -3.56
C PHE B 244 -29.21 -24.22 -4.66
N ALA B 245 -29.03 -24.66 -5.91
CA ALA B 245 -29.77 -24.03 -7.00
C ALA B 245 -31.21 -24.49 -7.07
N TYR B 246 -31.55 -25.61 -6.44
CA TYR B 246 -32.94 -26.02 -6.33
C TYR B 246 -33.60 -25.60 -5.04
N VAL B 247 -32.84 -25.28 -3.99
CA VAL B 247 -33.44 -25.04 -2.68
C VAL B 247 -34.12 -23.68 -2.64
N THR B 248 -33.80 -22.82 -3.61
CA THR B 248 -34.57 -21.61 -3.86
C THR B 248 -35.77 -21.85 -4.77
N GLU B 249 -36.15 -23.12 -4.98
CA GLU B 249 -37.28 -23.49 -5.82
C GLU B 249 -38.06 -24.58 -5.07
N PHE B 250 -38.18 -24.37 -3.76
CA PHE B 250 -38.90 -25.30 -2.90
C PHE B 250 -40.11 -24.62 -2.26
N VAL B 251 -41.02 -24.14 -3.11
CA VAL B 251 -42.23 -23.45 -2.66
C VAL B 251 -41.92 -22.34 -1.64
N ASP B 252 -41.92 -22.70 -0.36
CA ASP B 252 -41.65 -21.75 0.70
C ASP B 252 -40.43 -22.17 1.51
N LEU B 253 -39.26 -21.65 1.14
CA LEU B 253 -38.03 -21.98 1.85
C LEU B 253 -37.37 -20.71 2.39
N GLY B 254 -37.18 -19.70 1.55
CA GLY B 254 -36.50 -18.50 1.99
C GLY B 254 -36.93 -17.07 2.25
N ASN B 255 -37.12 -16.31 1.17
CA ASN B 255 -37.58 -14.92 1.32
C ASN B 255 -36.43 -13.93 1.41
N VAL B 256 -35.72 -13.91 2.53
CA VAL B 256 -34.59 -13.00 2.72
C VAL B 256 -33.44 -13.35 1.79
N SER B 257 -32.91 -14.57 1.88
CA SER B 257 -31.83 -15.13 1.06
C SER B 257 -30.60 -14.22 1.02
N ALA B 258 -29.96 -14.04 2.18
CA ALA B 258 -28.73 -13.24 2.23
C ALA B 258 -27.58 -13.93 1.51
N LEU B 259 -27.64 -15.25 1.37
CA LEU B 259 -26.58 -16.01 0.73
C LEU B 259 -26.88 -16.28 -0.73
N ARG B 260 -27.00 -15.19 -1.49
CA ARG B 260 -26.80 -15.22 -2.92
C ARG B 260 -25.33 -15.30 -3.29
N THR B 261 -24.44 -15.21 -2.31
CA THR B 261 -23.00 -15.23 -2.53
C THR B 261 -22.50 -16.67 -2.65
N PHE B 262 -23.37 -17.66 -2.44
CA PHE B 262 -23.05 -19.04 -2.80
C PHE B 262 -23.25 -19.32 -4.27
N ARG B 263 -23.70 -18.33 -5.04
CA ARG B 263 -23.76 -18.48 -6.49
C ARG B 263 -22.39 -18.29 -7.14
N VAL B 264 -21.38 -17.87 -6.37
CA VAL B 264 -20.04 -17.77 -6.94
C VAL B 264 -19.33 -19.10 -6.87
N LEU B 265 -19.92 -20.09 -6.20
CA LEU B 265 -19.28 -21.40 -6.12
C LEU B 265 -19.31 -22.11 -7.45
N ARG B 266 -20.26 -21.76 -8.32
CA ARG B 266 -20.25 -22.31 -9.67
C ARG B 266 -19.22 -21.62 -10.55
N ALA B 267 -18.64 -20.51 -10.07
CA ALA B 267 -17.50 -19.91 -10.76
C ALA B 267 -16.19 -20.56 -10.33
N LEU B 268 -16.23 -21.35 -9.25
CA LEU B 268 -15.10 -22.20 -8.89
C LEU B 268 -15.13 -23.51 -9.66
N LYS B 269 -16.12 -23.70 -10.52
CA LYS B 269 -16.19 -24.91 -11.31
C LYS B 269 -15.32 -24.80 -12.56
N THR B 270 -14.79 -23.60 -12.82
CA THR B 270 -13.81 -23.36 -13.87
C THR B 270 -12.55 -24.16 -13.64
N ILE B 271 -12.18 -24.35 -12.36
CA ILE B 271 -11.03 -25.16 -12.01
C ILE B 271 -11.26 -26.61 -12.39
N SER B 272 -12.50 -27.09 -12.23
CA SER B 272 -12.79 -28.49 -12.47
C SER B 272 -12.82 -28.83 -13.96
N VAL B 273 -13.12 -27.85 -14.81
CA VAL B 273 -13.43 -28.19 -16.20
C VAL B 273 -12.31 -27.76 -17.15
N ILE B 274 -11.51 -26.77 -16.77
CA ILE B 274 -10.44 -26.30 -17.64
C ILE B 274 -9.19 -27.15 -17.38
N PRO B 275 -8.62 -27.78 -18.42
CA PRO B 275 -7.56 -28.78 -18.18
C PRO B 275 -6.22 -28.19 -17.77
N GLY B 276 -5.87 -28.36 -16.50
CA GLY B 276 -4.58 -27.93 -16.00
C GLY B 276 -4.65 -27.01 -14.81
N LEU B 277 -5.86 -26.73 -14.31
CA LEU B 277 -5.99 -25.81 -13.19
C LEU B 277 -6.15 -26.54 -11.87
N LYS B 278 -6.37 -27.85 -11.89
CA LYS B 278 -6.33 -28.60 -10.65
C LYS B 278 -4.90 -28.77 -10.17
N THR B 279 -3.95 -28.78 -11.10
CA THR B 279 -2.55 -28.96 -10.75
C THR B 279 -1.99 -27.73 -10.05
N ILE B 280 -2.39 -26.55 -10.51
CA ILE B 280 -1.81 -25.31 -10.02
C ILE B 280 -2.41 -24.92 -8.68
N VAL B 281 -3.73 -25.03 -8.55
CA VAL B 281 -4.40 -24.80 -7.27
C VAL B 281 -3.95 -25.83 -6.25
N GLY B 282 -3.67 -27.05 -6.69
CA GLY B 282 -3.12 -28.04 -5.77
C GLY B 282 -1.66 -27.82 -5.46
N ALA B 283 -0.98 -26.97 -6.24
CA ALA B 283 0.43 -26.70 -5.99
C ALA B 283 0.61 -25.44 -5.16
N LEU B 284 -0.45 -24.65 -4.98
CA LEU B 284 -0.37 -23.47 -4.13
C LEU B 284 -0.80 -23.77 -2.71
N ILE B 285 -1.70 -24.74 -2.53
CA ILE B 285 -2.04 -25.18 -1.19
C ILE B 285 -0.86 -25.92 -0.57
N GLN B 286 -0.10 -26.63 -1.40
CA GLN B 286 1.09 -27.34 -0.95
C GLN B 286 2.17 -26.38 -0.48
N SER B 287 2.19 -25.16 -1.03
CA SER B 287 3.23 -24.21 -0.68
C SER B 287 2.87 -23.40 0.57
N VAL B 288 1.58 -23.33 0.91
CA VAL B 288 1.16 -22.71 2.16
C VAL B 288 1.58 -23.56 3.36
N LYS B 289 1.66 -24.88 3.16
CA LYS B 289 2.09 -25.80 4.22
C LYS B 289 3.54 -25.56 4.62
N LYS B 290 4.35 -24.99 3.72
CA LYS B 290 5.72 -24.64 4.06
C LYS B 290 5.78 -23.36 4.88
N LEU B 291 4.76 -22.50 4.76
CA LEU B 291 4.78 -21.22 5.44
C LEU B 291 4.36 -21.28 6.89
N SER B 292 4.11 -22.48 7.43
CA SER B 292 3.48 -22.60 8.74
C SER B 292 4.39 -22.14 9.86
N ASP B 293 5.70 -22.18 9.64
CA ASP B 293 6.62 -21.87 10.73
C ASP B 293 6.98 -20.38 10.71
N VAL B 294 6.92 -19.75 9.53
CA VAL B 294 7.07 -18.31 9.46
C VAL B 294 5.85 -17.64 10.06
N MET B 295 4.66 -18.19 9.83
CA MET B 295 3.43 -17.53 10.26
C MET B 295 3.21 -17.67 11.76
N ILE B 296 3.95 -18.55 12.42
CA ILE B 296 3.96 -18.54 13.88
C ILE B 296 4.87 -17.42 14.40
N LEU B 297 5.98 -17.17 13.71
CA LEU B 297 6.89 -16.11 14.12
C LEU B 297 6.32 -14.73 13.81
N THR B 298 5.59 -14.59 12.70
CA THR B 298 4.97 -13.30 12.39
C THR B 298 3.87 -12.95 13.37
N VAL B 299 3.08 -13.94 13.79
CA VAL B 299 2.00 -13.63 14.72
C VAL B 299 2.54 -13.46 16.13
N PHE B 300 3.70 -14.06 16.42
CA PHE B 300 4.38 -13.82 17.69
C PHE B 300 4.96 -12.41 17.74
N CYS B 301 5.63 -11.98 16.67
CA CYS B 301 6.24 -10.66 16.66
C CYS B 301 5.21 -9.56 16.54
N LEU B 302 4.10 -9.81 15.84
CA LEU B 302 3.04 -8.80 15.81
C LEU B 302 2.23 -8.81 17.09
N SER B 303 2.51 -9.74 18.01
CA SER B 303 1.88 -9.70 19.33
C SER B 303 2.81 -9.07 20.36
N VAL B 304 4.11 -9.36 20.26
CA VAL B 304 5.08 -8.76 21.18
C VAL B 304 5.22 -7.27 20.90
N PHE B 305 5.17 -6.88 19.63
CA PHE B 305 5.19 -5.46 19.31
C PHE B 305 3.84 -4.81 19.57
N ALA B 306 2.77 -5.59 19.63
CA ALA B 306 1.45 -5.02 19.92
C ALA B 306 1.24 -4.85 21.42
N LEU B 307 2.01 -5.57 22.24
CA LEU B 307 1.95 -5.31 23.67
C LEU B 307 2.84 -4.13 24.07
N ILE B 308 3.86 -3.83 23.28
CA ILE B 308 4.73 -2.69 23.58
C ILE B 308 3.99 -1.38 23.33
N GLY B 309 3.30 -1.28 22.19
CA GLY B 309 2.52 -0.08 21.93
C GLY B 309 1.28 0.03 22.81
N LEU B 310 0.80 -1.11 23.32
CA LEU B 310 -0.34 -1.08 24.23
C LEU B 310 0.07 -0.67 25.63
N GLN B 311 1.36 -0.79 25.98
CA GLN B 311 1.83 -0.20 27.22
C GLN B 311 2.25 1.26 27.04
N LEU B 312 2.86 1.59 25.90
CA LEU B 312 3.35 2.94 25.70
C LEU B 312 2.23 3.89 25.31
N PHE B 313 1.46 3.55 24.28
CA PHE B 313 0.49 4.47 23.70
C PHE B 313 -0.93 4.05 24.04
N MET B 314 -1.32 4.33 25.28
CA MET B 314 -2.63 3.95 25.78
C MET B 314 -3.61 5.08 25.64
N GLY B 315 -4.41 5.02 24.57
CA GLY B 315 -5.38 6.04 24.31
C GLY B 315 -4.74 7.35 23.92
N ASN B 316 -3.41 7.45 23.97
CA ASN B 316 -2.82 8.72 23.58
C ASN B 316 -3.46 9.29 22.32
N LEU B 317 -4.11 8.46 21.51
CA LEU B 317 -4.69 9.00 20.30
C LEU B 317 -6.04 9.66 20.54
N ARG B 318 -6.51 9.71 21.78
CA ARG B 318 -7.71 10.45 22.13
C ARG B 318 -7.42 11.80 22.73
N ASN B 319 -6.19 12.32 22.63
CA ASN B 319 -5.97 13.69 23.06
C ASN B 319 -6.52 14.65 22.01
N LYS B 320 -7.44 15.49 22.43
CA LYS B 320 -7.99 16.54 21.57
C LYS B 320 -7.73 17.86 22.25
N CYS B 321 -7.69 18.93 21.46
CA CYS B 321 -7.19 20.21 21.94
C CYS B 321 -8.39 21.12 22.16
N LEU B 322 -8.87 21.15 23.41
CA LEU B 322 -10.13 21.76 23.78
C LEU B 322 -9.95 23.18 24.28
N GLN B 323 -10.89 24.06 23.91
CA GLN B 323 -10.87 25.46 24.33
C GLN B 323 -11.46 25.63 25.73
N TRP B 324 -10.86 26.50 26.51
CA TRP B 324 -11.35 26.84 27.84
C TRP B 324 -12.36 27.98 27.71
N PRO B 325 -13.57 27.87 28.28
CA PRO B 325 -14.79 28.46 27.68
C PRO B 325 -14.75 29.97 27.57
N PRO B 326 -14.90 30.51 26.36
CA PRO B 326 -14.80 31.96 26.17
C PRO B 326 -16.00 32.73 26.68
N ASP B 327 -17.20 32.18 26.49
CA ASP B 327 -18.43 32.78 26.96
C ASP B 327 -19.52 31.74 27.15
N PHE B 357 -24.57 19.81 33.68
CA PHE B 357 -23.72 19.22 32.66
C PHE B 357 -22.39 19.96 32.57
N ASN B 358 -21.62 19.90 33.64
CA ASN B 358 -20.20 20.19 33.58
C ASN B 358 -19.42 18.90 33.41
N TRP B 359 -18.48 18.97 32.48
CA TRP B 359 -17.53 17.95 32.07
C TRP B 359 -17.97 16.92 31.07
N ASP B 360 -18.89 16.03 31.41
CA ASP B 360 -19.32 15.05 30.44
C ASP B 360 -19.98 15.79 29.29
N GLU B 361 -21.02 16.54 29.63
CA GLU B 361 -21.80 17.31 28.66
C GLU B 361 -21.01 18.40 27.90
N TYR B 362 -19.95 18.93 28.49
CA TYR B 362 -19.17 19.94 27.81
C TYR B 362 -18.04 19.36 26.97
N ILE B 363 -17.52 18.20 27.35
CA ILE B 363 -16.40 17.65 26.60
C ILE B 363 -16.90 16.71 25.52
N GLU B 364 -18.22 16.72 25.30
CA GLU B 364 -18.80 15.82 24.31
C GLU B 364 -19.58 16.59 23.26
N ASP B 365 -19.03 17.68 22.74
CA ASP B 365 -19.79 18.53 21.83
C ASP B 365 -19.29 18.40 20.40
N LYS B 366 -17.98 18.17 20.22
CA LYS B 366 -17.23 18.03 18.96
C LYS B 366 -17.07 19.39 18.25
N SER B 367 -17.72 20.44 18.76
CA SER B 367 -17.47 21.80 18.32
C SER B 367 -16.55 22.56 19.25
N HIS B 368 -16.26 22.02 20.44
CA HIS B 368 -15.38 22.69 21.39
C HIS B 368 -13.93 22.31 21.13
N PHE B 369 -13.70 21.39 20.21
CA PHE B 369 -12.38 20.96 19.80
C PHE B 369 -11.93 21.84 18.63
N TYR B 370 -10.70 21.61 18.19
CA TYR B 370 -10.10 22.42 17.13
C TYR B 370 -9.82 21.60 15.89
N PHE B 371 -10.46 21.94 14.77
CA PHE B 371 -10.25 21.19 13.53
C PHE B 371 -9.35 22.01 12.62
N LEU B 372 -8.29 21.38 12.13
CA LEU B 372 -7.33 22.05 11.27
C LEU B 372 -7.75 21.93 9.81
N GLU B 373 -7.96 23.10 9.22
CA GLU B 373 -8.31 23.27 7.81
C GLU B 373 -9.21 22.17 7.32
N GLY B 374 -10.33 22.06 7.99
CA GLY B 374 -11.37 21.12 7.59
C GLY B 374 -10.85 19.71 7.38
N GLN B 375 -10.34 19.05 8.42
CA GLN B 375 -9.78 17.70 8.25
C GLN B 375 -10.72 16.62 8.76
N ASN B 376 -11.80 17.08 9.37
CA ASN B 376 -12.79 16.31 10.13
C ASN B 376 -12.21 15.31 11.12
N ASP B 377 -10.97 15.53 11.60
CA ASP B 377 -10.31 14.59 12.48
C ASP B 377 -9.53 15.20 13.62
N ALA B 378 -9.86 16.42 14.07
CA ALA B 378 -9.68 16.84 15.46
C ALA B 378 -8.26 16.75 16.01
N LEU B 379 -7.40 17.74 15.71
CA LEU B 379 -5.95 17.71 15.99
C LEU B 379 -5.55 17.09 17.31
N LEU B 380 -4.45 16.36 17.26
CA LEU B 380 -3.90 15.70 18.42
C LEU B 380 -2.85 16.60 19.06
N CYS B 381 -2.74 16.50 20.38
CA CYS B 381 -1.83 17.37 21.10
C CYS B 381 -1.17 16.56 22.21
N GLY B 382 -0.10 17.10 22.76
CA GLY B 382 0.56 16.51 23.91
C GLY B 382 0.88 17.53 24.97
N ASN B 383 0.83 17.12 26.24
CA ASN B 383 1.40 17.93 27.31
C ASN B 383 2.91 17.84 27.32
N SER B 384 3.47 16.78 26.74
CA SER B 384 4.90 16.64 26.61
C SER B 384 5.47 17.71 25.70
N SER B 385 6.73 18.07 25.92
CA SER B 385 7.42 18.97 25.02
C SER B 385 8.38 18.17 24.16
N ASP B 386 8.33 18.47 22.85
CA ASP B 386 8.59 17.71 21.62
C ASP B 386 7.35 16.94 21.18
N ALA B 387 6.19 17.24 21.78
CA ALA B 387 4.94 16.76 21.24
C ALA B 387 4.23 17.88 20.50
N GLY B 388 3.01 17.60 20.08
CA GLY B 388 2.25 18.61 19.36
C GLY B 388 1.73 19.69 20.28
N GLN B 389 1.81 20.93 19.83
CA GLN B 389 1.31 22.03 20.62
C GLN B 389 -0.13 22.36 20.21
N CYS B 390 -0.83 23.04 21.11
CA CYS B 390 -2.15 23.56 20.85
C CYS B 390 -2.07 25.07 20.71
N PRO B 391 -2.91 25.67 19.87
CA PRO B 391 -2.89 27.13 19.76
C PRO B 391 -3.50 27.81 20.98
N GLU B 392 -3.28 29.12 21.07
CA GLU B 392 -3.48 29.89 22.30
C GLU B 392 -4.93 29.93 22.77
N GLY B 393 -5.14 29.62 24.04
CA GLY B 393 -6.48 29.49 24.57
C GLY B 393 -7.04 28.08 24.55
N TYR B 394 -6.26 27.08 24.16
CA TYR B 394 -6.73 25.71 24.13
C TYR B 394 -5.86 24.88 25.06
N ILE B 395 -6.35 23.71 25.49
CA ILE B 395 -5.60 22.76 26.30
C ILE B 395 -5.88 21.37 25.75
N CYS B 396 -4.99 20.41 26.03
CA CYS B 396 -5.17 19.05 25.55
C CYS B 396 -5.79 18.20 26.65
N VAL B 397 -6.88 17.51 26.32
CA VAL B 397 -7.58 16.62 27.23
C VAL B 397 -7.90 15.35 26.46
N LYS B 398 -7.69 14.20 27.09
CA LYS B 398 -8.12 12.92 26.53
C LYS B 398 -9.64 12.78 26.68
N ALA B 399 -10.32 13.09 25.57
CA ALA B 399 -11.77 12.90 25.45
C ALA B 399 -12.13 12.98 23.98
N GLY B 400 -12.80 11.95 23.47
CA GLY B 400 -13.18 11.93 22.07
C GLY B 400 -13.28 10.49 21.60
N ARG B 401 -13.37 10.35 20.28
CA ARG B 401 -13.62 9.02 19.74
C ARG B 401 -12.34 8.23 19.53
N ASN B 402 -11.61 8.50 18.43
CA ASN B 402 -10.29 8.04 17.97
C ASN B 402 -10.14 8.61 16.56
N PRO B 403 -8.96 8.57 15.95
CA PRO B 403 -8.87 8.92 14.53
C PRO B 403 -9.48 7.88 13.58
N ASN B 404 -9.81 8.43 12.41
CA ASN B 404 -10.22 7.94 11.10
C ASN B 404 -11.65 7.45 10.96
N TYR B 405 -12.10 6.67 11.94
CA TYR B 405 -13.49 6.35 12.16
C TYR B 405 -13.64 5.79 13.56
N GLY B 406 -12.70 6.05 14.46
CA GLY B 406 -12.69 5.25 15.67
C GLY B 406 -11.80 4.04 15.60
N TYR B 407 -11.33 3.68 14.40
CA TYR B 407 -10.50 2.50 14.19
C TYR B 407 -8.99 2.61 14.38
N THR B 408 -8.46 3.68 14.94
CA THR B 408 -7.02 3.77 15.09
C THR B 408 -6.61 4.04 16.52
N SER B 409 -6.14 3.02 17.22
CA SER B 409 -5.85 3.16 18.64
C SER B 409 -4.91 2.10 19.19
N PHE B 410 -4.51 2.29 20.44
CA PHE B 410 -3.65 1.40 21.20
C PHE B 410 -4.36 1.39 22.56
N ASP B 411 -5.60 0.91 22.54
CA ASP B 411 -6.40 0.79 23.74
C ASP B 411 -7.41 -0.30 23.43
N THR B 412 -7.03 -1.52 23.79
CA THR B 412 -7.77 -2.75 23.55
C THR B 412 -7.06 -3.62 22.51
N PHE B 413 -6.12 -4.46 22.99
CA PHE B 413 -5.11 -5.22 22.24
C PHE B 413 -5.49 -5.62 20.82
N SER B 414 -6.76 -5.93 20.57
CA SER B 414 -7.25 -6.16 19.21
C SER B 414 -7.00 -4.97 18.30
N TRP B 415 -7.18 -3.74 18.79
CA TRP B 415 -6.95 -2.58 17.92
C TRP B 415 -5.48 -2.29 17.77
N ALA B 416 -4.67 -2.59 18.79
CA ALA B 416 -3.22 -2.46 18.63
C ALA B 416 -2.68 -3.55 17.71
N PHE B 417 -3.35 -4.69 17.62
CA PHE B 417 -2.93 -5.73 16.70
C PHE B 417 -3.23 -5.34 15.26
N LEU B 418 -4.27 -4.52 15.06
CA LEU B 418 -4.61 -4.09 13.72
C LEU B 418 -3.59 -3.10 13.18
N SER B 419 -3.06 -2.24 14.05
CA SER B 419 -2.23 -1.13 13.58
C SER B 419 -0.76 -1.52 13.49
N LEU B 420 -0.39 -2.64 14.07
CA LEU B 420 0.98 -3.11 13.83
C LEU B 420 1.00 -4.14 12.72
N PHE B 421 -0.15 -4.67 12.34
CA PHE B 421 -0.24 -5.38 11.08
C PHE B 421 -0.28 -4.40 9.92
N ARG B 422 -0.78 -3.20 10.16
CA ARG B 422 -0.78 -2.14 9.17
C ARG B 422 0.61 -1.50 9.04
N LEU B 423 1.43 -1.57 10.09
CA LEU B 423 2.81 -1.14 9.98
C LEU B 423 3.68 -2.20 9.34
N MET B 424 3.27 -3.46 9.40
CA MET B 424 4.03 -4.55 8.82
C MET B 424 3.81 -4.63 7.31
N THR B 425 2.65 -4.21 6.83
CA THR B 425 2.35 -4.15 5.41
C THR B 425 2.60 -2.76 4.83
N GLN B 426 3.04 -1.85 5.67
CA GLN B 426 3.37 -0.50 5.28
C GLN B 426 2.30 0.02 4.37
N ASP B 427 1.16 0.33 4.97
CA ASP B 427 0.01 0.73 4.19
C ASP B 427 -0.57 2.00 4.76
N PHE B 428 -0.03 3.14 4.33
CA PHE B 428 -0.52 4.43 4.79
C PHE B 428 -0.03 4.62 6.20
N TRP B 429 1.06 3.96 6.53
CA TRP B 429 1.56 3.86 7.89
C TRP B 429 2.09 5.18 8.37
N GLU B 430 2.39 6.07 7.43
CA GLU B 430 2.98 7.35 7.74
C GLU B 430 1.96 8.35 8.26
N ASN B 431 0.68 8.03 8.14
CA ASN B 431 -0.33 8.77 8.89
C ASN B 431 -0.41 8.23 10.32
N LEU B 432 -0.21 6.93 10.50
CA LEU B 432 -0.17 6.36 11.84
C LEU B 432 1.08 6.80 12.57
N TYR B 433 2.18 6.92 11.84
CA TYR B 433 3.44 7.46 12.34
C TYR B 433 3.29 8.89 12.84
N GLN B 434 2.63 9.74 12.06
CA GLN B 434 2.58 11.16 12.40
C GLN B 434 1.45 11.47 13.38
N LEU B 435 0.42 10.63 13.45
CA LEU B 435 -0.60 10.80 14.48
C LEU B 435 -0.03 10.53 15.85
N THR B 436 0.78 9.50 15.98
CA THR B 436 1.23 9.05 17.28
C THR B 436 2.29 9.99 17.85
N LEU B 437 3.20 10.48 17.01
CA LEU B 437 4.25 11.38 17.48
C LEU B 437 3.69 12.76 17.77
N ARG B 438 2.50 13.08 17.30
CA ARG B 438 1.92 14.36 17.62
C ARG B 438 1.32 14.34 19.02
N ALA B 439 0.95 13.17 19.52
CA ALA B 439 0.29 13.10 20.81
C ALA B 439 1.15 12.43 21.87
N ALA B 440 2.13 11.62 21.46
CA ALA B 440 3.08 11.05 22.40
C ALA B 440 4.35 11.85 22.52
N GLY B 441 4.78 12.49 21.45
CA GLY B 441 6.06 13.16 21.43
C GLY B 441 6.95 12.63 20.33
N LYS B 442 7.86 13.47 19.87
CA LYS B 442 8.74 13.10 18.78
C LYS B 442 9.89 12.19 19.17
N THR B 443 10.02 11.81 20.43
CA THR B 443 11.08 10.89 20.81
C THR B 443 10.64 9.43 20.80
N TYR B 444 9.37 9.17 20.53
CA TYR B 444 8.89 7.81 20.33
C TYR B 444 8.99 7.34 18.89
N MET B 445 9.83 7.99 18.07
CA MET B 445 10.14 7.44 16.76
C MET B 445 11.02 6.22 16.87
N ILE B 446 11.64 6.01 18.04
CA ILE B 446 12.49 4.85 18.26
C ILE B 446 11.65 3.58 18.26
N PHE B 447 10.39 3.70 18.66
CA PHE B 447 9.45 2.61 18.46
C PHE B 447 9.20 2.36 16.98
N PHE B 448 9.04 3.43 16.20
CA PHE B 448 8.67 3.25 14.80
C PHE B 448 9.83 2.82 13.93
N VAL B 449 11.05 3.27 14.24
CA VAL B 449 12.22 2.83 13.48
C VAL B 449 12.51 1.36 13.76
N LEU B 450 12.30 0.93 15.01
CA LEU B 450 12.52 -0.46 15.38
C LEU B 450 11.46 -1.38 14.80
N VAL B 451 10.22 -0.90 14.64
CA VAL B 451 9.16 -1.79 14.22
C VAL B 451 9.07 -1.85 12.70
N ILE B 452 9.51 -0.80 12.01
CA ILE B 452 9.67 -0.88 10.55
C ILE B 452 10.83 -1.81 10.22
N PHE B 453 11.87 -1.80 11.04
CA PHE B 453 13.01 -2.66 10.78
C PHE B 453 12.77 -4.11 11.16
N LEU B 454 12.25 -4.37 12.36
CA LEU B 454 12.01 -5.75 12.76
C LEU B 454 10.76 -6.32 12.11
N GLY B 455 9.75 -5.49 11.87
CA GLY B 455 8.49 -5.98 11.35
C GLY B 455 8.28 -5.85 9.86
N SER B 456 8.52 -4.68 9.29
CA SER B 456 8.24 -4.50 7.87
C SER B 456 9.39 -5.02 7.02
N PHE B 457 10.59 -5.10 7.56
CA PHE B 457 11.71 -5.57 6.75
C PHE B 457 11.94 -7.07 6.94
N TYR B 458 12.14 -7.51 8.18
CA TYR B 458 12.52 -8.91 8.42
C TYR B 458 11.39 -9.89 8.12
N LEU B 459 10.15 -9.54 8.46
CA LEU B 459 9.06 -10.47 8.22
C LEU B 459 8.74 -10.56 6.73
N ILE B 460 8.91 -9.47 6.00
CA ILE B 460 8.70 -9.52 4.55
C ILE B 460 9.86 -10.22 3.86
N ASN B 461 11.07 -10.14 4.43
CA ASN B 461 12.16 -11.00 3.96
C ASN B 461 11.86 -12.48 4.17
N LEU B 462 11.45 -12.85 5.38
CA LEU B 462 11.29 -14.26 5.71
C LEU B 462 10.09 -14.89 5.03
N ILE B 463 9.04 -14.12 4.76
CA ILE B 463 7.93 -14.68 4.00
C ILE B 463 8.34 -14.92 2.55
N LEU B 464 9.01 -13.95 1.94
CA LEU B 464 9.33 -14.06 0.53
C LEU B 464 10.53 -14.96 0.29
N ALA B 465 11.31 -15.25 1.34
CA ALA B 465 12.41 -16.19 1.19
C ALA B 465 11.93 -17.64 1.28
N VAL B 466 10.86 -17.90 2.02
CA VAL B 466 10.40 -19.27 2.21
C VAL B 466 9.41 -19.67 1.11
N VAL B 467 8.73 -18.70 0.51
CA VAL B 467 7.96 -18.99 -0.69
C VAL B 467 8.87 -19.30 -1.87
N ALA B 468 9.95 -18.53 -2.02
CA ALA B 468 10.85 -18.75 -3.14
C ALA B 468 11.70 -19.99 -2.93
N MET B 469 11.86 -20.43 -1.68
CA MET B 469 12.53 -21.69 -1.41
C MET B 469 11.59 -22.87 -1.67
N ALA B 470 10.30 -22.66 -1.41
CA ALA B 470 9.33 -23.72 -1.67
C ALA B 470 9.09 -23.91 -3.15
N TYR B 471 8.99 -22.82 -3.92
CA TYR B 471 8.82 -22.94 -5.36
C TYR B 471 10.06 -23.51 -6.03
N GLU B 472 11.23 -23.32 -5.43
CA GLU B 472 12.47 -23.76 -6.05
C GLU B 472 12.60 -25.27 -6.01
N GLU B 473 11.97 -25.92 -5.02
CA GLU B 473 12.04 -27.37 -4.95
C GLU B 473 10.79 -28.01 -5.53
N GLN B 474 9.82 -27.21 -5.95
CA GLN B 474 8.69 -27.75 -6.72
C GLN B 474 9.08 -27.98 -8.16
N ASN B 475 9.68 -26.99 -8.81
CA ASN B 475 10.07 -27.20 -10.20
C ASN B 475 11.32 -28.05 -10.31
N GLN B 476 12.08 -28.17 -9.23
CA GLN B 476 13.21 -29.09 -9.23
C GLN B 476 12.73 -30.54 -9.22
N ALA B 477 11.70 -30.83 -8.43
CA ALA B 477 11.20 -32.21 -8.35
C ALA B 477 10.41 -32.58 -9.59
N THR B 478 9.94 -31.58 -10.32
CA THR B 478 9.18 -31.79 -11.54
C THR B 478 10.15 -32.07 -12.66
N LEU B 479 11.26 -31.31 -12.68
CA LEU B 479 12.28 -31.48 -13.69
C LEU B 479 12.94 -32.84 -13.48
N GLU B 480 13.21 -33.17 -12.22
CA GLU B 480 13.82 -34.45 -11.87
C GLU B 480 12.87 -35.59 -12.23
N GLU B 481 11.59 -35.40 -11.97
CA GLU B 481 10.58 -36.40 -12.29
C GLU B 481 10.49 -36.63 -13.79
N ALA B 482 10.61 -35.55 -14.56
CA ALA B 482 10.56 -35.64 -16.01
C ALA B 482 11.79 -36.37 -16.52
N GLU B 483 12.93 -36.12 -15.88
CA GLU B 483 14.15 -36.85 -16.17
C GLU B 483 13.95 -38.35 -15.93
N GLN B 484 13.30 -38.68 -14.82
CA GLN B 484 13.04 -40.07 -14.48
C GLN B 484 12.10 -40.72 -15.48
N ASP B 783 0.48 -15.38 -70.46
CA ASP B 783 1.71 -14.78 -69.94
C ASP B 783 1.53 -14.32 -68.51
N CYS B 784 0.59 -14.93 -67.80
CA CYS B 784 0.30 -14.60 -66.41
C CYS B 784 1.47 -14.98 -65.50
N CYS B 785 1.59 -16.26 -65.18
CA CYS B 785 2.65 -16.78 -64.32
C CYS B 785 4.03 -16.28 -64.78
N LYS B 786 4.29 -16.47 -66.07
CA LYS B 786 5.53 -16.03 -66.70
C LYS B 786 5.87 -14.58 -66.36
N PRO B 787 5.05 -13.63 -66.80
CA PRO B 787 5.41 -12.24 -66.48
C PRO B 787 5.20 -11.77 -65.04
N TRP B 788 4.46 -12.54 -64.26
CA TRP B 788 4.29 -12.25 -62.85
C TRP B 788 5.68 -12.48 -62.25
N LEU B 789 6.29 -13.62 -62.61
CA LEU B 789 7.63 -13.96 -62.16
C LEU B 789 8.65 -12.97 -62.74
N LYS B 790 8.41 -12.52 -63.97
CA LYS B 790 9.30 -11.55 -64.61
C LYS B 790 9.33 -10.24 -63.82
N VAL B 791 8.18 -9.81 -63.30
CA VAL B 791 8.09 -8.58 -62.52
C VAL B 791 8.49 -8.79 -61.07
N LYS B 792 8.47 -10.05 -60.62
CA LYS B 792 8.83 -10.38 -59.26
C LYS B 792 10.34 -10.37 -59.06
N HIS B 793 11.04 -11.21 -59.82
CA HIS B 793 12.49 -11.31 -59.73
C HIS B 793 13.08 -9.98 -59.28
N LEU B 794 12.66 -8.89 -59.92
CA LEU B 794 13.14 -7.57 -59.57
C LEU B 794 12.95 -7.28 -58.09
N VAL B 795 11.72 -7.47 -57.61
CA VAL B 795 11.40 -7.24 -56.21
C VAL B 795 12.31 -8.06 -55.30
N ASN B 796 12.43 -9.35 -55.60
CA ASN B 796 13.27 -10.24 -54.82
C ASN B 796 14.70 -9.74 -54.72
N LEU B 797 15.26 -9.31 -55.85
CA LEU B 797 16.62 -8.81 -55.90
C LEU B 797 16.73 -7.46 -55.17
N VAL B 798 16.21 -7.41 -53.96
CA VAL B 798 16.25 -6.18 -53.16
C VAL B 798 16.21 -6.50 -51.67
N VAL B 799 16.54 -5.49 -50.86
CA VAL B 799 16.56 -5.58 -49.39
C VAL B 799 17.10 -6.91 -48.81
N MET B 800 18.27 -7.31 -49.30
CA MET B 800 18.91 -8.53 -48.83
C MET B 800 20.39 -8.29 -48.59
N ASP B 801 20.85 -7.10 -48.97
CA ASP B 801 22.26 -6.72 -48.79
C ASP B 801 22.57 -5.25 -48.44
N PRO B 802 21.92 -4.20 -49.02
CA PRO B 802 22.20 -2.85 -48.49
C PRO B 802 21.54 -2.61 -47.14
N PHE B 803 21.85 -1.47 -46.53
CA PHE B 803 21.31 -1.13 -45.21
C PHE B 803 19.94 -0.48 -45.33
N VAL B 804 19.06 -1.08 -46.13
CA VAL B 804 17.68 -0.65 -46.27
C VAL B 804 16.78 -1.31 -45.25
N ASP B 805 17.21 -2.42 -44.66
CA ASP B 805 16.60 -2.94 -43.45
C ASP B 805 17.14 -2.26 -42.21
N LEU B 806 18.28 -1.58 -42.32
CA LEU B 806 18.80 -0.71 -41.28
C LEU B 806 18.30 0.72 -41.43
N ALA B 807 17.83 1.08 -42.62
CA ALA B 807 17.24 2.40 -42.82
C ALA B 807 15.84 2.46 -42.24
N ILE B 808 15.25 1.31 -41.93
CA ILE B 808 13.92 1.30 -41.32
C ILE B 808 14.02 1.51 -39.81
N THR B 809 15.06 0.94 -39.19
CA THR B 809 15.20 1.10 -37.74
C THR B 809 15.68 2.50 -37.36
N ILE B 810 16.15 3.28 -38.35
CA ILE B 810 16.43 4.68 -38.07
C ILE B 810 15.21 5.53 -38.40
N CYS B 811 14.28 4.97 -39.18
CA CYS B 811 13.00 5.65 -39.39
C CYS B 811 12.02 5.34 -38.26
N ILE B 812 12.32 4.34 -37.44
CA ILE B 812 11.47 4.07 -36.29
C ILE B 812 11.92 4.90 -35.09
N VAL B 813 13.22 5.00 -34.87
CA VAL B 813 13.69 5.78 -33.72
C VAL B 813 13.65 7.27 -34.01
N LEU B 814 13.42 7.65 -35.27
CA LEU B 814 13.01 9.02 -35.56
C LEU B 814 11.52 9.20 -35.33
N ASN B 815 10.72 8.19 -35.68
CA ASN B 815 9.27 8.28 -35.53
C ASN B 815 8.87 8.35 -34.06
N THR B 816 9.61 7.66 -33.20
CA THR B 816 9.39 7.77 -31.76
C THR B 816 9.68 9.19 -31.27
N LEU B 817 10.69 9.84 -31.83
CA LEU B 817 11.09 11.14 -31.32
C LEU B 817 10.21 12.27 -31.83
N PHE B 818 9.63 12.12 -33.02
CA PHE B 818 8.66 13.10 -33.46
C PHE B 818 7.39 13.03 -32.63
N MET B 819 6.99 11.84 -32.21
CA MET B 819 5.80 11.71 -31.39
C MET B 819 6.05 12.14 -29.96
N ALA B 820 7.31 12.07 -29.52
CA ALA B 820 7.65 12.51 -28.17
C ALA B 820 7.67 14.02 -28.03
N MET B 821 7.77 14.76 -29.13
CA MET B 821 7.78 16.22 -29.05
C MET B 821 6.41 16.84 -28.99
N GLU B 822 5.34 16.04 -29.00
CA GLU B 822 4.01 16.61 -28.83
C GLU B 822 3.80 17.04 -27.39
N HIS B 823 3.13 18.17 -27.20
CA HIS B 823 2.96 18.74 -25.88
C HIS B 823 1.75 19.67 -25.90
N TYR B 824 1.56 20.43 -24.82
CA TYR B 824 0.48 21.38 -24.70
C TYR B 824 1.01 22.59 -23.95
N PRO B 825 0.73 23.81 -24.42
CA PRO B 825 0.07 24.11 -25.70
C PRO B 825 1.09 24.37 -26.79
N MET B 826 0.90 23.78 -27.95
CA MET B 826 1.81 23.96 -29.07
C MET B 826 1.08 24.72 -30.16
N THR B 827 1.78 25.66 -30.79
CA THR B 827 1.18 26.50 -31.80
C THR B 827 1.11 25.80 -33.15
N GLU B 828 0.38 26.41 -34.08
CA GLU B 828 0.45 25.98 -35.45
C GLU B 828 1.79 26.44 -36.01
N GLN B 829 2.25 25.74 -37.08
CA GLN B 829 3.60 25.65 -37.66
C GLN B 829 4.50 24.75 -36.80
N PHE B 830 4.03 24.35 -35.62
CA PHE B 830 4.67 23.23 -34.94
C PHE B 830 3.83 21.98 -35.00
N SER B 831 2.51 22.12 -34.91
CA SER B 831 1.64 20.97 -35.12
C SER B 831 1.60 20.55 -36.58
N SER B 832 1.92 21.49 -37.49
CA SER B 832 1.98 21.15 -38.90
C SER B 832 3.19 20.28 -39.21
N VAL B 833 4.27 20.44 -38.44
CA VAL B 833 5.40 19.52 -38.56
C VAL B 833 5.02 18.17 -37.97
N LEU B 834 4.15 18.17 -36.96
CA LEU B 834 3.71 16.92 -36.35
C LEU B 834 2.71 16.17 -37.22
N SER B 835 1.98 16.88 -38.09
CA SER B 835 0.89 16.23 -38.81
C SER B 835 1.28 15.88 -40.23
N VAL B 836 2.15 16.67 -40.85
CA VAL B 836 2.76 16.27 -42.11
C VAL B 836 3.77 15.16 -41.84
N GLY B 837 4.42 15.21 -40.69
CA GLY B 837 5.47 14.23 -40.40
C GLY B 837 4.94 12.83 -40.11
N ASN B 838 3.72 12.73 -39.58
CA ASN B 838 3.17 11.41 -39.29
C ASN B 838 2.74 10.69 -40.57
N LEU B 839 2.35 11.44 -41.60
CA LEU B 839 2.01 10.81 -42.87
C LEU B 839 3.24 10.29 -43.58
N VAL B 840 4.42 10.88 -43.31
CA VAL B 840 5.63 10.51 -44.03
C VAL B 840 6.14 9.15 -43.56
N PHE B 841 6.17 8.92 -42.26
CA PHE B 841 6.59 7.61 -41.75
C PHE B 841 5.55 6.54 -42.05
N THR B 842 4.27 6.91 -42.01
CA THR B 842 3.21 5.96 -42.33
C THR B 842 3.24 5.58 -43.80
N GLY B 843 3.61 6.52 -44.67
CA GLY B 843 3.72 6.22 -46.08
C GLY B 843 4.88 5.30 -46.40
N ILE B 844 5.96 5.38 -45.62
CA ILE B 844 7.14 4.56 -45.93
C ILE B 844 7.16 3.32 -45.03
N PHE B 845 6.11 3.13 -44.23
CA PHE B 845 5.91 1.85 -43.56
C PHE B 845 4.81 1.06 -44.26
N THR B 846 3.98 1.74 -45.05
CA THR B 846 3.00 1.04 -45.87
C THR B 846 3.63 0.62 -47.19
N ALA B 847 4.52 1.45 -47.74
CA ALA B 847 5.24 1.08 -48.94
C ALA B 847 6.24 -0.02 -48.66
N GLU B 848 6.80 -0.06 -47.46
CA GLU B 848 7.85 -1.02 -47.17
C GLU B 848 7.30 -2.42 -46.95
N MET B 849 6.02 -2.54 -46.57
CA MET B 849 5.44 -3.87 -46.44
C MET B 849 4.73 -4.29 -47.72
N PHE B 850 4.35 -3.32 -48.56
CA PHE B 850 3.92 -3.66 -49.90
C PHE B 850 5.10 -4.17 -50.72
N LEU B 851 6.25 -3.52 -50.59
CA LEU B 851 7.46 -3.96 -51.29
C LEU B 851 8.12 -5.16 -50.62
N LYS B 852 7.58 -5.65 -49.51
CA LYS B 852 8.12 -6.87 -48.91
C LYS B 852 7.25 -8.08 -49.27
N ILE B 853 5.95 -7.87 -49.49
CA ILE B 853 5.08 -8.96 -49.89
C ILE B 853 5.12 -9.21 -51.40
N ILE B 854 6.01 -8.54 -52.12
CA ILE B 854 6.19 -8.88 -53.53
C ILE B 854 7.22 -9.99 -53.67
N ALA B 855 8.37 -9.86 -53.02
CA ALA B 855 9.51 -10.74 -53.27
C ALA B 855 9.81 -11.70 -52.13
N MET B 856 8.79 -12.16 -51.40
CA MET B 856 8.98 -13.03 -50.25
C MET B 856 7.90 -14.11 -50.21
N ASP B 857 7.16 -14.25 -51.31
CA ASP B 857 6.15 -15.28 -51.59
C ASP B 857 5.04 -15.35 -50.53
N PRO B 858 4.09 -14.43 -50.52
CA PRO B 858 2.87 -14.65 -49.73
C PRO B 858 2.06 -15.83 -50.28
N TYR B 859 1.38 -16.61 -49.43
CA TYR B 859 1.34 -16.46 -47.98
C TYR B 859 2.34 -17.31 -47.22
N TYR B 860 3.61 -17.24 -47.60
CA TYR B 860 4.71 -17.63 -46.73
C TYR B 860 5.35 -16.39 -46.12
N TYR B 861 4.67 -15.26 -46.29
CA TYR B 861 4.95 -14.01 -45.61
C TYR B 861 4.39 -14.00 -44.19
N PHE B 862 3.23 -14.61 -44.00
CA PHE B 862 2.64 -14.77 -42.68
C PHE B 862 3.15 -16.01 -41.96
N GLN B 863 4.48 -16.15 -41.90
CA GLN B 863 5.16 -17.32 -41.35
C GLN B 863 6.19 -16.93 -40.30
N GLU B 864 6.81 -15.76 -40.41
CA GLU B 864 7.83 -15.30 -39.48
C GLU B 864 7.25 -14.78 -38.16
N GLY B 865 6.09 -14.15 -38.19
CA GLY B 865 5.53 -13.55 -36.98
C GLY B 865 5.78 -12.07 -36.84
N TRP B 866 7.03 -11.62 -37.01
CA TRP B 866 7.30 -10.19 -37.02
C TRP B 866 6.66 -9.49 -38.20
N ASN B 867 6.59 -10.15 -39.35
CA ASN B 867 5.97 -9.52 -40.52
C ASN B 867 4.45 -9.50 -40.39
N ILE B 868 3.90 -10.44 -39.64
CA ILE B 868 2.49 -10.41 -39.25
C ILE B 868 2.28 -9.21 -38.35
N PHE B 869 3.17 -9.06 -37.36
CA PHE B 869 3.16 -7.93 -36.44
C PHE B 869 3.35 -6.60 -37.17
N ASP B 870 4.19 -6.61 -38.22
CA ASP B 870 4.39 -5.42 -39.04
C ASP B 870 3.13 -5.08 -39.82
N GLY B 871 2.48 -6.08 -40.42
CA GLY B 871 1.31 -5.80 -41.23
C GLY B 871 0.10 -5.41 -40.41
N PHE B 872 0.09 -5.81 -39.14
CA PHE B 872 -1.02 -5.47 -38.25
C PHE B 872 -0.97 -3.99 -37.86
N ILE B 873 0.23 -3.47 -37.61
CA ILE B 873 0.40 -2.05 -37.27
C ILE B 873 0.09 -1.17 -38.47
N VAL B 874 0.54 -1.58 -39.67
CA VAL B 874 0.26 -0.86 -40.90
C VAL B 874 -1.24 -0.80 -41.20
N SER B 875 -1.96 -1.89 -40.92
CA SER B 875 -3.42 -1.91 -41.12
C SER B 875 -4.14 -0.91 -40.23
N LEU B 876 -3.85 -0.90 -38.92
CA LEU B 876 -4.54 0.01 -38.02
C LEU B 876 -4.05 1.45 -38.20
N SER B 877 -2.88 1.64 -38.81
CA SER B 877 -2.43 2.99 -39.12
C SER B 877 -3.21 3.56 -40.29
N LEU B 878 -3.69 2.69 -41.18
CA LEU B 878 -4.52 3.14 -42.30
C LEU B 878 -5.99 3.17 -41.91
N MET B 879 -6.37 2.37 -40.91
CA MET B 879 -7.70 2.52 -40.34
C MET B 879 -7.81 3.84 -39.57
N GLU B 880 -6.71 4.25 -38.91
CA GLU B 880 -6.72 5.51 -38.19
C GLU B 880 -6.72 6.69 -39.15
N LEU B 881 -6.01 6.56 -40.27
CA LEU B 881 -6.01 7.62 -41.27
C LEU B 881 -7.28 7.58 -42.11
N GLY B 882 -7.91 6.40 -42.21
CA GLY B 882 -9.04 6.22 -43.09
C GLY B 882 -10.33 6.85 -42.59
N LEU B 883 -10.44 7.12 -41.29
CA LEU B 883 -11.67 7.69 -40.74
C LEU B 883 -11.49 9.04 -40.09
N ALA B 884 -10.51 9.17 -39.20
CA ALA B 884 -10.25 10.42 -38.51
C ALA B 884 -11.54 10.99 -37.90
N ASN B 885 -12.45 10.10 -37.55
CA ASN B 885 -13.72 10.50 -36.95
C ASN B 885 -13.94 9.90 -35.57
N VAL B 886 -13.11 8.93 -35.21
CA VAL B 886 -13.20 8.25 -33.92
C VAL B 886 -13.21 9.26 -32.77
N GLU B 887 -14.23 9.14 -31.91
CA GLU B 887 -14.36 10.04 -30.76
C GLU B 887 -15.26 9.43 -29.70
N GLY B 888 -14.66 9.03 -28.58
CA GLY B 888 -13.23 9.16 -28.40
C GLY B 888 -12.50 7.84 -28.59
N LEU B 889 -12.24 7.49 -29.84
CA LEU B 889 -11.54 6.24 -30.15
C LEU B 889 -10.25 6.51 -30.92
N SER B 890 -9.70 7.71 -30.75
CA SER B 890 -8.46 8.08 -31.42
C SER B 890 -7.25 7.57 -30.66
N VAL B 891 -7.49 6.73 -29.65
CA VAL B 891 -6.41 6.19 -28.85
C VAL B 891 -5.52 5.37 -29.78
N LEU B 892 -6.02 5.04 -30.97
CA LEU B 892 -5.28 4.25 -31.95
C LEU B 892 -4.18 5.02 -32.67
N ARG B 893 -4.09 6.34 -32.50
CA ARG B 893 -2.91 7.04 -33.00
C ARG B 893 -1.74 6.90 -32.03
N SER B 894 -1.98 6.30 -30.87
CA SER B 894 -0.89 5.87 -30.01
C SER B 894 -0.51 4.42 -30.29
N PHE B 895 -1.16 3.78 -31.25
CA PHE B 895 -0.94 2.37 -31.49
C PHE B 895 0.11 2.20 -32.59
N ARG B 896 0.52 3.32 -33.20
CA ARG B 896 1.69 3.32 -34.05
C ARG B 896 2.98 3.50 -33.26
N LEU B 897 2.88 3.70 -31.94
CA LEU B 897 4.04 3.69 -31.05
C LEU B 897 4.53 2.28 -30.76
N LEU B 898 3.92 1.26 -31.35
CA LEU B 898 4.19 -0.10 -30.93
C LEU B 898 5.22 -0.73 -31.85
N ARG B 899 5.71 0.03 -32.84
CA ARG B 899 6.75 -0.47 -33.75
C ARG B 899 8.13 -0.49 -33.10
N VAL B 900 8.25 0.03 -31.88
CA VAL B 900 9.52 0.20 -31.19
C VAL B 900 10.02 -1.17 -30.76
N PHE B 901 9.12 -2.15 -30.64
CA PHE B 901 9.54 -3.49 -30.29
C PHE B 901 10.22 -4.24 -31.42
N LYS B 902 10.32 -3.64 -32.61
CA LYS B 902 11.17 -4.20 -33.66
C LYS B 902 12.64 -4.07 -33.31
N LEU B 903 12.98 -3.19 -32.38
CA LEU B 903 14.36 -3.05 -31.92
C LEU B 903 14.84 -4.24 -31.10
N ALA B 904 13.94 -5.16 -30.71
CA ALA B 904 14.32 -6.25 -29.84
C ALA B 904 15.10 -7.34 -30.58
N LYS B 905 15.15 -7.27 -31.92
CA LYS B 905 16.01 -8.17 -32.68
C LYS B 905 17.48 -7.88 -32.41
N SER B 906 17.87 -6.61 -32.45
CA SER B 906 19.26 -6.23 -32.26
C SER B 906 19.59 -5.88 -30.81
N TRP B 907 18.73 -5.11 -30.16
CA TRP B 907 18.88 -4.76 -28.75
C TRP B 907 18.45 -5.96 -27.92
N PRO B 908 19.35 -6.64 -27.22
CA PRO B 908 19.00 -7.96 -26.68
C PRO B 908 18.39 -7.92 -25.30
N THR B 909 18.29 -6.73 -24.71
CA THR B 909 17.65 -6.58 -23.42
C THR B 909 16.17 -6.25 -23.56
N LEU B 910 15.80 -5.60 -24.67
CA LEU B 910 14.38 -5.42 -24.98
C LEU B 910 13.75 -6.75 -25.39
N ASN B 911 14.56 -7.68 -25.87
CA ASN B 911 14.05 -9.02 -26.18
C ASN B 911 13.78 -9.81 -24.91
N MET B 912 14.57 -9.59 -23.86
CA MET B 912 14.31 -10.24 -22.57
C MET B 912 13.03 -9.71 -21.94
N LEU B 913 12.65 -8.48 -22.28
CA LEU B 913 11.39 -7.94 -21.81
C LEU B 913 10.21 -8.61 -22.50
N ILE B 914 10.34 -8.91 -23.79
CA ILE B 914 9.25 -9.55 -24.51
C ILE B 914 9.13 -11.03 -24.12
N LYS B 915 10.25 -11.67 -23.81
CA LYS B 915 10.22 -13.07 -23.41
C LYS B 915 9.55 -13.26 -22.06
N ILE B 916 9.62 -12.27 -21.17
CA ILE B 916 8.94 -12.37 -19.88
C ILE B 916 7.43 -12.18 -20.03
N ILE B 917 7.03 -11.15 -20.78
CA ILE B 917 5.61 -10.88 -21.03
C ILE B 917 4.97 -12.02 -21.82
N GLY B 918 5.72 -12.62 -22.75
CA GLY B 918 5.18 -13.74 -23.49
C GLY B 918 5.19 -15.02 -22.68
N ASN B 919 5.97 -15.07 -21.61
CA ASN B 919 6.01 -16.25 -20.75
C ASN B 919 4.77 -16.33 -19.89
N SER B 920 4.21 -15.17 -19.52
CA SER B 920 2.98 -15.15 -18.73
C SER B 920 1.80 -15.66 -19.53
N VAL B 921 1.79 -15.42 -20.84
CA VAL B 921 0.70 -15.91 -21.67
C VAL B 921 1.00 -17.33 -22.14
N GLY B 922 2.27 -17.71 -22.13
CA GLY B 922 2.67 -19.00 -22.64
C GLY B 922 2.83 -20.07 -21.59
N ALA B 923 4.08 -20.36 -21.21
CA ALA B 923 4.36 -21.53 -20.38
C ALA B 923 3.83 -21.37 -18.97
N LEU B 924 3.69 -20.13 -18.50
CA LEU B 924 3.01 -19.86 -17.23
C LEU B 924 1.61 -19.34 -17.46
N GLY B 925 0.92 -19.82 -18.50
CA GLY B 925 -0.36 -19.23 -18.86
C GLY B 925 -1.49 -19.69 -17.98
N ASN B 926 -1.38 -20.90 -17.42
CA ASN B 926 -2.44 -21.40 -16.56
C ASN B 926 -2.31 -20.85 -15.15
N LEU B 927 -1.16 -20.25 -14.83
CA LEU B 927 -1.01 -19.66 -13.51
C LEU B 927 -1.53 -18.23 -13.49
N THR B 928 -1.36 -17.50 -14.59
CA THR B 928 -2.00 -16.20 -14.67
C THR B 928 -3.49 -16.31 -14.96
N LEU B 929 -3.97 -17.51 -15.32
CA LEU B 929 -5.40 -17.71 -15.50
C LEU B 929 -6.08 -17.92 -14.15
N VAL B 930 -5.38 -18.60 -13.24
CA VAL B 930 -5.87 -18.75 -11.86
C VAL B 930 -5.90 -17.39 -11.16
N LEU B 931 -4.91 -16.55 -11.41
CA LEU B 931 -4.91 -15.19 -10.88
C LEU B 931 -6.01 -14.35 -11.51
N ALA B 932 -6.43 -14.68 -12.72
CA ALA B 932 -7.56 -13.98 -13.33
C ALA B 932 -8.87 -14.35 -12.64
N ILE B 933 -9.01 -15.62 -12.26
CA ILE B 933 -10.27 -16.11 -11.71
C ILE B 933 -10.44 -15.67 -10.26
N ILE B 934 -9.37 -15.75 -9.46
CA ILE B 934 -9.44 -15.40 -8.04
C ILE B 934 -9.69 -13.92 -7.85
N VAL B 935 -9.11 -13.08 -8.71
CA VAL B 935 -9.44 -11.66 -8.70
C VAL B 935 -10.88 -11.43 -9.15
N PHE B 936 -11.34 -12.24 -10.12
CA PHE B 936 -12.73 -12.14 -10.57
C PHE B 936 -13.71 -12.59 -9.49
N ILE B 937 -13.39 -13.66 -8.77
CA ILE B 937 -14.32 -14.16 -7.75
C ILE B 937 -14.37 -13.21 -6.56
N PHE B 938 -13.21 -12.68 -6.15
CA PHE B 938 -13.15 -11.69 -5.07
C PHE B 938 -13.89 -10.42 -5.43
N ALA B 939 -14.00 -10.11 -6.72
CA ALA B 939 -14.73 -8.92 -7.12
C ALA B 939 -16.22 -9.18 -7.21
N VAL B 940 -16.63 -10.43 -7.44
CA VAL B 940 -18.05 -10.75 -7.49
C VAL B 940 -18.60 -10.96 -6.08
N VAL B 941 -17.81 -11.56 -5.19
CA VAL B 941 -18.21 -11.78 -3.81
C VAL B 941 -18.49 -10.49 -3.07
N GLY B 942 -17.55 -9.55 -3.08
CA GLY B 942 -17.70 -8.32 -2.31
C GLY B 942 -18.75 -7.40 -2.88
N MET B 943 -19.05 -7.58 -4.16
CA MET B 943 -20.10 -6.82 -4.81
C MET B 943 -21.48 -7.42 -4.54
N GLN B 944 -21.54 -8.70 -4.15
CA GLN B 944 -22.81 -9.30 -3.75
C GLN B 944 -23.07 -9.13 -2.26
N LEU B 945 -22.03 -9.31 -1.43
CA LEU B 945 -22.17 -9.04 -0.01
C LEU B 945 -22.39 -7.56 0.25
N PHE B 946 -21.40 -6.75 -0.10
CA PHE B 946 -21.36 -5.39 0.38
C PHE B 946 -21.95 -4.40 -0.59
N GLY B 947 -22.36 -4.83 -1.78
CA GLY B 947 -22.77 -3.89 -2.80
C GLY B 947 -24.05 -3.16 -2.49
N LYS B 948 -24.98 -3.82 -1.79
CA LYS B 948 -26.23 -3.17 -1.47
C LYS B 948 -26.09 -2.28 -0.24
N SER B 949 -25.12 -2.60 0.62
CA SER B 949 -24.97 -1.86 1.86
C SER B 949 -24.29 -0.52 1.63
N TYR B 950 -23.55 -0.37 0.52
CA TYR B 950 -22.93 0.92 0.26
C TYR B 950 -23.96 1.97 -0.10
N LYS B 951 -24.89 1.61 -0.99
CA LYS B 951 -25.91 2.55 -1.42
C LYS B 951 -26.92 2.82 -0.30
N GLU B 952 -27.22 1.83 0.53
CA GLU B 952 -28.27 2.04 1.54
C GLU B 952 -27.71 2.71 2.78
N CYS B 953 -26.39 2.81 2.81
CA CYS B 953 -25.62 3.45 3.88
C CYS B 953 -24.60 4.39 3.23
N VAL B 954 -25.06 5.33 2.42
CA VAL B 954 -24.12 6.27 1.81
C VAL B 954 -23.68 7.34 2.79
N CYS B 955 -24.57 7.79 3.66
CA CYS B 955 -24.33 9.03 4.39
C CYS B 955 -23.31 8.84 5.51
N LYS B 956 -22.95 7.60 5.83
CA LYS B 956 -21.90 7.36 6.80
C LYS B 956 -20.51 7.59 6.19
N ILE B 957 -20.39 7.30 4.90
CA ILE B 957 -19.10 7.36 4.24
C ILE B 957 -19.13 8.19 2.97
N SER B 958 -19.39 9.47 3.12
CA SER B 958 -19.40 10.36 1.98
C SER B 958 -19.94 11.71 2.42
N ASN B 959 -19.74 12.72 1.59
CA ASN B 959 -20.05 14.08 1.97
C ASN B 959 -21.47 14.54 1.65
N ASP B 960 -21.98 14.21 0.46
CA ASP B 960 -23.31 14.65 0.04
C ASP B 960 -24.26 13.48 -0.20
N CYS B 961 -24.17 12.49 0.66
CA CYS B 961 -24.98 11.26 0.62
C CYS B 961 -25.03 10.65 -0.80
N GLU B 962 -23.85 10.51 -1.40
CA GLU B 962 -23.65 9.83 -2.67
C GLU B 962 -22.50 8.84 -2.57
N LEU B 963 -22.28 8.04 -3.60
CA LEU B 963 -21.25 7.02 -3.51
C LEU B 963 -19.86 7.61 -3.48
N PRO B 964 -18.87 6.85 -2.84
CA PRO B 964 -17.55 7.49 -2.86
C PRO B 964 -16.73 7.14 -4.10
N ARG B 965 -15.54 7.69 -4.24
CA ARG B 965 -14.72 7.39 -5.39
C ARG B 965 -14.47 5.91 -5.50
N TRP B 966 -14.36 5.26 -4.36
CA TRP B 966 -14.06 3.83 -4.26
C TRP B 966 -15.20 3.16 -3.53
N HIS B 967 -16.00 2.39 -4.27
CA HIS B 967 -17.15 1.70 -3.71
C HIS B 967 -17.28 0.35 -4.39
N MET B 968 -18.36 -0.36 -4.05
CA MET B 968 -18.60 -1.70 -4.57
C MET B 968 -20.00 -1.90 -5.10
N HIS B 969 -20.63 -0.86 -5.63
CA HIS B 969 -22.03 -1.00 -6.00
C HIS B 969 -22.19 -1.72 -7.35
N ASP B 970 -21.16 -1.68 -8.20
CA ASP B 970 -21.18 -2.41 -9.46
C ASP B 970 -19.90 -3.24 -9.57
N PHE B 971 -19.78 -3.97 -10.69
CA PHE B 971 -18.65 -4.88 -10.85
C PHE B 971 -17.35 -4.14 -11.15
N PHE B 972 -17.42 -3.03 -11.90
CA PHE B 972 -16.20 -2.38 -12.32
C PHE B 972 -15.50 -1.68 -11.16
N HIS B 973 -16.28 -1.04 -10.29
CA HIS B 973 -15.66 -0.42 -9.11
C HIS B 973 -15.23 -1.46 -8.09
N SER B 974 -15.87 -2.63 -8.06
CA SER B 974 -15.44 -3.65 -7.12
C SER B 974 -14.28 -4.48 -7.67
N PHE B 975 -14.02 -4.39 -8.98
CA PHE B 975 -12.74 -4.87 -9.49
C PHE B 975 -11.61 -3.93 -9.08
N LEU B 976 -11.88 -2.62 -9.04
CA LEU B 976 -10.84 -1.65 -8.77
C LEU B 976 -10.43 -1.65 -7.31
N ILE B 977 -11.33 -2.02 -6.40
CA ILE B 977 -10.94 -2.19 -5.00
C ILE B 977 -10.07 -3.42 -4.83
N VAL B 978 -10.41 -4.51 -5.50
CA VAL B 978 -9.65 -5.75 -5.39
C VAL B 978 -8.30 -5.60 -6.05
N PHE B 979 -8.23 -4.81 -7.14
CA PHE B 979 -6.94 -4.50 -7.74
C PHE B 979 -6.12 -3.57 -6.85
N ARG B 980 -6.78 -2.69 -6.12
CA ARG B 980 -6.07 -1.81 -5.20
C ARG B 980 -5.39 -2.64 -4.13
N VAL B 981 -6.15 -3.50 -3.46
CA VAL B 981 -5.62 -4.30 -2.36
C VAL B 981 -4.34 -5.02 -2.79
N LEU B 982 -4.29 -5.49 -4.03
CA LEU B 982 -3.11 -6.17 -4.54
C LEU B 982 -1.95 -5.23 -4.83
N CYS B 983 -2.20 -3.93 -4.84
CA CYS B 983 -1.17 -2.93 -4.98
C CYS B 983 -0.70 -2.39 -3.63
N GLY B 984 -1.28 -2.86 -2.54
CA GLY B 984 -0.82 -2.52 -1.22
C GLY B 984 -1.71 -1.63 -0.43
N GLU B 985 -2.73 -1.05 -1.06
CA GLU B 985 -3.64 -0.16 -0.36
C GLU B 985 -4.93 -0.85 0.09
N TRP B 986 -4.84 -1.66 1.13
CA TRP B 986 -6.02 -2.32 1.66
C TRP B 986 -6.70 -1.68 2.87
N ILE B 987 -6.05 -0.72 3.52
CA ILE B 987 -6.58 -0.16 4.77
C ILE B 987 -7.66 0.89 4.64
N GLU B 988 -7.52 1.81 3.70
CA GLU B 988 -8.47 2.90 3.57
C GLU B 988 -9.84 2.49 3.09
N THR B 989 -9.92 1.43 2.31
CA THR B 989 -11.17 0.94 1.79
C THR B 989 -11.85 0.08 2.84
N MET B 990 -11.08 -0.46 3.78
CA MET B 990 -11.64 -1.33 4.79
C MET B 990 -12.35 -0.53 5.88
N TRP B 991 -11.90 0.70 6.12
CA TRP B 991 -12.62 1.62 7.00
C TRP B 991 -14.00 1.92 6.49
N ASP B 992 -14.17 1.97 5.18
CA ASP B 992 -15.44 2.33 4.60
C ASP B 992 -16.37 1.14 4.42
N CYS B 993 -15.81 -0.04 4.43
CA CYS B 993 -16.60 -1.27 4.49
C CYS B 993 -17.07 -1.54 5.91
N MET B 994 -16.17 -1.42 6.90
CA MET B 994 -16.53 -1.70 8.29
C MET B 994 -17.54 -0.68 8.83
N GLU B 995 -17.57 0.50 8.23
CA GLU B 995 -18.52 1.53 8.65
C GLU B 995 -19.89 1.26 8.06
N VAL B 996 -19.98 0.31 7.14
CA VAL B 996 -21.17 0.23 6.29
C VAL B 996 -21.78 -1.17 6.36
N ALA B 997 -20.99 -2.16 6.79
CA ALA B 997 -21.40 -3.55 6.81
C ALA B 997 -20.88 -4.30 8.02
N GLY B 998 -20.32 -3.61 8.99
CA GLY B 998 -19.92 -4.29 10.21
C GLY B 998 -18.51 -4.85 10.15
N GLN B 999 -17.89 -4.96 11.32
CA GLN B 999 -16.47 -5.21 11.41
C GLN B 999 -16.12 -6.65 11.09
N THR B 1000 -16.97 -7.59 11.51
CA THR B 1000 -16.66 -9.00 11.38
C THR B 1000 -16.68 -9.45 9.93
N MET B 1001 -17.53 -8.85 9.10
CA MET B 1001 -17.74 -9.37 7.76
C MET B 1001 -16.81 -8.66 6.77
N CYS B 1002 -16.25 -7.52 7.17
CA CYS B 1002 -15.28 -6.85 6.31
C CYS B 1002 -13.84 -7.18 6.71
N LEU B 1003 -13.61 -7.56 7.97
CA LEU B 1003 -12.31 -8.10 8.33
C LEU B 1003 -12.06 -9.43 7.68
N THR B 1004 -13.05 -10.31 7.64
CA THR B 1004 -12.86 -11.64 7.09
C THR B 1004 -12.63 -11.59 5.58
N VAL B 1005 -13.30 -10.68 4.89
CA VAL B 1005 -13.23 -10.64 3.43
C VAL B 1005 -11.94 -9.97 2.97
N PHE B 1006 -11.60 -8.80 3.53
CA PHE B 1006 -10.44 -8.07 2.99
C PHE B 1006 -9.13 -8.71 3.40
N MET B 1007 -9.07 -9.37 4.56
CA MET B 1007 -7.85 -10.07 4.92
C MET B 1007 -7.67 -11.33 4.09
N MET B 1008 -8.76 -11.93 3.63
CA MET B 1008 -8.64 -13.10 2.78
C MET B 1008 -8.16 -12.72 1.38
N VAL B 1009 -8.59 -11.55 0.90
CA VAL B 1009 -8.14 -11.03 -0.39
C VAL B 1009 -6.64 -10.75 -0.37
N MET B 1010 -6.12 -10.22 0.72
CA MET B 1010 -4.71 -9.86 0.75
C MET B 1010 -3.82 -10.97 1.29
N VAL B 1011 -4.39 -12.07 1.74
CA VAL B 1011 -3.57 -13.26 2.02
C VAL B 1011 -3.54 -14.17 0.82
N ILE B 1012 -4.70 -14.48 0.23
CA ILE B 1012 -4.72 -15.36 -0.93
C ILE B 1012 -4.21 -14.64 -2.16
N GLY B 1013 -4.63 -13.39 -2.35
CA GLY B 1013 -4.29 -12.68 -3.58
C GLY B 1013 -2.82 -12.28 -3.65
N ASN B 1014 -2.25 -11.88 -2.51
CA ASN B 1014 -0.83 -11.57 -2.49
C ASN B 1014 0.03 -12.82 -2.53
N LEU B 1015 -0.54 -13.98 -2.24
CA LEU B 1015 0.19 -15.24 -2.37
C LEU B 1015 0.26 -15.69 -3.82
N VAL B 1016 -0.81 -15.42 -4.59
CA VAL B 1016 -0.84 -15.84 -5.99
C VAL B 1016 -0.02 -14.89 -6.86
N VAL B 1017 -0.03 -13.60 -6.54
CA VAL B 1017 0.81 -12.64 -7.26
C VAL B 1017 2.29 -12.93 -6.98
N LEU B 1018 2.60 -13.34 -5.76
CA LEU B 1018 3.98 -13.61 -5.39
C LEU B 1018 4.49 -14.88 -6.06
N ASN B 1019 3.63 -15.86 -6.28
CA ASN B 1019 4.05 -17.07 -7.00
C ASN B 1019 4.16 -16.83 -8.49
N LEU B 1020 3.31 -15.96 -9.05
CA LEU B 1020 3.43 -15.66 -10.47
C LEU B 1020 4.61 -14.76 -10.74
N PHE B 1021 5.02 -13.97 -9.75
CA PHE B 1021 6.23 -13.17 -9.87
C PHE B 1021 7.48 -14.05 -9.89
N LEU B 1022 7.51 -15.10 -9.07
CA LEU B 1022 8.71 -15.91 -8.95
C LEU B 1022 8.78 -16.95 -10.07
N ALA B 1023 7.65 -17.37 -10.59
CA ALA B 1023 7.67 -18.31 -11.71
C ALA B 1023 8.09 -17.61 -13.00
N LEU B 1024 7.80 -16.31 -13.13
CA LEU B 1024 8.33 -15.54 -14.25
C LEU B 1024 9.82 -15.29 -14.08
N LEU B 1025 10.28 -15.25 -12.84
CA LEU B 1025 11.66 -14.92 -12.56
C LEU B 1025 12.55 -16.13 -12.77
N LEU B 1026 12.19 -17.26 -12.17
CA LEU B 1026 13.07 -18.43 -12.18
C LEU B 1026 12.95 -19.23 -13.46
N SER B 1027 12.10 -18.81 -14.39
CA SER B 1027 12.09 -19.45 -15.70
C SER B 1027 12.87 -18.62 -16.72
N SER B 1028 13.03 -17.32 -16.45
CA SER B 1028 13.62 -16.43 -17.45
C SER B 1028 15.14 -16.50 -17.42
N PHE B 1029 15.75 -16.43 -16.24
CA PHE B 1029 17.19 -16.65 -16.14
C PHE B 1029 17.52 -18.02 -15.57
N SER B 1030 16.72 -19.03 -15.93
CA SER B 1030 17.01 -20.41 -15.59
C SER B 1030 18.24 -20.91 -16.34
N GLY B 1234 68.16 13.93 -4.49
CA GLY B 1234 68.46 15.11 -3.69
C GLY B 1234 68.84 14.81 -2.25
N LYS B 1235 69.77 15.59 -1.71
CA LYS B 1235 70.23 15.33 -0.36
C LYS B 1235 69.20 15.78 0.68
N LEU B 1236 68.54 16.91 0.44
CA LEU B 1236 67.47 17.37 1.32
C LEU B 1236 66.09 17.18 0.71
N TRP B 1237 66.00 17.22 -0.62
CA TRP B 1237 64.71 17.12 -1.30
C TRP B 1237 64.10 15.74 -1.16
N TRP B 1238 64.90 14.69 -1.36
CA TRP B 1238 64.40 13.34 -1.17
C TRP B 1238 64.30 12.99 0.31
N ASN B 1239 65.09 13.66 1.15
CA ASN B 1239 65.08 13.35 2.56
C ASN B 1239 63.94 14.05 3.30
N LEU B 1240 63.19 14.90 2.59
CA LEU B 1240 61.91 15.41 3.06
C LEU B 1240 60.76 14.54 2.58
N ARG B 1241 60.97 13.77 1.52
CA ARG B 1241 59.94 12.87 1.01
C ARG B 1241 59.64 11.75 1.98
N LYS B 1242 60.67 11.22 2.64
CA LYS B 1242 60.48 10.14 3.61
C LYS B 1242 59.78 10.65 4.87
N THR B 1243 60.06 11.89 5.27
CA THR B 1243 59.46 12.46 6.47
C THR B 1243 57.97 12.70 6.27
N CYS B 1244 57.58 13.19 5.10
CA CYS B 1244 56.16 13.35 4.80
C CYS B 1244 55.47 11.99 4.63
N TYR B 1245 56.21 10.98 4.18
CA TYR B 1245 55.63 9.65 4.01
C TYR B 1245 55.36 8.99 5.36
N LYS B 1246 56.25 9.22 6.34
CA LYS B 1246 56.04 8.64 7.66
C LYS B 1246 54.86 9.27 8.37
N ILE B 1247 54.56 10.53 8.06
CA ILE B 1247 53.41 11.21 8.66
C ILE B 1247 52.10 10.62 8.15
N VAL B 1248 51.95 10.53 6.83
CA VAL B 1248 50.67 10.12 6.26
C VAL B 1248 50.39 8.63 6.44
N GLU B 1249 51.42 7.82 6.70
CA GLU B 1249 51.27 6.39 6.94
C GLU B 1249 51.12 6.05 8.42
N HIS B 1250 51.09 7.05 9.29
CA HIS B 1250 51.14 6.83 10.73
C HIS B 1250 49.77 6.36 11.23
N ASN B 1251 49.72 5.97 12.50
CA ASN B 1251 48.43 5.56 13.06
C ASN B 1251 47.79 6.70 13.85
N TRP B 1252 48.59 7.68 14.29
CA TRP B 1252 48.02 8.82 14.98
C TRP B 1252 47.55 9.89 13.99
N PHE B 1253 47.94 9.77 12.73
CA PHE B 1253 47.54 10.78 11.75
C PHE B 1253 46.25 10.39 11.04
N GLU B 1254 46.04 9.09 10.81
CA GLU B 1254 44.78 8.63 10.24
C GLU B 1254 43.65 8.85 11.23
N THR B 1255 43.90 8.64 12.52
CA THR B 1255 42.86 8.79 13.52
C THR B 1255 42.59 10.27 13.78
N PHE B 1256 43.53 11.14 13.39
CA PHE B 1256 43.28 12.58 13.49
C PHE B 1256 42.33 13.04 12.39
N ILE B 1257 42.55 12.57 11.16
CA ILE B 1257 41.78 13.06 10.02
C ILE B 1257 40.35 12.54 10.07
N VAL B 1258 40.17 11.28 10.47
CA VAL B 1258 38.83 10.72 10.60
C VAL B 1258 38.07 11.40 11.74
N PHE B 1259 38.80 11.85 12.76
CA PHE B 1259 38.20 12.70 13.79
C PHE B 1259 37.83 14.07 13.23
N MET B 1260 38.64 14.60 12.31
CA MET B 1260 38.34 15.90 11.72
C MET B 1260 37.28 15.79 10.64
N ILE B 1261 37.11 14.60 10.04
CA ILE B 1261 36.05 14.43 9.06
C ILE B 1261 34.70 14.42 9.74
N LEU B 1262 34.59 13.73 10.86
CA LEU B 1262 33.30 13.58 11.51
C LEU B 1262 32.85 14.86 12.22
N LEU B 1263 33.79 15.71 12.65
CA LEU B 1263 33.40 16.98 13.25
C LEU B 1263 33.09 18.02 12.18
N SER B 1264 33.75 17.94 11.02
CA SER B 1264 33.44 18.83 9.92
C SER B 1264 32.06 18.57 9.37
N SER B 1265 31.60 17.33 9.45
CA SER B 1265 30.28 16.97 8.96
C SER B 1265 29.23 17.14 10.04
N GLY B 1266 29.61 16.94 11.30
CA GLY B 1266 28.67 17.17 12.39
C GLY B 1266 28.41 18.64 12.64
N ALA B 1267 29.31 19.51 12.19
CA ALA B 1267 29.09 20.94 12.32
C ALA B 1267 28.06 21.43 11.31
N LEU B 1268 27.73 20.60 10.32
CA LEU B 1268 26.72 20.95 9.34
C LEU B 1268 25.32 20.82 9.92
N ALA B 1269 25.18 20.09 11.03
CA ALA B 1269 23.85 19.85 11.59
C ALA B 1269 23.34 21.04 12.37
N PHE B 1270 24.20 22.01 12.69
CA PHE B 1270 23.80 23.13 13.55
C PHE B 1270 23.27 24.33 12.79
N GLU B 1271 23.09 24.23 11.47
CA GLU B 1271 22.72 25.40 10.67
C GLU B 1271 21.21 25.44 10.42
N ASP B 1272 20.48 25.56 11.52
CA ASP B 1272 19.02 25.55 11.50
C ASP B 1272 18.50 26.93 11.12
N ILE B 1273 17.20 27.15 11.33
CA ILE B 1273 16.66 28.50 11.27
C ILE B 1273 17.13 29.30 12.47
N TYR B 1274 17.36 28.61 13.59
CA TYR B 1274 17.68 29.23 14.87
C TYR B 1274 19.12 29.74 14.96
N ILE B 1275 19.95 29.54 13.95
CA ILE B 1275 21.37 29.79 14.07
C ILE B 1275 21.65 31.30 13.96
N GLU B 1276 20.70 32.07 13.44
CA GLU B 1276 20.84 33.52 13.48
C GLU B 1276 20.58 34.06 14.88
N GLN B 1277 19.74 33.36 15.65
CA GLN B 1277 19.31 33.90 16.94
C GLN B 1277 20.26 33.51 18.06
N ARG B 1278 21.19 32.60 17.79
CA ARG B 1278 22.00 32.08 18.89
C ARG B 1278 23.18 32.99 19.21
N LYS B 1279 23.89 33.46 18.17
CA LYS B 1279 24.96 34.46 18.24
C LYS B 1279 26.18 34.06 19.07
N THR B 1280 26.24 32.81 19.52
CA THR B 1280 27.44 32.33 20.19
C THR B 1280 27.96 31.04 19.57
N ILE B 1281 27.10 30.27 18.91
CA ILE B 1281 27.50 29.03 18.26
C ILE B 1281 27.66 29.40 16.79
N LYS B 1282 27.08 30.53 16.40
CA LYS B 1282 27.21 31.01 15.03
C LYS B 1282 28.63 31.45 14.72
N THR B 1283 29.28 32.16 15.66
CA THR B 1283 30.66 32.57 15.43
C THR B 1283 31.62 31.41 15.65
N MET B 1284 31.22 30.40 16.42
CA MET B 1284 32.01 29.18 16.51
C MET B 1284 31.97 28.41 15.21
N LEU B 1285 30.83 28.47 14.51
CA LEU B 1285 30.73 27.87 13.17
C LEU B 1285 31.59 28.60 12.16
N GLU B 1286 31.77 29.92 12.32
CA GLU B 1286 32.47 30.68 11.30
C GLU B 1286 33.98 30.57 11.47
N TYR B 1287 34.46 30.42 12.71
CA TYR B 1287 35.87 30.11 12.90
C TYR B 1287 36.17 28.67 12.50
N ALA B 1288 35.21 27.76 12.68
CA ALA B 1288 35.45 26.36 12.34
C ALA B 1288 35.41 26.14 10.84
N ASP B 1289 34.82 27.08 10.08
CA ASP B 1289 34.75 26.90 8.64
C ASP B 1289 36.07 27.28 7.99
N LYS B 1290 36.97 27.88 8.76
CA LYS B 1290 38.32 28.15 8.26
C LYS B 1290 39.30 27.08 8.72
N VAL B 1291 39.16 26.65 9.98
CA VAL B 1291 40.09 25.68 10.56
C VAL B 1291 39.92 24.32 9.89
N PHE B 1292 38.68 23.95 9.57
CA PHE B 1292 38.45 22.69 8.87
C PHE B 1292 39.01 22.74 7.45
N THR B 1293 38.88 23.89 6.79
CA THR B 1293 39.37 24.02 5.42
C THR B 1293 40.90 24.03 5.36
N TYR B 1294 41.54 24.66 6.35
CA TYR B 1294 43.00 24.77 6.32
C TYR B 1294 43.66 23.48 6.78
N ILE B 1295 42.91 22.58 7.40
CA ILE B 1295 43.44 21.25 7.66
C ILE B 1295 43.37 20.39 6.41
N PHE B 1296 42.24 20.43 5.70
CA PHE B 1296 42.11 19.57 4.52
C PHE B 1296 42.83 20.15 3.31
N ILE B 1297 43.43 21.33 3.45
CA ILE B 1297 44.41 21.79 2.47
C ILE B 1297 45.81 21.29 2.86
N LEU B 1298 46.14 21.37 4.15
CA LEU B 1298 47.49 21.05 4.59
C LEU B 1298 47.75 19.54 4.57
N GLU B 1299 46.71 18.73 4.80
CA GLU B 1299 46.91 17.29 4.68
C GLU B 1299 46.94 16.87 3.23
N MET B 1300 46.31 17.65 2.35
CA MET B 1300 46.35 17.40 0.92
C MET B 1300 47.73 17.60 0.34
N LEU B 1301 48.42 18.67 0.75
CA LEU B 1301 49.77 18.94 0.24
C LEU B 1301 50.78 17.97 0.83
N LEU B 1302 50.51 17.40 2.00
CA LEU B 1302 51.33 16.30 2.48
C LEU B 1302 51.13 15.06 1.62
N LYS B 1303 49.94 14.88 1.07
CA LYS B 1303 49.70 13.73 0.21
C LYS B 1303 50.30 13.93 -1.17
N TRP B 1304 50.53 15.19 -1.57
CA TRP B 1304 51.27 15.44 -2.81
C TRP B 1304 52.74 15.13 -2.66
N VAL B 1305 53.33 15.46 -1.51
CA VAL B 1305 54.76 15.29 -1.35
C VAL B 1305 55.09 13.83 -1.03
N ALA B 1306 54.23 13.16 -0.26
CA ALA B 1306 54.50 11.78 0.11
C ALA B 1306 54.21 10.79 -1.01
N TYR B 1307 53.50 11.20 -2.06
CA TYR B 1307 53.10 10.29 -3.13
C TYR B 1307 53.65 10.73 -4.48
N GLY B 1308 53.65 12.01 -4.76
CA GLY B 1308 53.89 12.50 -6.11
C GLY B 1308 52.59 12.61 -6.89
N PHE B 1309 52.68 13.28 -8.04
CA PHE B 1309 51.47 13.49 -8.84
C PHE B 1309 51.02 12.22 -9.55
N GLN B 1310 51.92 11.25 -9.72
CA GLN B 1310 51.57 10.05 -10.48
C GLN B 1310 50.82 9.04 -9.61
N VAL B 1311 51.20 8.92 -8.34
CA VAL B 1311 50.53 7.98 -7.45
C VAL B 1311 49.20 8.56 -6.98
N TYR B 1312 49.17 9.86 -6.70
CA TYR B 1312 48.00 10.50 -6.09
C TYR B 1312 46.85 10.63 -7.07
N PHE B 1313 47.16 10.90 -8.34
CA PHE B 1313 46.11 11.10 -9.33
C PHE B 1313 45.69 9.81 -10.04
N THR B 1314 46.08 8.65 -9.52
CA THR B 1314 45.53 7.39 -9.99
C THR B 1314 44.68 6.69 -8.95
N ASN B 1315 44.59 7.22 -7.73
CA ASN B 1315 43.68 6.73 -6.72
C ASN B 1315 42.37 7.48 -6.86
N ALA B 1316 41.30 6.74 -7.11
CA ALA B 1316 40.00 7.36 -7.34
C ALA B 1316 39.44 7.98 -6.07
N TRP B 1317 39.85 7.48 -4.90
CA TRP B 1317 39.41 8.09 -3.66
C TRP B 1317 40.17 9.39 -3.38
N CYS B 1318 41.36 9.53 -3.95
CA CYS B 1318 42.05 10.82 -3.85
C CYS B 1318 41.48 11.82 -4.84
N TRP B 1319 40.81 11.35 -5.88
CA TRP B 1319 40.07 12.25 -6.76
C TRP B 1319 38.81 12.77 -6.09
N LEU B 1320 38.18 11.95 -5.26
CA LEU B 1320 37.01 12.41 -4.51
C LEU B 1320 37.40 13.46 -3.48
N ASP B 1321 38.56 13.30 -2.84
CA ASP B 1321 39.01 14.29 -1.86
C ASP B 1321 39.62 15.50 -2.53
N PHE B 1322 40.00 15.39 -3.81
CA PHE B 1322 40.53 16.54 -4.52
C PHE B 1322 39.42 17.51 -4.93
N LEU B 1323 38.28 16.97 -5.32
CA LEU B 1323 37.19 17.82 -5.82
C LEU B 1323 36.49 18.55 -4.68
N ILE B 1324 36.48 17.95 -3.48
CA ILE B 1324 35.82 18.57 -2.34
C ILE B 1324 36.63 19.78 -1.85
N VAL B 1325 37.95 19.73 -2.02
CA VAL B 1325 38.77 20.88 -1.64
C VAL B 1325 38.56 22.04 -2.62
N ASP B 1326 38.29 21.73 -3.88
CA ASP B 1326 38.13 22.78 -4.90
C ASP B 1326 36.87 23.60 -4.67
N VAL B 1327 35.81 22.98 -4.16
CA VAL B 1327 34.63 23.74 -3.74
C VAL B 1327 34.98 24.62 -2.55
N SER B 1328 35.86 24.14 -1.68
CA SER B 1328 36.27 24.91 -0.52
C SER B 1328 37.23 26.03 -0.91
N LEU B 1329 38.06 25.79 -1.93
CA LEU B 1329 39.04 26.80 -2.33
C LEU B 1329 38.38 27.98 -3.03
N VAL B 1330 37.37 27.72 -3.87
CA VAL B 1330 36.76 28.77 -4.68
C VAL B 1330 35.95 29.73 -3.83
N SER B 1331 35.13 29.20 -2.92
CA SER B 1331 34.30 30.06 -2.08
C SER B 1331 35.13 30.74 -0.99
N LEU B 1332 36.33 30.23 -0.73
CA LEU B 1332 37.23 30.95 0.17
C LEU B 1332 37.90 32.11 -0.56
N THR B 1333 38.34 31.89 -1.80
CA THR B 1333 39.11 32.91 -2.50
C THR B 1333 38.19 33.94 -3.14
N ALA B 1334 36.88 33.68 -3.14
CA ALA B 1334 35.91 34.70 -3.51
C ALA B 1334 35.44 35.50 -2.31
N ASN B 1335 35.43 34.89 -1.12
CA ASN B 1335 35.20 35.60 0.13
C ASN B 1335 36.48 36.23 0.68
N ALA B 1336 37.54 36.30 -0.15
CA ALA B 1336 38.78 36.97 0.22
C ALA B 1336 39.14 38.01 -0.83
N LEU B 1337 38.79 37.74 -2.10
CA LEU B 1337 38.98 38.73 -3.16
C LEU B 1337 38.01 39.88 -2.99
N GLY B 1338 36.74 39.55 -2.73
CA GLY B 1338 35.72 40.55 -2.57
C GLY B 1338 34.37 40.13 -3.14
N TYR B 1339 34.36 39.04 -3.91
CA TYR B 1339 33.12 38.49 -4.46
C TYR B 1339 32.32 37.76 -3.38
N SER B 1340 31.73 38.55 -2.48
CA SER B 1340 31.02 37.96 -1.34
C SER B 1340 29.71 37.34 -1.79
N GLU B 1341 28.94 38.06 -2.59
CA GLU B 1341 27.59 37.65 -2.96
C GLU B 1341 27.43 37.70 -4.46
N LEU B 1342 27.04 36.57 -5.04
CA LEU B 1342 26.80 36.45 -6.48
C LEU B 1342 25.92 35.22 -6.65
N GLY B 1343 25.37 35.06 -7.85
CA GLY B 1343 24.47 33.95 -8.11
C GLY B 1343 25.14 32.59 -8.04
N ALA B 1344 26.46 32.55 -8.24
CA ALA B 1344 27.18 31.28 -8.17
C ALA B 1344 27.79 31.07 -6.78
N ILE B 1345 28.40 32.11 -6.22
CA ILE B 1345 29.19 31.96 -5.00
C ILE B 1345 28.29 31.72 -3.80
N LYS B 1346 27.11 32.33 -3.79
CA LYS B 1346 26.14 32.06 -2.73
C LYS B 1346 25.52 30.67 -2.89
N SER B 1347 25.62 30.09 -4.09
CA SER B 1347 25.02 28.78 -4.32
C SER B 1347 26.05 27.67 -4.19
N LEU B 1348 27.34 28.00 -4.20
CA LEU B 1348 28.37 26.99 -3.93
C LEU B 1348 28.40 26.63 -2.46
N ARG B 1349 27.88 27.51 -1.60
CA ARG B 1349 27.86 27.25 -0.17
C ARG B 1349 26.90 26.12 0.18
N THR B 1350 25.89 25.89 -0.68
CA THR B 1350 25.00 24.75 -0.50
C THR B 1350 25.70 23.43 -0.80
N LEU B 1351 26.86 23.46 -1.46
CA LEU B 1351 27.62 22.25 -1.73
C LEU B 1351 28.51 21.84 -0.57
N ARG B 1352 28.28 22.34 0.64
CA ARG B 1352 28.99 21.77 1.79
C ARG B 1352 28.35 20.49 2.28
N ALA B 1353 27.20 20.11 1.72
CA ALA B 1353 26.58 18.84 2.06
C ALA B 1353 27.31 17.67 1.40
N LEU B 1354 28.25 17.95 0.50
CA LEU B 1354 29.10 16.91 -0.08
C LEU B 1354 30.27 16.57 0.81
N ARG B 1355 30.60 17.41 1.78
CA ARG B 1355 31.67 17.15 2.75
C ARG B 1355 31.58 15.84 3.52
N PRO B 1356 30.40 15.26 3.83
CA PRO B 1356 30.41 13.90 4.39
C PRO B 1356 30.89 12.80 3.45
N LEU B 1357 31.09 13.06 2.15
CA LEU B 1357 31.57 12.00 1.25
C LEU B 1357 33.03 11.65 1.48
N ARG B 1358 33.74 12.41 2.32
CA ARG B 1358 35.10 12.06 2.71
C ARG B 1358 35.13 10.81 3.59
N ALA B 1359 34.01 10.45 4.20
CA ALA B 1359 33.98 9.32 5.11
C ALA B 1359 33.89 7.99 4.37
N LEU B 1360 33.64 8.02 3.06
CA LEU B 1360 33.49 6.79 2.29
C LEU B 1360 34.82 6.03 2.18
N SER B 1361 35.91 6.74 1.94
CA SER B 1361 37.20 6.05 1.78
C SER B 1361 37.87 5.81 3.12
N ARG B 1362 37.21 6.16 4.22
CA ARG B 1362 37.85 6.01 5.53
C ARG B 1362 37.38 4.75 6.26
N PHE B 1363 36.22 4.24 5.89
CA PHE B 1363 35.65 3.08 6.57
C PHE B 1363 35.55 1.90 5.61
N GLU B 1364 35.94 0.72 6.08
CA GLU B 1364 35.88 -0.46 5.22
C GLU B 1364 34.46 -0.97 5.06
N GLY B 1365 33.56 -0.57 5.95
CA GLY B 1365 32.18 -0.95 5.78
C GLY B 1365 31.51 -0.21 4.64
N MET B 1366 31.83 1.06 4.47
CA MET B 1366 31.26 1.84 3.37
C MET B 1366 32.01 1.58 2.08
N ARG B 1367 33.27 1.16 2.16
CA ARG B 1367 34.06 1.03 0.94
C ARG B 1367 33.73 -0.26 0.21
N VAL B 1368 33.43 -1.33 0.96
CA VAL B 1368 33.09 -2.62 0.36
C VAL B 1368 31.73 -2.56 -0.33
N VAL B 1369 30.80 -1.80 0.25
CA VAL B 1369 29.46 -1.74 -0.32
C VAL B 1369 29.43 -0.87 -1.57
N VAL B 1370 30.18 0.24 -1.56
CA VAL B 1370 30.30 1.09 -2.76
C VAL B 1370 30.99 0.34 -3.90
N ASN B 1371 31.99 -0.48 -3.59
CA ASN B 1371 32.67 -1.25 -4.62
C ASN B 1371 31.78 -2.35 -5.18
N ALA B 1372 30.77 -2.77 -4.43
CA ALA B 1372 29.89 -3.82 -4.92
C ALA B 1372 28.69 -3.23 -5.66
N LEU B 1373 28.36 -1.96 -5.40
CA LEU B 1373 27.31 -1.30 -6.17
C LEU B 1373 27.84 -0.78 -7.50
N LEU B 1374 29.01 -0.14 -7.50
CA LEU B 1374 29.55 0.40 -8.74
C LEU B 1374 30.06 -0.71 -9.66
N GLY B 1375 30.29 -1.90 -9.12
CA GLY B 1375 30.66 -3.02 -9.97
C GLY B 1375 29.49 -3.56 -10.76
N ALA B 1376 28.27 -3.36 -10.26
CA ALA B 1376 27.06 -3.80 -10.93
C ALA B 1376 26.43 -2.72 -11.78
N ILE B 1377 27.08 -1.56 -11.91
CA ILE B 1377 26.45 -0.41 -12.57
C ILE B 1377 26.25 -0.57 -14.09
N PRO B 1378 27.09 -1.37 -14.87
CA PRO B 1378 26.72 -1.52 -16.29
C PRO B 1378 25.47 -2.35 -16.52
N SER B 1379 25.18 -3.27 -15.60
CA SER B 1379 24.00 -4.12 -15.74
C SER B 1379 22.73 -3.33 -15.49
N ILE B 1380 22.80 -2.35 -14.59
CA ILE B 1380 21.66 -1.50 -14.28
C ILE B 1380 21.37 -0.55 -15.44
N MET B 1381 22.42 -0.02 -16.07
CA MET B 1381 22.25 0.95 -17.15
C MET B 1381 21.64 0.32 -18.39
N ASN B 1382 21.89 -0.96 -18.63
CA ASN B 1382 21.30 -1.60 -19.80
C ASN B 1382 19.84 -1.96 -19.53
N VAL B 1383 19.47 -2.06 -18.26
CA VAL B 1383 18.08 -2.27 -17.89
C VAL B 1383 17.35 -0.94 -17.77
N LEU B 1384 18.03 0.07 -17.22
CA LEU B 1384 17.44 1.41 -17.14
C LEU B 1384 17.19 2.00 -18.52
N LEU B 1385 18.01 1.63 -19.51
CA LEU B 1385 17.70 2.01 -20.88
C LEU B 1385 16.40 1.39 -21.39
N VAL B 1386 16.14 0.14 -21.02
CA VAL B 1386 14.88 -0.50 -21.44
C VAL B 1386 13.69 0.14 -20.74
N CYS B 1387 13.84 0.40 -19.44
CA CYS B 1387 12.77 0.98 -18.64
C CYS B 1387 12.42 2.40 -19.08
N LEU B 1388 13.40 3.15 -19.60
CA LEU B 1388 13.09 4.47 -20.12
C LEU B 1388 12.46 4.40 -21.50
N ILE B 1389 12.80 3.38 -22.29
CA ILE B 1389 12.14 3.18 -23.58
C ILE B 1389 10.74 2.62 -23.36
N PHE B 1390 10.60 1.72 -22.39
CA PHE B 1390 9.30 1.07 -22.17
C PHE B 1390 8.32 2.03 -21.50
N TRP B 1391 8.81 2.90 -20.62
CA TRP B 1391 7.93 3.93 -20.06
C TRP B 1391 7.78 5.12 -20.98
N LEU B 1392 8.54 5.18 -22.07
CA LEU B 1392 8.33 6.23 -23.05
C LEU B 1392 7.06 5.96 -23.85
N ILE B 1393 6.74 4.69 -24.07
CA ILE B 1393 5.54 4.31 -24.81
C ILE B 1393 4.29 4.67 -24.02
N PHE B 1394 4.33 4.45 -22.70
CA PHE B 1394 3.21 4.82 -21.87
C PHE B 1394 3.11 6.33 -21.69
N SER B 1395 4.22 7.05 -21.84
CA SER B 1395 4.19 8.48 -21.58
C SER B 1395 3.76 9.27 -22.80
N ILE B 1396 4.11 8.79 -24.01
CA ILE B 1396 3.58 9.42 -25.21
C ILE B 1396 2.12 9.06 -25.38
N MET B 1397 1.72 7.87 -24.92
CA MET B 1397 0.31 7.50 -24.89
C MET B 1397 -0.46 8.37 -23.91
N GLY B 1398 0.17 8.76 -22.81
CA GLY B 1398 -0.49 9.60 -21.83
C GLY B 1398 -0.67 11.03 -22.28
N VAL B 1399 0.22 11.53 -23.13
CA VAL B 1399 0.07 12.90 -23.64
C VAL B 1399 -1.05 12.95 -24.67
N ASN B 1400 -1.28 11.84 -25.37
CA ASN B 1400 -2.35 11.78 -26.35
C ASN B 1400 -3.72 11.74 -25.69
N LEU B 1401 -3.83 11.05 -24.55
CA LEU B 1401 -5.11 10.91 -23.89
C LEU B 1401 -5.47 12.17 -23.13
N PHE B 1402 -4.47 12.86 -22.62
CA PHE B 1402 -4.49 13.87 -21.57
C PHE B 1402 -3.80 15.05 -22.24
N ALA B 1403 -3.06 15.88 -21.48
CA ALA B 1403 -2.35 17.08 -21.98
C ALA B 1403 -3.28 18.17 -22.43
N GLY B 1404 -3.84 18.87 -21.45
CA GLY B 1404 -4.71 19.99 -21.65
C GLY B 1404 -6.02 19.80 -20.96
N LYS B 1405 -6.26 18.62 -20.44
CA LYS B 1405 -7.55 18.20 -19.97
C LYS B 1405 -7.60 18.13 -18.46
N PHE B 1406 -6.51 18.51 -17.78
CA PHE B 1406 -6.50 18.59 -16.34
C PHE B 1406 -6.71 20.01 -15.84
N TYR B 1407 -6.96 20.98 -16.71
CA TYR B 1407 -7.26 22.33 -16.29
C TYR B 1407 -8.70 22.45 -15.83
N HIS B 1408 -8.93 23.25 -14.79
CA HIS B 1408 -10.23 23.40 -14.16
C HIS B 1408 -10.31 24.73 -13.45
N CYS B 1409 -11.51 25.28 -13.32
CA CYS B 1409 -11.69 26.46 -12.48
C CYS B 1409 -12.19 26.08 -11.10
N ILE B 1410 -11.73 26.86 -10.13
CA ILE B 1410 -12.03 26.66 -8.72
C ILE B 1410 -12.47 27.99 -8.13
N ASN B 1411 -13.27 27.93 -7.08
CA ASN B 1411 -13.53 29.09 -6.24
C ASN B 1411 -12.38 29.14 -5.25
N TYR B 1412 -11.49 30.13 -5.38
CA TYR B 1412 -10.26 30.06 -4.59
C TYR B 1412 -10.45 30.54 -3.16
N THR B 1413 -11.63 31.03 -2.79
CA THR B 1413 -11.85 31.35 -1.39
C THR B 1413 -12.15 30.08 -0.59
N THR B 1414 -12.45 28.98 -1.28
CA THR B 1414 -12.64 27.68 -0.67
C THR B 1414 -11.86 26.56 -1.36
N GLY B 1415 -11.48 26.73 -2.62
CA GLY B 1415 -10.62 25.75 -3.27
C GLY B 1415 -11.34 24.55 -3.86
N GLU B 1416 -12.64 24.68 -4.16
CA GLU B 1416 -13.44 23.58 -4.65
C GLU B 1416 -13.79 23.80 -6.11
N MET B 1417 -13.83 22.71 -6.88
CA MET B 1417 -14.00 22.72 -8.34
C MET B 1417 -15.44 23.01 -8.77
N PHE B 1418 -15.62 24.00 -9.64
CA PHE B 1418 -16.94 24.43 -10.06
C PHE B 1418 -17.72 23.32 -10.75
N ASP B 1419 -19.03 23.46 -10.74
CA ASP B 1419 -19.89 22.48 -11.41
C ASP B 1419 -19.86 22.69 -12.92
N VAL B 1420 -20.31 21.66 -13.63
CA VAL B 1420 -20.42 21.76 -15.08
C VAL B 1420 -21.66 22.57 -15.44
N SER B 1421 -22.63 22.63 -14.53
CA SER B 1421 -23.78 23.50 -14.72
C SER B 1421 -23.41 24.97 -14.54
N VAL B 1422 -22.38 25.26 -13.76
CA VAL B 1422 -22.01 26.65 -13.53
C VAL B 1422 -20.93 27.10 -14.51
N VAL B 1423 -19.80 26.39 -14.54
CA VAL B 1423 -18.72 26.68 -15.48
C VAL B 1423 -18.54 25.50 -16.41
N ASN B 1424 -18.79 25.69 -17.71
CA ASN B 1424 -18.71 24.57 -18.64
C ASN B 1424 -17.31 24.46 -19.25
N ASN B 1425 -16.62 25.58 -19.40
CA ASN B 1425 -15.38 25.61 -20.15
C ASN B 1425 -14.55 26.81 -19.70
N TYR B 1426 -13.44 27.03 -20.41
CA TYR B 1426 -12.59 28.19 -20.12
C TYR B 1426 -13.28 29.50 -20.49
N SER B 1427 -14.19 29.49 -21.46
CA SER B 1427 -14.87 30.72 -21.85
C SER B 1427 -15.84 31.18 -20.76
N GLU B 1428 -16.50 30.24 -20.08
CA GLU B 1428 -17.42 30.61 -19.00
C GLU B 1428 -16.66 31.08 -17.77
N CYS B 1429 -15.43 30.62 -17.59
CA CYS B 1429 -14.68 30.97 -16.37
C CYS B 1429 -13.99 32.31 -16.51
N LYS B 1430 -13.45 32.61 -17.69
CA LYS B 1430 -12.92 33.93 -17.96
C LYS B 1430 -14.02 34.99 -17.94
N ALA B 1431 -15.26 34.58 -18.18
CA ALA B 1431 -16.41 35.47 -18.00
C ALA B 1431 -16.61 35.82 -16.52
N LEU B 1432 -16.25 34.91 -15.61
CA LEU B 1432 -16.40 35.21 -14.18
C LEU B 1432 -15.29 36.12 -13.68
N ILE B 1433 -14.04 35.84 -14.07
CA ILE B 1433 -12.90 36.63 -13.63
C ILE B 1433 -12.96 38.07 -14.11
N GLU B 1434 -13.40 38.31 -15.33
CA GLU B 1434 -13.68 39.66 -15.80
C GLU B 1434 -14.89 40.29 -15.11
N SER B 1435 -15.78 39.48 -14.55
CA SER B 1435 -16.90 39.97 -13.75
C SER B 1435 -16.54 40.08 -12.28
N ASN B 1436 -15.23 40.01 -11.99
CA ASN B 1436 -14.63 40.07 -10.66
C ASN B 1436 -15.22 39.05 -9.70
N GLN B 1437 -15.10 37.78 -10.05
CA GLN B 1437 -15.43 36.71 -9.13
C GLN B 1437 -14.12 36.16 -8.60
N THR B 1438 -14.21 35.09 -7.83
CA THR B 1438 -13.00 34.39 -7.40
C THR B 1438 -12.90 33.05 -8.13
N ALA B 1439 -12.20 33.10 -9.26
CA ALA B 1439 -12.02 31.92 -10.10
C ALA B 1439 -10.56 31.86 -10.56
N ARG B 1440 -10.06 30.65 -10.79
CA ARG B 1440 -8.73 30.45 -11.36
C ARG B 1440 -8.72 29.23 -12.25
N TRP B 1441 -8.27 29.39 -13.49
CA TRP B 1441 -8.06 28.26 -14.37
C TRP B 1441 -6.74 27.60 -13.99
N LYS B 1442 -6.82 26.55 -13.18
CA LYS B 1442 -5.72 25.96 -12.45
C LYS B 1442 -5.37 24.61 -13.07
N ASN B 1443 -4.11 24.21 -13.01
CA ASN B 1443 -3.67 22.92 -13.50
C ASN B 1443 -3.31 22.04 -12.31
N VAL B 1444 -2.82 20.82 -12.57
CA VAL B 1444 -2.70 19.83 -11.50
C VAL B 1444 -1.25 19.68 -11.04
N LYS B 1445 -0.30 20.19 -11.82
CA LYS B 1445 1.11 20.46 -11.48
C LYS B 1445 1.95 19.19 -11.40
N VAL B 1446 1.31 18.02 -11.40
CA VAL B 1446 1.92 16.77 -11.85
C VAL B 1446 0.92 16.16 -12.82
N ASN B 1447 1.18 16.31 -14.11
CA ASN B 1447 0.18 16.08 -15.13
C ASN B 1447 0.85 15.44 -16.36
N PHE B 1448 0.16 15.38 -17.49
CA PHE B 1448 0.70 14.80 -18.70
C PHE B 1448 0.85 15.80 -19.84
N ASP B 1449 1.18 17.06 -19.54
CA ASP B 1449 1.33 18.06 -20.60
C ASP B 1449 2.55 17.80 -21.46
N ASN B 1450 3.62 17.27 -20.89
CA ASN B 1450 4.84 16.97 -21.61
C ASN B 1450 5.11 15.49 -21.52
N VAL B 1451 6.14 15.05 -22.23
CA VAL B 1451 6.71 13.73 -21.96
C VAL B 1451 7.52 13.77 -20.67
N GLY B 1452 8.17 14.90 -20.39
CA GLY B 1452 8.98 15.01 -19.18
C GLY B 1452 8.15 15.06 -17.90
N LEU B 1453 7.04 15.81 -17.93
CA LEU B 1453 6.11 15.75 -16.81
C LEU B 1453 5.32 14.46 -16.81
N GLY B 1454 5.29 13.77 -17.94
CA GLY B 1454 4.66 12.46 -17.98
C GLY B 1454 5.49 11.39 -17.31
N TYR B 1455 6.81 11.52 -17.34
CA TYR B 1455 7.66 10.62 -16.57
C TYR B 1455 7.48 10.82 -15.08
N LEU B 1456 7.17 12.04 -14.66
CA LEU B 1456 7.00 12.29 -13.24
C LEU B 1456 5.62 11.82 -12.78
N SER B 1457 4.65 11.80 -13.70
CA SER B 1457 3.32 11.31 -13.36
C SER B 1457 3.30 9.80 -13.26
N LEU B 1458 4.15 9.11 -14.04
CA LEU B 1458 4.10 7.65 -14.03
C LEU B 1458 4.91 7.06 -12.90
N LEU B 1459 5.71 7.89 -12.22
CA LEU B 1459 6.53 7.40 -11.13
C LEU B 1459 5.80 7.55 -9.81
N GLN B 1460 4.81 8.43 -9.77
CA GLN B 1460 3.88 8.43 -8.65
C GLN B 1460 2.88 7.29 -8.79
N VAL B 1461 2.60 6.86 -10.02
CA VAL B 1461 1.66 5.78 -10.22
C VAL B 1461 2.34 4.43 -10.00
N ALA B 1462 3.60 4.31 -10.41
CA ALA B 1462 4.33 3.05 -10.25
C ALA B 1462 4.65 2.75 -8.80
N THR B 1463 4.81 3.77 -7.97
CA THR B 1463 5.15 3.53 -6.58
C THR B 1463 3.93 3.53 -5.67
N PHE B 1464 2.82 4.05 -6.17
CA PHE B 1464 1.57 4.10 -5.42
C PHE B 1464 1.50 5.23 -4.40
N LYS B 1465 2.17 6.31 -4.72
CA LYS B 1465 2.21 7.48 -3.88
C LYS B 1465 1.97 8.69 -4.76
N GLY B 1466 0.79 9.28 -4.69
CA GLY B 1466 0.43 10.32 -5.61
C GLY B 1466 -0.53 9.89 -6.67
N TRP B 1467 -0.74 8.59 -6.82
CA TRP B 1467 -1.55 8.10 -7.91
C TRP B 1467 -3.06 8.28 -7.73
N MET B 1468 -3.52 8.70 -6.56
CA MET B 1468 -4.94 9.03 -6.44
C MET B 1468 -5.27 10.34 -7.12
N ASP B 1469 -4.40 11.33 -7.00
CA ASP B 1469 -4.65 12.65 -7.56
C ASP B 1469 -4.61 12.65 -9.09
N ILE B 1470 -3.72 11.84 -9.65
CA ILE B 1470 -3.54 11.75 -11.09
C ILE B 1470 -4.71 11.03 -11.74
N MET B 1471 -5.25 10.04 -11.04
CA MET B 1471 -6.35 9.25 -11.60
C MET B 1471 -7.69 9.91 -11.40
N TYR B 1472 -7.79 10.80 -10.46
CA TYR B 1472 -9.04 11.48 -10.31
C TYR B 1472 -9.15 12.55 -11.38
N ALA B 1473 -8.00 13.00 -11.88
CA ALA B 1473 -7.98 14.02 -12.92
C ALA B 1473 -8.14 13.40 -14.30
N ALA B 1474 -7.64 12.17 -14.48
CA ALA B 1474 -7.77 11.49 -15.76
C ALA B 1474 -9.19 11.04 -16.02
N VAL B 1475 -9.85 10.54 -14.97
CA VAL B 1475 -11.19 10.02 -15.10
C VAL B 1475 -12.19 11.17 -15.23
N ASP B 1476 -11.83 12.35 -14.73
CA ASP B 1476 -12.69 13.50 -14.94
C ASP B 1476 -12.35 14.24 -16.22
N SER B 1477 -11.30 13.81 -16.93
CA SER B 1477 -10.81 14.57 -18.08
C SER B 1477 -11.80 14.50 -19.22
N ARG B 1478 -12.31 15.66 -19.63
CA ARG B 1478 -13.39 15.71 -20.58
C ARG B 1478 -12.82 16.06 -21.94
N ASN B 1479 -12.21 17.23 -22.11
CA ASN B 1479 -11.54 17.61 -23.36
C ASN B 1479 -10.71 18.87 -23.09
N VAL B 1480 -9.87 19.23 -24.06
CA VAL B 1480 -9.06 20.44 -23.95
C VAL B 1480 -9.99 21.65 -24.04
N GLU B 1481 -9.82 22.58 -23.10
CA GLU B 1481 -10.55 23.84 -22.85
C GLU B 1481 -11.94 23.61 -22.27
N LEU B 1482 -12.24 22.44 -21.70
CA LEU B 1482 -13.53 22.18 -21.10
C LEU B 1482 -13.37 21.85 -19.63
N GLN B 1483 -14.38 22.19 -18.83
CA GLN B 1483 -14.37 21.88 -17.41
C GLN B 1483 -14.47 20.37 -17.21
N PRO B 1484 -13.75 19.82 -16.25
CA PRO B 1484 -13.88 18.40 -15.96
C PRO B 1484 -15.18 18.08 -15.24
N LYS B 1485 -15.76 16.95 -15.62
CA LYS B 1485 -17.00 16.44 -15.05
C LYS B 1485 -16.71 15.11 -14.36
N TYR B 1486 -17.39 14.85 -13.26
CA TYR B 1486 -17.09 13.72 -12.41
C TYR B 1486 -17.30 12.36 -13.06
N GLU B 1487 -16.19 11.65 -13.20
CA GLU B 1487 -16.11 10.33 -13.80
C GLU B 1487 -16.71 10.24 -15.19
N ASP B 1488 -16.59 11.31 -15.97
CA ASP B 1488 -17.09 11.30 -17.32
C ASP B 1488 -16.30 10.33 -18.19
N ASN B 1489 -14.98 10.37 -18.07
CA ASN B 1489 -14.13 9.47 -18.85
C ASN B 1489 -13.69 8.32 -17.95
N LEU B 1490 -14.67 7.53 -17.52
CA LEU B 1490 -14.50 6.56 -16.43
C LEU B 1490 -13.56 5.45 -16.73
N TYR B 1491 -13.54 5.02 -17.96
CA TYR B 1491 -12.77 3.82 -18.30
C TYR B 1491 -11.31 4.11 -18.54
N MET B 1492 -10.85 5.30 -18.16
CA MET B 1492 -9.43 5.61 -18.18
C MET B 1492 -8.69 5.03 -16.99
N TYR B 1493 -9.38 4.35 -16.07
CA TYR B 1493 -8.68 3.54 -15.09
C TYR B 1493 -7.96 2.38 -15.76
N LEU B 1494 -8.48 1.89 -16.89
CA LEU B 1494 -7.84 0.77 -17.58
C LEU B 1494 -6.51 1.17 -18.19
N TYR B 1495 -6.26 2.47 -18.38
CA TYR B 1495 -4.92 2.92 -18.71
C TYR B 1495 -3.97 2.67 -17.56
N PHE B 1496 -4.37 3.03 -16.35
CA PHE B 1496 -3.49 2.93 -15.19
C PHE B 1496 -3.34 1.49 -14.73
N VAL B 1497 -4.35 0.66 -14.94
CA VAL B 1497 -4.26 -0.77 -14.65
C VAL B 1497 -3.23 -1.44 -15.55
N ILE B 1498 -3.26 -1.09 -16.84
CA ILE B 1498 -2.34 -1.70 -17.81
C ILE B 1498 -0.90 -1.23 -17.57
N PHE B 1499 -0.70 0.02 -17.16
CA PHE B 1499 0.65 0.46 -16.83
C PHE B 1499 1.19 -0.19 -15.56
N ILE B 1500 0.35 -0.41 -14.54
CA ILE B 1500 0.82 -1.12 -13.35
C ILE B 1500 1.11 -2.59 -13.67
N ILE B 1501 0.36 -3.21 -14.57
CA ILE B 1501 0.72 -4.57 -14.99
C ILE B 1501 1.99 -4.55 -15.82
N PHE B 1502 2.08 -3.70 -16.83
CA PHE B 1502 3.27 -3.82 -17.67
C PHE B 1502 4.45 -3.02 -17.16
N GLY B 1503 4.24 -1.76 -16.79
CA GLY B 1503 5.38 -0.91 -16.48
C GLY B 1503 5.75 -0.91 -15.01
N SER B 1504 5.12 -1.78 -14.22
CA SER B 1504 5.50 -1.91 -12.83
C SER B 1504 5.69 -3.36 -12.39
N PHE B 1505 4.91 -4.29 -12.94
CA PHE B 1505 5.04 -5.69 -12.55
C PHE B 1505 6.04 -6.41 -13.44
N PHE B 1506 6.06 -6.09 -14.74
CA PHE B 1506 7.03 -6.73 -15.63
C PHE B 1506 8.32 -5.93 -15.71
N THR B 1507 8.25 -4.62 -15.54
CA THR B 1507 9.45 -3.80 -15.47
C THR B 1507 10.29 -4.14 -14.25
N LEU B 1508 9.65 -4.32 -13.10
CA LEU B 1508 10.37 -4.71 -11.89
C LEU B 1508 10.85 -6.15 -11.98
N ASN B 1509 10.15 -6.98 -12.75
CA ASN B 1509 10.53 -8.39 -12.87
C ASN B 1509 11.80 -8.54 -13.69
N LEU B 1510 12.00 -7.66 -14.67
CA LEU B 1510 13.21 -7.72 -15.49
C LEU B 1510 14.38 -7.10 -14.74
N PHE B 1511 14.10 -6.16 -13.84
CA PHE B 1511 15.15 -5.50 -13.08
C PHE B 1511 15.72 -6.41 -12.00
N ILE B 1512 14.86 -7.12 -11.28
CA ILE B 1512 15.30 -8.02 -10.22
C ILE B 1512 16.06 -9.20 -10.81
N GLY B 1513 15.68 -9.64 -12.00
CA GLY B 1513 16.33 -10.78 -12.60
C GLY B 1513 17.73 -10.49 -13.11
N VAL B 1514 18.01 -9.22 -13.39
CA VAL B 1514 19.33 -8.85 -13.89
C VAL B 1514 20.30 -8.62 -12.73
N ILE B 1515 19.84 -8.04 -11.62
CA ILE B 1515 20.70 -7.85 -10.47
C ILE B 1515 21.10 -9.17 -9.83
N ILE B 1516 20.16 -10.10 -9.73
CA ILE B 1516 20.46 -11.42 -9.17
C ILE B 1516 21.41 -12.17 -10.10
N ASP B 1517 21.25 -12.03 -11.41
CA ASP B 1517 22.16 -12.67 -12.36
C ASP B 1517 23.54 -12.02 -12.31
N ASN B 1518 23.61 -10.72 -12.01
CA ASN B 1518 24.91 -10.09 -11.85
C ASN B 1518 25.47 -10.35 -10.46
N PHE B 1519 24.60 -10.65 -9.50
CA PHE B 1519 25.07 -11.00 -8.16
C PHE B 1519 25.79 -12.34 -8.17
N ASN B 1520 25.36 -13.26 -9.03
CA ASN B 1520 25.99 -14.58 -9.03
C ASN B 1520 27.31 -14.57 -9.79
N GLN B 1521 27.51 -13.58 -10.66
CA GLN B 1521 28.78 -13.48 -11.38
C GLN B 1521 29.79 -12.62 -10.64
N GLN B 1522 29.30 -11.65 -9.87
CA GLN B 1522 30.20 -10.83 -9.06
C GLN B 1522 30.68 -11.61 -7.84
N LYS B 1523 29.87 -12.56 -7.38
CA LYS B 1523 30.29 -13.46 -6.31
C LYS B 1523 31.19 -14.56 -6.86
N LYS B 1524 31.16 -14.77 -8.17
CA LYS B 1524 31.98 -15.81 -8.78
C LYS B 1524 33.34 -15.26 -9.22
N LYS B 1525 33.36 -14.01 -9.70
CA LYS B 1525 34.60 -13.38 -10.15
C LYS B 1525 35.59 -13.18 -9.02
N PHE B 1526 35.10 -12.92 -7.81
CA PHE B 1526 35.97 -12.78 -6.64
C PHE B 1526 36.57 -14.11 -6.20
N GLY B 1527 36.11 -15.23 -6.76
CA GLY B 1527 36.63 -16.54 -6.40
C GLY B 1527 35.67 -17.62 -5.92
N GLY B 1528 34.73 -17.38 -5.01
CA GLY B 1528 34.60 -16.22 -4.13
C GLY B 1528 33.38 -16.38 -3.28
N GLN B 1529 33.10 -15.40 -2.41
CA GLN B 1529 32.07 -15.59 -1.40
C GLN B 1529 31.61 -14.24 -0.84
N ASP B 1530 30.33 -14.21 -0.46
CA ASP B 1530 29.65 -13.30 0.48
C ASP B 1530 30.08 -11.83 0.48
N ILE B 1531 29.85 -11.12 -0.63
CA ILE B 1531 30.11 -9.69 -0.69
C ILE B 1531 29.20 -8.94 0.27
N PHE B 1532 29.60 -7.70 0.58
CA PHE B 1532 29.13 -6.72 1.59
C PHE B 1532 29.67 -7.03 2.98
N MET B 1533 30.61 -7.97 3.13
CA MET B 1533 31.32 -8.19 4.38
C MET B 1533 32.81 -7.92 4.18
N THR B 1534 33.44 -7.32 5.17
CA THR B 1534 34.85 -6.98 5.08
C THR B 1534 35.71 -8.16 5.54
N GLU B 1535 37.02 -7.96 5.66
CA GLU B 1535 37.93 -9.06 5.95
C GLU B 1535 37.90 -9.44 7.43
N GLU B 1536 37.78 -8.45 8.31
CA GLU B 1536 37.60 -8.74 9.73
C GLU B 1536 36.20 -9.29 9.99
N GLN B 1537 35.23 -8.86 9.18
CA GLN B 1537 33.83 -9.15 9.45
C GLN B 1537 33.45 -10.54 8.95
N LYS B 1538 34.33 -11.22 8.23
CA LYS B 1538 34.13 -12.61 7.84
C LYS B 1538 34.60 -13.58 8.92
N LYS B 1539 35.66 -13.22 9.64
CA LYS B 1539 36.18 -14.12 10.67
C LYS B 1539 35.31 -14.07 11.92
N TYR B 1540 34.55 -13.00 12.10
CA TYR B 1540 33.48 -13.01 13.11
C TYR B 1540 32.28 -13.81 12.65
N TYR B 1541 32.18 -14.05 11.35
CA TYR B 1541 31.06 -14.73 10.70
C TYR B 1541 31.30 -16.23 10.58
N ASN B 1542 32.53 -16.63 10.25
CA ASN B 1542 32.84 -18.05 10.07
C ASN B 1542 32.94 -18.81 11.39
N ALA B 1543 33.06 -18.11 12.51
CA ALA B 1543 33.05 -18.78 13.81
C ALA B 1543 31.69 -18.71 14.47
N MET B 1544 30.88 -17.70 14.13
CA MET B 1544 29.50 -17.63 14.60
C MET B 1544 28.63 -18.65 13.88
N LYS B 1545 29.00 -18.99 12.64
CA LYS B 1545 28.38 -20.08 11.92
C LYS B 1545 28.64 -21.42 12.59
N LYS B 1546 29.86 -21.60 13.11
CA LYS B 1546 30.21 -22.85 13.79
C LYS B 1546 29.52 -22.94 15.15
N LEU B 1547 29.25 -21.80 15.77
CA LEU B 1547 28.63 -21.79 17.09
C LEU B 1547 27.16 -22.17 17.03
N GLY B 1548 26.42 -21.59 16.08
CA GLY B 1548 24.99 -21.81 16.03
C GLY B 1548 24.58 -23.17 15.50
N SER B 1549 25.51 -23.92 14.91
CA SER B 1549 25.27 -25.30 14.51
C SER B 1549 26.24 -26.19 15.28
N LYS B 1550 25.87 -26.49 16.53
CA LYS B 1550 26.46 -27.48 17.43
C LYS B 1550 25.65 -27.46 18.71
N LYS B 1551 26.02 -28.34 19.65
CA LYS B 1551 25.35 -28.41 20.96
C LYS B 1551 26.26 -29.17 21.92
N PRO B 1552 26.25 -28.85 23.21
CA PRO B 1552 27.07 -29.60 24.18
C PRO B 1552 26.38 -30.86 24.66
N GLN B 1553 27.17 -31.70 25.32
CA GLN B 1553 26.69 -32.96 25.88
C GLN B 1553 27.08 -33.08 27.35
N LYS B 1554 26.07 -33.41 28.16
CA LYS B 1554 26.14 -33.69 29.60
C LYS B 1554 26.81 -32.63 30.49
N PRO B 1555 26.35 -31.34 30.53
CA PRO B 1555 26.66 -30.55 31.73
C PRO B 1555 25.70 -30.88 32.85
N ILE B 1556 26.13 -31.70 33.80
CA ILE B 1556 25.26 -32.27 34.83
C ILE B 1556 26.10 -32.79 35.99
N PRO B 1557 26.69 -31.91 36.85
CA PRO B 1557 27.42 -32.48 38.00
C PRO B 1557 26.50 -33.13 39.02
N ARG B 1558 25.97 -32.32 39.97
CA ARG B 1558 24.64 -32.13 40.57
C ARG B 1558 24.91 -31.42 41.90
N PRO B 1559 23.89 -31.02 42.66
CA PRO B 1559 24.04 -31.02 44.12
C PRO B 1559 24.01 -32.48 44.59
N ALA B 1560 25.09 -32.90 45.26
CA ALA B 1560 25.56 -34.28 45.17
C ALA B 1560 24.69 -35.30 45.92
N ASN B 1561 24.67 -35.22 47.24
CA ASN B 1561 23.91 -36.18 48.06
C ASN B 1561 23.44 -35.46 49.30
N LYS B 1562 22.21 -34.96 49.26
CA LYS B 1562 21.62 -34.20 50.35
C LYS B 1562 20.10 -34.25 50.12
N PHE B 1563 19.34 -33.46 50.87
CA PHE B 1563 17.96 -33.18 50.52
C PHE B 1563 17.86 -32.46 49.18
N GLN B 1564 18.91 -31.69 48.83
CA GLN B 1564 18.98 -30.96 47.57
C GLN B 1564 19.04 -31.88 46.35
N GLY B 1565 19.43 -33.14 46.52
CA GLY B 1565 19.55 -34.03 45.38
C GLY B 1565 18.21 -34.53 44.89
N MET B 1566 17.29 -34.82 45.81
CA MET B 1566 15.93 -35.22 45.44
C MET B 1566 15.07 -34.03 45.03
N VAL B 1567 15.41 -32.82 45.50
CA VAL B 1567 14.86 -31.60 44.91
C VAL B 1567 15.32 -31.48 43.46
N PHE B 1568 16.62 -31.71 43.22
CA PHE B 1568 17.21 -31.67 41.88
C PHE B 1568 16.66 -32.76 40.98
N ASP B 1569 16.16 -33.85 41.55
CA ASP B 1569 15.50 -34.88 40.75
C ASP B 1569 14.20 -34.35 40.14
N PHE B 1570 13.39 -33.68 40.96
CA PHE B 1570 12.04 -33.30 40.54
C PHE B 1570 12.04 -32.04 39.68
N VAL B 1571 12.95 -31.10 39.95
CA VAL B 1571 12.93 -29.82 39.26
C VAL B 1571 13.49 -29.94 37.85
N THR B 1572 14.41 -30.88 37.64
CA THR B 1572 14.97 -31.14 36.32
C THR B 1572 13.98 -31.87 35.41
N LYS B 1573 12.88 -32.41 35.96
CA LYS B 1573 11.91 -33.16 35.19
C LYS B 1573 11.17 -32.28 34.18
N GLN B 1574 10.63 -32.94 33.15
CA GLN B 1574 9.84 -32.27 32.13
C GLN B 1574 8.53 -31.73 32.68
N VAL B 1575 8.04 -32.28 33.80
CA VAL B 1575 6.85 -31.77 34.45
C VAL B 1575 7.07 -30.35 34.95
N PHE B 1576 8.25 -30.08 35.51
CA PHE B 1576 8.59 -28.71 35.91
C PHE B 1576 8.96 -27.86 34.70
N ASP B 1577 9.35 -28.49 33.60
CA ASP B 1577 9.76 -27.73 32.43
C ASP B 1577 8.54 -27.21 31.66
N ILE B 1578 7.54 -28.08 31.45
CA ILE B 1578 6.41 -27.67 30.63
C ILE B 1578 5.44 -26.81 31.43
N SER B 1579 5.46 -26.91 32.77
CA SER B 1579 4.49 -26.16 33.56
C SER B 1579 4.86 -24.68 33.65
N ILE B 1580 6.12 -24.35 33.39
CA ILE B 1580 6.51 -22.94 33.37
C ILE B 1580 6.13 -22.32 32.03
N MET B 1581 6.20 -23.11 30.95
CA MET B 1581 5.84 -22.59 29.63
C MET B 1581 4.35 -22.35 29.50
N ILE B 1582 3.52 -23.21 30.12
CA ILE B 1582 2.08 -22.99 30.12
C ILE B 1582 1.75 -21.76 30.96
N LEU B 1583 2.52 -21.51 32.01
CA LEU B 1583 2.20 -20.45 32.94
C LEU B 1583 2.80 -19.11 32.50
N ILE B 1584 3.63 -19.14 31.45
CA ILE B 1584 3.97 -17.90 30.74
C ILE B 1584 2.86 -17.56 29.75
N CYS B 1585 2.24 -18.59 29.15
CA CYS B 1585 1.09 -18.36 28.29
C CYS B 1585 -0.10 -17.82 29.08
N LEU B 1586 -0.20 -18.15 30.37
CA LEU B 1586 -1.21 -17.52 31.20
C LEU B 1586 -0.83 -16.09 31.55
N ASN B 1587 0.46 -15.75 31.43
CA ASN B 1587 0.88 -14.38 31.67
C ASN B 1587 0.73 -13.54 30.42
N MET B 1588 0.78 -14.16 29.24
CA MET B 1588 0.60 -13.41 28.02
C MET B 1588 -0.87 -13.02 27.84
N VAL B 1589 -1.78 -13.82 28.36
CA VAL B 1589 -3.21 -13.53 28.25
C VAL B 1589 -3.62 -12.45 29.24
N THR B 1590 -2.97 -12.38 30.41
CA THR B 1590 -3.37 -11.37 31.39
C THR B 1590 -2.75 -10.01 31.11
N MET B 1591 -1.89 -9.89 30.09
CA MET B 1591 -1.47 -8.57 29.64
C MET B 1591 -2.35 -8.08 28.50
N MET B 1592 -3.06 -8.99 27.83
CA MET B 1592 -3.90 -8.62 26.71
C MET B 1592 -5.25 -8.05 27.17
N VAL B 1593 -5.60 -8.26 28.43
CA VAL B 1593 -6.89 -7.79 28.93
C VAL B 1593 -6.85 -6.34 29.38
N GLU B 1594 -5.71 -5.66 29.26
CA GLU B 1594 -5.64 -4.25 29.62
C GLU B 1594 -6.31 -3.40 28.56
N THR B 1595 -6.95 -2.33 29.01
CA THR B 1595 -7.77 -1.47 28.19
C THR B 1595 -7.65 -0.06 28.75
N ASP B 1596 -7.66 0.93 27.86
CA ASP B 1596 -7.75 2.31 28.30
C ASP B 1596 -9.08 2.56 28.99
N ASP B 1597 -9.01 3.29 30.12
CA ASP B 1597 -10.16 3.65 30.95
C ASP B 1597 -10.89 2.43 31.49
N GLN B 1598 -10.16 1.51 32.09
CA GLN B 1598 -10.77 0.38 32.77
C GLN B 1598 -11.08 0.75 34.21
N SER B 1599 -11.90 -0.09 34.86
CA SER B 1599 -12.39 0.20 36.20
C SER B 1599 -11.28 0.07 37.23
N GLN B 1600 -11.54 0.62 38.41
CA GLN B 1600 -10.55 0.56 39.49
C GLN B 1600 -10.47 -0.85 40.07
N GLU B 1601 -11.58 -1.57 40.10
CA GLU B 1601 -11.56 -2.95 40.59
C GLU B 1601 -10.88 -3.87 39.59
N MET B 1602 -10.88 -3.50 38.31
CA MET B 1602 -10.17 -4.27 37.31
C MET B 1602 -8.66 -4.05 37.43
N THR B 1603 -8.26 -2.86 37.89
CA THR B 1603 -6.84 -2.55 38.02
C THR B 1603 -6.23 -3.29 39.21
N ASN B 1604 -7.00 -3.45 40.29
CA ASN B 1604 -6.49 -4.14 41.47
C ASN B 1604 -6.32 -5.63 41.24
N ILE B 1605 -7.31 -6.28 40.62
CA ILE B 1605 -7.27 -7.70 40.30
C ILE B 1605 -6.11 -7.99 39.36
N LEU B 1606 -5.91 -7.12 38.38
CA LEU B 1606 -4.73 -7.24 37.53
C LEU B 1606 -3.45 -6.87 38.25
N TYR B 1607 -3.53 -6.14 39.36
CA TYR B 1607 -2.30 -5.94 40.14
C TYR B 1607 -2.00 -7.14 41.02
N TRP B 1608 -3.01 -7.70 41.69
CA TRP B 1608 -2.77 -8.85 42.56
C TRP B 1608 -2.44 -10.11 41.78
N ILE B 1609 -2.81 -10.20 40.50
CA ILE B 1609 -2.38 -11.34 39.70
C ILE B 1609 -0.99 -11.11 39.15
N ASN B 1610 -0.63 -9.86 38.84
CA ASN B 1610 0.74 -9.57 38.46
C ASN B 1610 1.66 -9.51 39.66
N LEU B 1611 1.09 -9.43 40.86
CA LEU B 1611 1.90 -9.67 42.05
C LEU B 1611 2.26 -11.14 42.15
N VAL B 1612 1.29 -12.02 41.95
CA VAL B 1612 1.47 -13.43 42.26
C VAL B 1612 2.15 -14.13 41.09
N PHE B 1613 2.31 -13.45 39.95
CA PHE B 1613 3.21 -13.97 38.94
C PHE B 1613 4.66 -13.60 39.24
N ILE B 1614 4.88 -12.38 39.75
CA ILE B 1614 6.24 -11.95 40.10
C ILE B 1614 6.82 -12.80 41.23
N VAL B 1615 6.00 -13.15 42.22
CA VAL B 1615 6.46 -14.00 43.32
C VAL B 1615 6.65 -15.43 42.84
N LEU B 1616 5.91 -15.82 41.80
CA LEU B 1616 6.05 -17.16 41.27
C LEU B 1616 7.32 -17.27 40.44
N PHE B 1617 7.59 -16.27 39.59
CA PHE B 1617 8.77 -16.36 38.72
C PHE B 1617 10.05 -16.01 39.48
N THR B 1618 9.96 -15.21 40.54
CA THR B 1618 11.09 -15.06 41.44
C THR B 1618 11.35 -16.37 42.17
N GLY B 1619 10.28 -17.04 42.60
CA GLY B 1619 10.44 -18.32 43.28
C GLY B 1619 10.89 -19.42 42.34
N GLU B 1620 10.71 -19.23 41.04
CA GLU B 1620 11.17 -20.24 40.08
C GLU B 1620 12.65 -20.09 39.80
N CYS B 1621 13.17 -18.86 39.91
CA CYS B 1621 14.58 -18.65 39.61
C CYS B 1621 15.43 -18.69 40.88
N VAL B 1622 14.84 -18.39 42.04
CA VAL B 1622 15.60 -18.50 43.28
C VAL B 1622 15.68 -19.95 43.71
N LEU B 1623 14.81 -20.81 43.17
CA LEU B 1623 14.87 -22.23 43.48
C LEU B 1623 15.94 -22.92 42.65
N LYS B 1624 16.24 -22.38 41.46
CA LYS B 1624 17.36 -22.86 40.68
C LYS B 1624 18.69 -22.56 41.37
N LEU B 1625 18.73 -21.47 42.16
CA LEU B 1625 19.96 -21.10 42.83
C LEU B 1625 20.22 -21.96 44.06
N ILE B 1626 19.16 -22.54 44.62
CA ILE B 1626 19.32 -23.40 45.79
C ILE B 1626 19.66 -24.81 45.37
N SER B 1627 19.01 -25.32 44.32
CA SER B 1627 19.17 -26.72 43.92
C SER B 1627 20.03 -26.85 42.67
N LEU B 1628 20.67 -25.77 42.25
CA LEU B 1628 21.78 -25.88 41.29
C LEU B 1628 22.74 -24.76 41.65
N ARG B 1629 23.69 -25.05 42.53
CA ARG B 1629 24.39 -24.01 43.27
C ARG B 1629 25.55 -23.45 42.48
N TYR B 1630 26.31 -24.35 41.82
CA TYR B 1630 27.70 -24.06 41.49
C TYR B 1630 27.82 -23.08 40.33
N TYR B 1631 27.04 -23.27 39.26
CA TYR B 1631 27.20 -22.39 38.11
C TYR B 1631 25.95 -21.56 37.89
N TYR B 1632 24.83 -22.16 37.46
CA TYR B 1632 23.58 -21.60 36.94
C TYR B 1632 23.78 -20.75 35.65
N PHE B 1633 25.00 -20.40 35.25
CA PHE B 1633 25.20 -19.42 34.19
C PHE B 1633 26.04 -19.96 33.04
N THR B 1634 25.90 -21.25 32.72
CA THR B 1634 26.63 -21.78 31.57
C THR B 1634 25.91 -21.47 30.26
N ILE B 1635 24.62 -21.77 30.18
CA ILE B 1635 23.85 -21.54 28.96
C ILE B 1635 23.13 -20.21 29.06
N GLY B 1636 22.65 -19.71 27.92
CA GLY B 1636 22.20 -18.34 27.86
C GLY B 1636 20.81 -18.11 28.43
N TRP B 1637 19.93 -19.11 28.31
CA TRP B 1637 18.53 -18.92 28.69
C TRP B 1637 18.37 -18.77 30.20
N ASN B 1638 19.35 -19.23 30.97
CA ASN B 1638 19.31 -18.98 32.41
C ASN B 1638 19.85 -17.60 32.75
N ILE B 1639 20.84 -17.13 31.99
CA ILE B 1639 21.32 -15.75 32.14
C ILE B 1639 20.23 -14.78 31.72
N PHE B 1640 19.47 -15.13 30.68
CA PHE B 1640 18.36 -14.30 30.26
C PHE B 1640 17.23 -14.32 31.28
N ASP B 1641 17.06 -15.45 31.97
CA ASP B 1641 15.93 -15.57 32.89
C ASP B 1641 16.18 -14.77 34.15
N PHE B 1642 17.43 -14.67 34.59
CA PHE B 1642 17.75 -13.95 35.81
C PHE B 1642 17.54 -12.44 35.67
N VAL B 1643 17.91 -11.87 34.53
CA VAL B 1643 17.84 -10.43 34.34
C VAL B 1643 16.39 -9.98 34.19
N VAL B 1644 15.56 -10.81 33.58
CA VAL B 1644 14.14 -10.48 33.37
C VAL B 1644 13.40 -10.45 34.70
N VAL B 1645 13.79 -11.32 35.63
CA VAL B 1645 13.21 -11.33 36.98
C VAL B 1645 13.57 -10.05 37.72
N ILE B 1646 14.83 -9.61 37.61
CA ILE B 1646 15.31 -8.44 38.35
C ILE B 1646 14.63 -7.16 37.87
N LEU B 1647 14.49 -6.99 36.55
CA LEU B 1647 13.90 -5.76 36.01
C LEU B 1647 12.41 -5.68 36.33
N SER B 1648 11.75 -6.83 36.48
CA SER B 1648 10.37 -6.85 36.93
C SER B 1648 10.24 -6.43 38.38
N ILE B 1649 11.20 -6.87 39.21
CA ILE B 1649 11.21 -6.48 40.63
C ILE B 1649 11.49 -4.99 40.77
N VAL B 1650 12.45 -4.48 39.99
CA VAL B 1650 12.74 -3.05 39.94
C VAL B 1650 11.51 -2.26 39.50
N GLY B 1651 10.74 -2.82 38.56
CA GLY B 1651 9.50 -2.18 38.16
C GLY B 1651 8.42 -2.24 39.23
N MET B 1652 8.62 -3.08 40.24
CA MET B 1652 7.69 -3.12 41.37
C MET B 1652 8.29 -2.41 42.59
N PHE B 1653 9.58 -2.63 42.87
CA PHE B 1653 10.19 -2.07 44.07
C PHE B 1653 10.40 -0.57 43.96
N LEU B 1654 10.98 -0.11 42.85
CA LEU B 1654 11.20 1.32 42.65
C LEU B 1654 9.89 2.05 42.40
N ALA B 1655 8.84 1.32 42.01
CA ALA B 1655 7.51 1.92 41.85
C ALA B 1655 6.96 2.43 43.18
N GLU B 1656 7.33 1.78 44.29
CA GLU B 1656 6.93 2.29 45.59
C GLU B 1656 7.74 3.52 45.96
N LEU B 1657 8.93 3.66 45.38
CA LEU B 1657 9.71 4.89 45.54
C LEU B 1657 9.15 5.98 44.62
N ILE B 1658 8.50 5.58 43.52
CA ILE B 1658 7.85 6.53 42.62
C ILE B 1658 6.66 7.20 43.33
N GLU B 1659 5.93 6.45 44.13
CA GLU B 1659 4.86 7.05 44.92
C GLU B 1659 5.39 7.63 46.24
N LYS B 1660 6.70 7.56 46.46
CA LYS B 1660 7.28 8.13 47.67
C LYS B 1660 8.12 9.38 47.34
N TYR B 1661 8.73 9.40 46.17
CA TYR B 1661 9.81 10.35 45.91
C TYR B 1661 9.65 10.92 44.50
N PHE B 1662 10.72 11.55 43.98
CA PHE B 1662 10.84 12.15 42.65
C PHE B 1662 10.26 11.26 41.55
N VAL B 1663 9.30 11.82 40.81
CA VAL B 1663 8.36 11.05 40.03
C VAL B 1663 8.47 11.46 38.56
N SER B 1664 8.20 10.52 37.67
CA SER B 1664 7.94 10.77 36.26
C SER B 1664 7.11 9.60 35.73
N PRO B 1665 5.92 9.84 35.21
CA PRO B 1665 5.08 8.74 34.74
C PRO B 1665 5.59 8.15 33.43
N THR B 1666 6.30 8.95 32.64
CA THR B 1666 6.82 8.47 31.36
C THR B 1666 7.96 7.48 31.53
N LEU B 1667 8.59 7.46 32.71
CA LEU B 1667 9.55 6.39 33.00
C LEU B 1667 8.85 5.19 33.61
N PHE B 1668 7.62 5.38 34.10
CA PHE B 1668 6.86 4.25 34.63
C PHE B 1668 6.28 3.42 33.48
N ARG B 1669 6.03 4.05 32.34
CA ARG B 1669 5.51 3.33 31.18
C ARG B 1669 6.59 2.44 30.58
N VAL B 1670 7.85 2.83 30.75
CA VAL B 1670 8.95 2.19 30.02
C VAL B 1670 9.54 1.04 30.82
N ILE B 1671 9.67 1.19 32.13
CA ILE B 1671 10.27 0.13 32.93
C ILE B 1671 9.27 -1.01 33.12
N ARG B 1672 7.98 -0.70 33.00
CA ARG B 1672 6.95 -1.73 33.05
C ARG B 1672 6.97 -2.63 31.80
N LEU B 1673 7.69 -2.22 30.75
CA LEU B 1673 7.86 -3.03 29.55
C LEU B 1673 8.83 -4.18 29.76
N ALA B 1674 9.36 -4.37 30.97
CA ALA B 1674 10.35 -5.42 31.20
C ALA B 1674 9.71 -6.79 31.22
N ARG B 1675 8.42 -6.88 31.55
CA ARG B 1675 7.80 -8.19 31.66
C ARG B 1675 7.38 -8.76 30.32
N ILE B 1676 7.59 -8.03 29.22
CA ILE B 1676 7.45 -8.60 27.90
C ILE B 1676 8.66 -9.47 27.54
N GLY B 1677 9.73 -9.34 28.32
CA GLY B 1677 10.85 -10.25 28.18
C GLY B 1677 10.54 -11.67 28.60
N ARG B 1678 9.57 -11.87 29.49
CA ARG B 1678 9.16 -13.22 29.86
C ARG B 1678 8.54 -13.96 28.68
N ILE B 1679 7.89 -13.22 27.78
CA ILE B 1679 7.24 -13.81 26.60
C ILE B 1679 8.27 -14.40 25.65
N LEU B 1680 9.48 -13.85 25.66
CA LEU B 1680 10.54 -14.30 24.76
C LEU B 1680 11.09 -15.67 25.15
N ARG B 1681 10.74 -16.17 26.33
CA ARG B 1681 11.20 -17.47 26.80
C ARG B 1681 10.41 -18.60 26.15
N LEU B 1682 9.33 -18.29 25.44
CA LEU B 1682 8.60 -19.28 24.66
C LEU B 1682 9.33 -19.71 23.41
N ILE B 1683 10.39 -18.98 23.03
CA ILE B 1683 11.19 -19.32 21.86
C ILE B 1683 12.14 -20.47 22.17
N LYS B 1684 12.31 -20.81 23.44
CA LYS B 1684 13.26 -21.80 23.94
C LYS B 1684 13.05 -23.18 23.33
N GLY B 1685 11.79 -23.55 23.08
CA GLY B 1685 11.50 -24.87 22.56
C GLY B 1685 11.26 -24.92 21.07
N ALA B 1686 10.86 -23.79 20.47
CA ALA B 1686 10.39 -23.76 19.08
C ALA B 1686 11.59 -23.83 18.13
N LYS B 1687 11.90 -25.06 17.72
CA LYS B 1687 12.98 -25.27 16.77
C LYS B 1687 12.43 -25.21 15.36
N GLY B 1688 12.95 -24.25 14.59
CA GLY B 1688 12.41 -23.89 13.29
C GLY B 1688 12.07 -22.42 13.20
N ILE B 1689 11.58 -21.83 14.30
CA ILE B 1689 11.68 -20.40 14.51
C ILE B 1689 13.11 -19.99 14.83
N ARG B 1690 13.82 -20.76 15.64
CA ARG B 1690 15.23 -20.58 15.93
C ARG B 1690 16.11 -20.72 14.70
N THR B 1691 15.68 -21.49 13.70
CA THR B 1691 16.39 -21.51 12.43
C THR B 1691 16.15 -20.20 11.68
N LEU B 1692 14.93 -19.67 11.76
CA LEU B 1692 14.65 -18.39 11.14
C LEU B 1692 15.36 -17.26 11.85
N LEU B 1693 15.49 -17.35 13.18
CA LEU B 1693 16.13 -16.26 13.92
C LEU B 1693 17.65 -16.29 13.79
N PHE B 1694 18.22 -17.46 13.52
CA PHE B 1694 19.67 -17.54 13.46
C PHE B 1694 20.21 -17.03 12.13
N ALA B 1695 19.58 -17.42 11.03
CA ALA B 1695 19.99 -16.90 9.72
C ALA B 1695 19.56 -15.45 9.54
N LEU B 1696 18.65 -14.99 10.39
CA LEU B 1696 18.43 -13.57 10.58
C LEU B 1696 19.68 -12.89 11.13
N MET B 1697 20.24 -13.47 12.19
CA MET B 1697 21.35 -12.87 12.92
C MET B 1697 22.68 -13.07 12.19
N MET B 1698 22.72 -13.96 11.20
CA MET B 1698 23.89 -14.10 10.33
C MET B 1698 24.06 -12.93 9.39
N SER B 1699 22.99 -12.23 9.03
CA SER B 1699 23.07 -11.17 8.04
C SER B 1699 23.31 -9.80 8.65
N LEU B 1700 23.22 -9.69 9.98
CA LEU B 1700 23.56 -8.45 10.69
C LEU B 1700 24.96 -7.89 10.41
N PRO B 1701 26.00 -8.68 10.10
CA PRO B 1701 27.21 -8.03 9.59
C PRO B 1701 27.08 -7.38 8.23
N ALA B 1702 26.49 -8.07 7.24
CA ALA B 1702 26.39 -7.50 5.90
C ALA B 1702 25.34 -6.40 5.84
N LEU B 1703 24.34 -6.45 6.72
CA LEU B 1703 23.30 -5.42 6.71
C LEU B 1703 23.76 -4.19 7.47
N PHE B 1704 24.77 -4.34 8.32
CA PHE B 1704 25.35 -3.18 9.00
C PHE B 1704 26.14 -2.32 8.04
N ASN B 1705 26.86 -2.96 7.11
CA ASN B 1705 27.70 -2.23 6.17
C ASN B 1705 26.86 -1.41 5.20
N ILE B 1706 25.68 -1.93 4.83
CA ILE B 1706 24.82 -1.24 3.88
C ILE B 1706 24.00 -0.19 4.59
N GLY B 1707 23.73 -0.40 5.88
CA GLY B 1707 23.00 0.60 6.65
C GLY B 1707 23.85 1.79 7.04
N LEU B 1708 25.18 1.68 6.91
CA LEU B 1708 26.03 2.84 7.08
C LEU B 1708 26.10 3.67 5.82
N LEU B 1709 26.09 3.01 4.66
CA LEU B 1709 26.07 3.74 3.39
C LEU B 1709 24.70 4.36 3.15
N LEU B 1710 23.67 3.87 3.84
CA LEU B 1710 22.36 4.49 3.74
C LEU B 1710 22.15 5.57 4.78
N PHE B 1711 22.85 5.48 5.92
CA PHE B 1711 22.82 6.58 6.87
C PHE B 1711 23.65 7.77 6.38
N LEU B 1712 24.66 7.51 5.55
CA LEU B 1712 25.46 8.60 5.00
C LEU B 1712 24.67 9.35 3.94
N VAL B 1713 23.87 8.64 3.15
CA VAL B 1713 23.04 9.26 2.12
C VAL B 1713 21.85 10.00 2.76
N MET B 1714 21.29 9.45 3.85
CA MET B 1714 20.29 10.18 4.61
C MET B 1714 20.85 11.46 5.19
N PHE B 1715 22.09 11.41 5.68
CA PHE B 1715 22.68 12.57 6.34
C PHE B 1715 23.00 13.67 5.33
N ILE B 1716 23.45 13.29 4.14
CA ILE B 1716 23.76 14.26 3.09
C ILE B 1716 22.48 14.91 2.56
N TYR B 1717 21.45 14.10 2.31
CA TYR B 1717 20.18 14.65 1.83
C TYR B 1717 19.43 15.42 2.90
N ALA B 1718 19.76 15.21 4.17
CA ALA B 1718 19.13 15.99 5.23
C ALA B 1718 19.76 17.37 5.35
N ILE B 1719 21.00 17.53 4.88
CA ILE B 1719 21.65 18.84 4.92
C ILE B 1719 21.27 19.66 3.69
N PHE B 1720 21.10 19.02 2.54
CA PHE B 1720 20.55 19.71 1.38
C PHE B 1720 19.15 20.20 1.65
N GLY B 1721 18.30 19.35 2.23
CA GLY B 1721 16.92 19.73 2.44
C GLY B 1721 16.74 20.74 3.55
N MET B 1722 17.66 20.76 4.51
CA MET B 1722 17.52 21.70 5.62
C MET B 1722 17.87 23.11 5.18
N SER B 1723 18.80 23.25 4.25
CA SER B 1723 19.19 24.57 3.78
C SER B 1723 18.27 25.07 2.69
N ASN B 1724 17.71 24.17 1.90
CA ASN B 1724 16.86 24.59 0.77
C ASN B 1724 15.41 24.75 1.17
N PHE B 1725 14.89 23.85 2.01
CA PHE B 1725 13.46 23.64 2.15
C PHE B 1725 12.94 24.02 3.52
N ALA B 1726 13.66 24.85 4.27
CA ALA B 1726 13.24 25.17 5.63
C ALA B 1726 12.19 26.27 5.64
N TYR B 1727 12.05 26.98 4.54
CA TYR B 1727 11.15 28.12 4.45
C TYR B 1727 10.01 27.87 3.49
N VAL B 1728 9.92 26.65 2.96
CA VAL B 1728 8.84 26.27 2.07
C VAL B 1728 7.51 26.29 2.82
N LYS B 1729 6.48 26.81 2.15
CA LYS B 1729 5.14 27.00 2.72
C LYS B 1729 4.54 25.69 3.24
N ARG B 1730 3.79 25.79 4.33
CA ARG B 1730 3.20 24.64 5.02
C ARG B 1730 1.93 24.19 4.30
N GLU B 1731 2.13 23.57 3.15
CA GLU B 1731 1.08 22.89 2.40
C GLU B 1731 1.07 21.41 2.82
N VAL B 1732 0.74 20.47 1.91
CA VAL B 1732 0.20 19.13 2.19
C VAL B 1732 1.03 18.37 3.22
N GLY B 1733 2.28 18.06 2.89
CA GLY B 1733 3.03 17.18 3.75
C GLY B 1733 3.95 17.86 4.74
N ILE B 1734 4.05 19.19 4.65
CA ILE B 1734 4.93 19.99 5.49
C ILE B 1734 4.06 20.78 6.47
N ASP B 1735 4.37 20.66 7.75
CA ASP B 1735 3.57 21.30 8.79
C ASP B 1735 4.51 21.86 9.85
N ASP B 1736 3.97 22.18 11.03
CA ASP B 1736 4.79 22.75 12.09
C ASP B 1736 5.60 21.69 12.84
N MET B 1737 5.49 20.44 12.44
CA MET B 1737 5.92 19.32 13.26
C MET B 1737 6.82 18.39 12.47
N PHE B 1738 6.60 18.32 11.15
CA PHE B 1738 7.25 17.38 10.26
C PHE B 1738 7.66 18.14 9.01
N ASN B 1739 8.90 18.62 9.00
CA ASN B 1739 9.36 19.53 7.94
C ASN B 1739 10.88 19.51 7.81
N PHE B 1740 11.44 20.49 7.12
CA PHE B 1740 12.89 20.58 6.93
C PHE B 1740 13.51 21.74 7.68
N GLU B 1741 12.93 22.15 8.80
CA GLU B 1741 13.44 23.32 9.50
C GLU B 1741 14.74 23.03 10.21
N THR B 1742 14.79 21.99 11.02
CA THR B 1742 16.01 21.64 11.74
C THR B 1742 16.50 20.28 11.29
N PHE B 1743 17.57 19.82 11.92
CA PHE B 1743 18.17 18.55 11.56
C PHE B 1743 17.40 17.38 12.16
N GLY B 1744 16.76 17.58 13.31
CA GLY B 1744 15.92 16.52 13.84
C GLY B 1744 14.66 16.33 13.01
N ASN B 1745 14.12 17.43 12.50
CA ASN B 1745 12.95 17.38 11.63
C ASN B 1745 13.28 16.76 10.27
N SER B 1746 14.50 16.97 9.79
CA SER B 1746 14.83 16.55 8.43
C SER B 1746 15.13 15.07 8.39
N MET B 1747 15.54 14.49 9.50
CA MET B 1747 15.91 13.07 9.52
C MET B 1747 14.70 12.19 9.73
N ILE B 1748 13.60 12.74 10.24
CA ILE B 1748 12.39 11.94 10.35
C ILE B 1748 11.60 12.03 9.06
N CYS B 1749 11.96 12.98 8.18
CA CYS B 1749 11.31 13.04 6.87
C CYS B 1749 12.07 12.22 5.85
N LEU B 1750 13.38 12.07 6.00
CA LEU B 1750 14.15 11.26 5.07
C LEU B 1750 14.03 9.78 5.41
N PHE B 1751 13.78 9.45 6.67
CA PHE B 1751 13.47 8.08 7.03
C PHE B 1751 12.11 7.65 6.47
N GLN B 1752 11.20 8.61 6.35
CA GLN B 1752 9.88 8.32 5.83
C GLN B 1752 9.92 8.03 4.32
N ILE B 1753 10.73 8.80 3.58
CA ILE B 1753 10.86 8.65 2.12
C ILE B 1753 11.66 7.40 1.78
N THR B 1754 12.42 6.87 2.74
CA THR B 1754 13.26 5.71 2.45
C THR B 1754 12.40 4.46 2.34
N THR B 1755 11.20 4.50 2.88
CA THR B 1755 10.24 3.48 2.56
C THR B 1755 9.40 3.94 1.36
N SER B 1756 9.54 5.21 1.01
CA SER B 1756 8.85 5.85 -0.09
C SER B 1756 7.49 6.35 0.31
N ALA B 1757 7.14 6.13 1.57
CA ALA B 1757 5.85 6.54 2.09
C ALA B 1757 5.64 8.03 2.02
N GLY B 1758 4.66 8.45 1.26
CA GLY B 1758 4.25 9.84 1.21
C GLY B 1758 5.27 10.84 0.76
N TRP B 1759 6.11 10.46 -0.21
CA TRP B 1759 7.07 11.37 -0.81
C TRP B 1759 6.41 12.36 -1.77
N ASP B 1760 5.20 12.05 -2.23
CA ASP B 1760 4.38 12.96 -3.00
C ASP B 1760 3.88 14.15 -2.20
N GLY B 1761 3.75 14.01 -0.88
CA GLY B 1761 3.19 15.06 -0.06
C GLY B 1761 4.23 16.07 0.35
N LEU B 1762 5.48 15.63 0.47
CA LEU B 1762 6.55 16.58 0.72
C LEU B 1762 6.95 17.31 -0.57
N LEU B 1763 6.81 16.65 -1.72
CA LEU B 1763 7.14 17.26 -3.01
C LEU B 1763 6.13 18.32 -3.44
N ALA B 1764 4.87 18.20 -3.01
CA ALA B 1764 3.80 19.08 -3.48
C ALA B 1764 3.96 20.57 -3.11
N PRO B 1765 4.37 20.97 -1.86
CA PRO B 1765 4.62 22.41 -1.64
C PRO B 1765 5.90 22.95 -2.25
N ILE B 1766 6.78 22.07 -2.72
CA ILE B 1766 8.04 22.49 -3.29
C ILE B 1766 7.92 22.74 -4.79
N LEU B 1767 6.87 22.23 -5.43
CA LEU B 1767 6.60 22.55 -6.82
C LEU B 1767 5.95 23.92 -7.00
N ASN B 1768 5.65 24.62 -5.91
CA ASN B 1768 5.23 26.01 -5.99
C ASN B 1768 6.42 26.87 -6.37
N SER B 1769 6.18 27.82 -7.27
CA SER B 1769 7.24 28.70 -7.77
C SER B 1769 6.96 30.17 -7.52
N GLY B 1770 5.73 30.61 -7.73
CA GLY B 1770 5.40 32.02 -7.64
C GLY B 1770 3.98 32.23 -7.19
N PRO B 1771 3.56 33.50 -7.09
CA PRO B 1771 2.16 33.81 -6.80
C PRO B 1771 1.27 33.38 -7.95
N PRO B 1772 -0.01 33.05 -7.70
CA PRO B 1772 -0.86 33.18 -6.51
C PRO B 1772 -0.62 32.18 -5.39
N ASP B 1773 0.21 31.18 -5.66
CA ASP B 1773 0.38 30.04 -4.76
C ASP B 1773 1.17 30.41 -3.51
N CYS B 1774 2.37 30.95 -3.68
CA CYS B 1774 3.23 31.32 -2.57
C CYS B 1774 3.43 32.83 -2.52
N ASP B 1775 4.31 33.26 -1.64
CA ASP B 1775 4.59 34.68 -1.41
C ASP B 1775 6.09 34.88 -1.37
N PRO B 1776 6.72 35.50 -2.37
CA PRO B 1776 8.17 35.69 -2.33
C PRO B 1776 8.69 36.76 -1.38
N ASP B 1777 7.84 37.34 -0.53
CA ASP B 1777 8.23 38.39 0.41
C ASP B 1777 7.65 38.20 1.80
N LYS B 1778 7.77 37.02 2.40
CA LYS B 1778 7.01 36.69 3.61
C LYS B 1778 7.60 37.33 4.88
N ASP B 1779 8.85 37.80 4.78
CA ASP B 1779 9.70 38.44 5.80
C ASP B 1779 9.59 37.86 7.22
N HIS B 1780 9.90 36.57 7.34
CA HIS B 1780 9.82 35.91 8.64
C HIS B 1780 11.01 36.29 9.51
N PRO B 1781 10.78 37.19 10.45
CA PRO B 1781 11.84 37.65 11.36
C PRO B 1781 12.28 36.55 12.32
N GLY B 1782 13.54 36.63 12.76
CA GLY B 1782 14.41 37.72 12.40
C GLY B 1782 15.56 37.27 11.52
N SER B 1783 15.27 37.03 10.25
CA SER B 1783 16.29 36.58 9.30
C SER B 1783 16.25 37.40 8.02
N SER B 1784 17.37 37.44 7.30
CA SER B 1784 17.45 38.18 6.05
C SER B 1784 16.67 37.48 4.95
N VAL B 1785 16.28 36.22 5.17
CA VAL B 1785 15.69 35.42 4.11
C VAL B 1785 14.22 35.80 3.95
N LYS B 1786 13.81 36.04 2.71
CA LYS B 1786 12.46 36.49 2.38
C LYS B 1786 11.80 35.45 1.50
N GLY B 1787 10.54 35.15 1.77
CA GLY B 1787 9.76 34.34 0.85
C GLY B 1787 9.47 32.96 1.39
N ASP B 1788 8.32 32.41 0.97
CA ASP B 1788 7.97 31.04 1.30
C ASP B 1788 7.75 30.18 0.07
N CYS B 1789 8.48 30.44 -1.01
CA CYS B 1789 8.31 29.68 -2.23
C CYS B 1789 9.35 28.57 -2.31
N GLY B 1790 9.13 27.64 -3.23
CA GLY B 1790 10.04 26.53 -3.45
C GLY B 1790 10.69 26.64 -4.82
N ASN B 1791 11.69 25.79 -5.04
CA ASN B 1791 12.31 25.70 -6.34
C ASN B 1791 11.87 24.39 -6.98
N PRO B 1792 11.05 24.41 -8.03
CA PRO B 1792 10.60 23.16 -8.63
C PRO B 1792 11.68 22.37 -9.33
N SER B 1793 12.77 23.01 -9.73
CA SER B 1793 13.83 22.30 -10.44
C SER B 1793 14.73 21.54 -9.49
N VAL B 1794 15.00 22.09 -8.31
CA VAL B 1794 15.90 21.40 -7.39
C VAL B 1794 15.10 20.47 -6.50
N GLY B 1795 13.78 20.62 -6.46
CA GLY B 1795 12.97 19.72 -5.65
C GLY B 1795 12.67 18.43 -6.37
N ILE B 1796 12.42 18.50 -7.69
CA ILE B 1796 12.29 17.28 -8.48
C ILE B 1796 13.61 16.52 -8.50
N PHE B 1797 14.73 17.23 -8.58
CA PHE B 1797 16.02 16.53 -8.49
C PHE B 1797 16.28 16.02 -7.08
N PHE B 1798 15.72 16.66 -6.06
CA PHE B 1798 15.91 16.17 -4.69
C PHE B 1798 15.17 14.86 -4.48
N PHE B 1799 13.87 14.84 -4.77
CA PHE B 1799 13.03 13.71 -4.41
C PHE B 1799 13.21 12.54 -5.37
N VAL B 1800 13.27 12.79 -6.68
CA VAL B 1800 13.39 11.70 -7.64
C VAL B 1800 14.75 11.02 -7.52
N SER B 1801 15.80 11.78 -7.25
CA SER B 1801 17.11 11.16 -7.11
C SER B 1801 17.27 10.44 -5.79
N TYR B 1802 16.54 10.86 -4.75
CA TYR B 1802 16.63 10.13 -3.49
C TYR B 1802 15.81 8.85 -3.56
N ILE B 1803 14.73 8.86 -4.34
CA ILE B 1803 13.93 7.65 -4.55
C ILE B 1803 14.73 6.59 -5.31
N ILE B 1804 15.54 7.01 -6.28
CA ILE B 1804 16.30 6.05 -7.09
C ILE B 1804 17.50 5.50 -6.33
N ILE B 1805 18.19 6.35 -5.57
CA ILE B 1805 19.36 5.88 -4.81
C ILE B 1805 18.94 4.97 -3.66
N SER B 1806 17.85 5.33 -2.97
CA SER B 1806 17.39 4.49 -1.88
C SER B 1806 16.75 3.20 -2.40
N PHE B 1807 16.29 3.18 -3.65
CA PHE B 1807 15.75 1.94 -4.20
C PHE B 1807 16.85 0.93 -4.49
N LEU B 1808 18.02 1.41 -4.93
CA LEU B 1808 19.10 0.49 -5.28
C LEU B 1808 19.78 -0.06 -4.03
N VAL B 1809 19.78 0.70 -2.94
CA VAL B 1809 20.53 0.31 -1.76
C VAL B 1809 19.64 -0.50 -0.81
N VAL B 1810 18.33 -0.33 -0.91
CA VAL B 1810 17.41 -1.18 -0.15
C VAL B 1810 17.21 -2.51 -0.87
N VAL B 1811 17.30 -2.54 -2.19
CA VAL B 1811 17.10 -3.81 -2.88
C VAL B 1811 18.37 -4.66 -2.80
N ASN B 1812 19.48 -4.08 -2.34
CA ASN B 1812 20.63 -4.90 -1.98
C ASN B 1812 20.51 -5.44 -0.57
N MET B 1813 19.70 -4.77 0.26
CA MET B 1813 19.42 -5.30 1.58
C MET B 1813 18.52 -6.52 1.51
N TYR B 1814 17.56 -6.52 0.60
CA TYR B 1814 16.72 -7.70 0.41
C TYR B 1814 17.50 -8.86 -0.17
N ILE B 1815 18.48 -8.57 -1.04
CA ILE B 1815 19.25 -9.65 -1.66
C ILE B 1815 20.26 -10.23 -0.69
N ALA B 1816 20.86 -9.39 0.17
CA ALA B 1816 21.83 -9.89 1.13
C ALA B 1816 21.19 -10.76 2.21
N VAL B 1817 19.92 -10.54 2.53
CA VAL B 1817 19.26 -11.29 3.58
C VAL B 1817 18.65 -12.58 3.04
N ILE B 1818 17.92 -12.49 1.93
CA ILE B 1818 17.25 -13.65 1.37
C ILE B 1818 18.25 -14.68 0.84
N LEU B 1819 19.44 -14.25 0.46
CA LEU B 1819 20.46 -15.23 0.12
C LEU B 1819 21.13 -15.85 1.35
N GLU B 1820 21.01 -15.25 2.54
CA GLU B 1820 21.45 -15.94 3.76
C GLU B 1820 20.49 -17.06 4.11
N ASN B 1821 19.20 -16.90 3.81
CA ASN B 1821 18.22 -17.94 4.07
C ASN B 1821 18.40 -19.14 3.17
N PHE B 1822 19.01 -18.96 2.00
CA PHE B 1822 19.32 -20.12 1.18
C PHE B 1822 20.55 -20.86 1.69
N SER B 1823 21.39 -20.21 2.50
CA SER B 1823 22.64 -20.82 2.91
C SER B 1823 22.50 -21.71 4.13
N VAL B 1824 21.46 -21.52 4.95
CA VAL B 1824 21.26 -22.45 6.06
C VAL B 1824 20.36 -23.62 5.70
N ALA B 1825 19.46 -23.44 4.72
CA ALA B 1825 18.66 -24.56 4.26
C ALA B 1825 19.47 -25.50 3.37
N THR B 1826 20.54 -25.00 2.76
CA THR B 1826 21.39 -25.82 1.90
C THR B 1826 22.18 -26.82 2.73
N GLU B 1827 22.86 -26.35 3.78
CA GLU B 1827 23.73 -27.21 4.56
C GLU B 1827 22.94 -28.16 5.45
N GLU B 1828 21.71 -27.80 5.81
CA GLU B 1828 20.84 -28.70 6.56
C GLU B 1828 20.16 -29.71 5.65
N CYS C 1 -19.91 22.03 0.70
CA CYS C 1 -18.83 21.11 0.41
C CYS C 1 -17.92 20.98 1.62
N CYS C 2 -16.65 20.69 1.36
CA CYS C 2 -15.60 20.74 2.37
C CYS C 2 -14.29 21.10 1.70
N ASN C 3 -13.23 21.23 2.49
CA ASN C 3 -11.95 21.63 1.95
C ASN C 3 -11.25 20.49 1.25
N CYS C 4 -10.93 20.71 -0.02
CA CYS C 4 -10.27 19.72 -0.86
C CYS C 4 -8.83 19.47 -0.46
N SER C 5 -8.32 20.21 0.51
CA SER C 5 -6.98 19.97 0.98
C SER C 5 -6.83 18.81 1.95
N SER C 6 -7.93 18.15 2.26
CA SER C 6 -7.90 16.95 3.08
C SER C 6 -8.07 15.72 2.21
N LYS C 7 -7.43 14.63 2.61
CA LYS C 7 -7.39 13.41 1.79
C LYS C 7 -8.75 12.73 1.74
N TRP C 8 -9.59 13.05 2.72
CA TRP C 8 -10.92 12.48 2.82
C TRP C 8 -11.90 13.21 1.90
N CYS C 9 -11.91 14.53 1.90
CA CYS C 9 -12.80 15.25 0.99
C CYS C 9 -12.44 14.96 -0.46
N ARG C 10 -11.19 14.59 -0.69
N ARG C 10 -11.39 14.37 -1.00
CA ARG C 10 -10.90 14.03 -2.01
CA ARG C 10 -11.37 14.08 -2.41
C ARG C 10 -11.61 12.75 -2.61
C ARG C 10 -11.69 12.63 -2.65
N ASP C 11 -11.41 11.83 -1.65
CA ASP C 11 -11.90 10.49 -1.91
C ASP C 11 -13.39 10.38 -1.73
N HIS C 12 -13.98 11.22 -0.89
CA HIS C 12 -15.38 10.99 -0.57
C HIS C 12 -16.32 12.12 -0.92
N SER C 13 -15.86 13.15 -1.62
CA SER C 13 -16.76 14.19 -2.07
C SER C 13 -16.68 14.33 -3.57
N ARG C 14 -17.66 15.02 -4.14
CA ARG C 14 -17.67 15.29 -5.56
C ARG C 14 -17.20 16.71 -5.84
N CYS C 15 -17.21 17.56 -4.83
CA CYS C 15 -16.82 18.95 -5.04
C CYS C 15 -15.37 19.04 -5.50
N CYS C 16 -14.55 18.09 -5.07
CA CYS C 16 -13.13 18.13 -5.34
C CYS C 16 -12.81 17.49 -6.69
C1 NAG D . -2.58 18.05 30.13
C2 NAG D . -3.51 16.96 30.62
C3 NAG D . -4.79 17.55 31.17
C4 NAG D . -4.51 18.64 32.21
C5 NAG D . -3.46 19.63 31.70
C6 NAG D . -2.96 20.56 32.77
C7 NAG D . -3.11 14.90 29.34
C8 NAG D . -3.57 14.06 28.20
N2 NAG D . -3.80 16.02 29.55
O3 NAG D . -5.54 16.49 31.77
O4 NAG D . -5.68 19.43 32.41
O5 NAG D . -2.31 18.94 31.19
O6 NAG D . -2.00 19.94 33.59
O7 NAG D . -2.16 14.58 30.05
C1 NAG D . -6.60 19.06 33.44
C2 NAG D . -7.36 20.36 33.79
C3 NAG D . -8.63 20.09 34.60
C4 NAG D . -9.46 19.00 33.94
C5 NAG D . -8.60 17.76 33.88
C6 NAG D . -9.29 16.55 33.31
C7 NAG D . -6.07 22.43 34.01
C8 NAG D . -5.16 23.24 34.89
N2 NAG D . -6.49 21.27 34.51
O3 NAG D . -9.38 21.30 34.66
O4 NAG D . -10.77 18.77 34.50
O5 NAG D . -7.51 18.05 33.02
O6 NAG D . -8.39 15.78 32.53
O7 NAG D . -6.40 22.83 32.90
C1 BMA D . -10.98 18.77 35.92
C2 BMA D . -11.99 19.94 36.20
C3 BMA D . -13.44 19.57 35.90
C4 BMA D . -13.75 18.06 35.87
C5 BMA D . -12.81 17.30 36.84
C6 BMA D . -13.13 15.81 36.95
O2 BMA D . -11.74 21.01 35.34
O3 BMA D . -13.84 20.17 34.68
O4 BMA D . -15.08 17.84 36.24
O5 BMA D . -11.42 17.47 36.41
O6 BMA D . -14.44 15.63 37.46
C1 NAG E . -18.37 27.23 -23.67
C2 NAG E . -18.35 27.38 -25.19
C3 NAG E . -19.57 28.16 -25.66
C4 NAG E . -20.86 27.56 -25.12
C5 NAG E . -20.79 27.43 -23.60
C6 NAG E . -21.96 26.68 -23.02
C7 NAG E . -16.50 27.70 -26.76
C8 NAG E . -15.26 28.49 -27.08
N2 NAG E . -17.13 28.03 -25.64
O3 NAG E . -19.63 28.16 -27.08
O4 NAG E . -21.93 28.43 -25.51
O5 NAG E . -19.62 26.66 -23.26
O6 NAG E . -21.83 25.29 -23.25
O7 NAG E . -16.90 26.81 -27.49
C1 NAG E . -23.07 27.95 -26.27
C2 NAG E . -23.05 26.50 -26.82
C3 NAG E . -24.44 26.10 -27.32
C4 NAG E . -25.48 26.29 -26.22
C5 NAG E . -25.46 27.74 -25.79
C6 NAG E . -26.40 28.04 -24.64
C7 NAG E . -21.25 25.29 -27.99
C8 NAG E . -20.31 25.30 -29.15
N2 NAG E . -22.08 26.35 -27.89
O3 NAG E . -24.42 24.74 -27.76
O4 NAG E . -26.76 25.94 -26.71
O5 NAG E . -24.14 28.09 -25.31
O6 NAG E . -25.71 28.51 -23.50
O7 NAG E . -21.27 24.38 -27.17
C1 NAG F . -16.98 31.24 -3.41
C2 NAG F . -18.30 31.75 -4.03
C3 NAG F . -19.07 32.61 -3.02
C4 NAG F . -19.31 31.82 -1.75
C5 NAG F . -17.96 31.44 -1.15
C6 NAG F . -18.08 30.60 0.09
C7 NAG F . -18.08 31.95 -6.46
C8 NAG F . -17.80 32.86 -7.61
N2 NAG F . -18.05 32.51 -5.25
O3 NAG F . -20.30 32.99 -3.62
O4 NAG F . -20.19 32.44 -0.83
O5 NAG F . -17.24 30.65 -2.10
O6 NAG F . -19.20 29.72 0.00
O7 NAG F . -18.32 30.76 -6.61
C1 NAG F . -19.86 33.78 -0.40
C2 NAG F . -21.18 34.54 -0.19
C3 NAG F . -20.89 35.95 0.35
C4 NAG F . -19.95 35.90 1.56
C5 NAG F . -18.72 35.06 1.25
C6 NAG F . -17.82 34.84 2.45
C7 NAG F . -23.26 34.72 -1.48
C8 NAG F . -23.86 34.78 -2.85
N2 NAG F . -21.93 34.62 -1.43
O3 NAG F . -22.11 36.57 0.73
O4 NAG F . -19.54 37.22 1.90
O5 NAG F . -19.13 33.75 0.82
O6 NAG F . -18.36 33.84 3.31
O7 NAG F . -23.95 34.77 -0.47
C1 NAG G . -14.08 44.75 -11.79
C2 NAG G . -15.23 45.63 -12.32
C3 NAG G . -14.70 46.97 -12.81
C4 NAG G . -13.90 47.66 -11.71
C5 NAG G . -12.77 46.75 -11.25
C6 NAG G . -11.99 47.32 -10.09
C7 NAG G . -16.98 44.11 -13.16
C8 NAG G . -17.63 43.55 -14.39
N2 NAG G . -15.97 44.95 -13.38
O3 NAG G . -15.81 47.78 -13.19
O4 NAG G . -13.36 48.88 -12.20
O5 NAG G . -13.31 45.50 -10.80
O6 NAG G . -11.06 48.31 -10.51
O7 NAG G . -17.35 43.82 -12.03
C01 9Z9 H . 11.73 -10.20 -2.72
C02 9Z9 H . 12.23 -9.84 -4.13
C03 9Z9 H . 12.05 -8.34 -4.46
C04 9Z9 H . 13.34 -7.69 -3.95
C05 9Z9 H . 14.29 -8.79 -3.49
C06 9Z9 H . 13.76 -9.96 -4.31
C07 9Z9 H . 14.34 -11.36 -4.07
C08 9Z9 H . 13.62 -12.36 -4.99
C09 9Z9 H . 12.09 -12.23 -4.89
C10 9Z9 H . 11.59 -10.79 -5.15
C11 9Z9 H . 14.14 -13.81 -4.76
C12 9Z9 H . 13.57 -14.38 -3.45
C13 9Z9 H . 15.65 -13.84 -4.69
C14 9Z9 H . 16.39 -12.75 -4.43
C15 9Z9 H . 15.84 -11.36 -4.38
C16 9Z9 H . 16.31 -15.20 -4.79
C17 9Z9 H . 15.84 -15.94 -6.03
C18 9Z9 H . 14.32 -16.08 -5.99
C19 9Z9 H . 13.68 -14.68 -5.95
O20 9Z9 H . 16.47 -17.19 -6.07
C21 9Z9 H . 17.74 -17.17 -6.65
C22 9Z9 H . 18.77 -17.66 -5.64
C23 9Z9 H . 19.84 -18.58 -6.26
C24 9Z9 H . 20.17 -18.21 -7.71
O25 9Z9 H . 19.98 -19.34 -8.53
C26 9Z9 H . 19.20 -19.08 -9.67
C48 9Z9 H . 21.11 -18.56 -5.40
O49 9Z9 H . 21.28 -19.84 -4.86
C50 9Z9 H . 22.32 -19.95 -3.91
O72 9Z9 H . 12.97 -6.83 -2.93
C73 9Z9 H . 11.72 -6.30 -3.27
C74 9Z9 H . 10.95 -7.52 -3.77
C75 9Z9 H . 9.73 -7.25 -4.66
C76 9Z9 H . 11.10 -5.69 -2.01
C77 9Z9 H . 11.40 -4.19 -1.95
C78 9Z9 H . 10.96 -3.45 -3.24
C79 9Z9 H . 11.14 -4.29 -4.49
O80 9Z9 H . 12.01 -5.37 -4.30
C81 9Z9 H . 11.68 -2.11 -3.39
NA NA I . -4.03 3.24 1.69
#